data_4YEQ
# 
_entry.id   4YEQ 
# 
_audit_conform.dict_name       mmcif_pdbx.dic 
_audit_conform.dict_version    5.383 
_audit_conform.dict_location   http://mmcif.pdb.org/dictionaries/ascii/mmcif_pdbx.dic 
# 
loop_
_database_2.database_id 
_database_2.database_code 
_database_2.pdbx_database_accession 
_database_2.pdbx_DOI 
PDB   4YEQ         pdb_00004yeq 10.2210/pdb4yeq/pdb 
WWPDB D_1000207326 ?            ?                   
# 
loop_
_pdbx_audit_revision_history.ordinal 
_pdbx_audit_revision_history.data_content_type 
_pdbx_audit_revision_history.major_revision 
_pdbx_audit_revision_history.minor_revision 
_pdbx_audit_revision_history.revision_date 
1 'Structure model' 1 0 2015-05-27 
2 'Structure model' 1 1 2015-07-22 
3 'Structure model' 1 2 2024-01-10 
# 
_pdbx_audit_revision_details.ordinal             1 
_pdbx_audit_revision_details.revision_ordinal    1 
_pdbx_audit_revision_details.data_content_type   'Structure model' 
_pdbx_audit_revision_details.provider            repository 
_pdbx_audit_revision_details.type                'Initial release' 
_pdbx_audit_revision_details.description         ? 
_pdbx_audit_revision_details.details             ? 
# 
loop_
_pdbx_audit_revision_group.ordinal 
_pdbx_audit_revision_group.revision_ordinal 
_pdbx_audit_revision_group.data_content_type 
_pdbx_audit_revision_group.group 
1 2 'Structure model' 'Database references'    
2 3 'Structure model' 'Data collection'        
3 3 'Structure model' 'Database references'    
4 3 'Structure model' 'Refinement description' 
# 
loop_
_pdbx_audit_revision_category.ordinal 
_pdbx_audit_revision_category.revision_ordinal 
_pdbx_audit_revision_category.data_content_type 
_pdbx_audit_revision_category.category 
1 3 'Structure model' chem_comp_atom                
2 3 'Structure model' chem_comp_bond                
3 3 'Structure model' database_2                    
4 3 'Structure model' pdbx_initial_refinement_model 
# 
loop_
_pdbx_audit_revision_item.ordinal 
_pdbx_audit_revision_item.revision_ordinal 
_pdbx_audit_revision_item.data_content_type 
_pdbx_audit_revision_item.item 
1 3 'Structure model' '_database_2.pdbx_DOI'                
2 3 'Structure model' '_database_2.pdbx_database_accession' 
# 
_pdbx_database_status.status_code                     REL 
_pdbx_database_status.status_code_sf                  REL 
_pdbx_database_status.status_code_mr                  ? 
_pdbx_database_status.entry_id                        4YEQ 
_pdbx_database_status.recvd_initial_deposition_date   2015-02-24 
_pdbx_database_status.SG_entry                        N 
_pdbx_database_status.deposit_site                    RCSB 
_pdbx_database_status.process_site                    PDBE 
_pdbx_database_status.status_code_cs                  ? 
_pdbx_database_status.methods_development_category    ? 
_pdbx_database_status.pdb_format_compatible           Y 
_pdbx_database_status.status_code_nmr_data            ? 
# 
_pdbx_database_related.db_name        PDB 
_pdbx_database_related.details        
'4YEP corresponds to the same L4b domain lacking some terminal amino acids present in this entry.' 
_pdbx_database_related.db_id          4YEP 
_pdbx_database_related.content_type   unspecified 
# 
loop_
_audit_author.name 
_audit_author.pdbx_ordinal 
'Toot, M.' 1 
'Gat, Y.'  2 
'Fass, D.' 3 
# 
_citation.abstract                  ? 
_citation.abstract_id_CAS           ? 
_citation.book_id_ISBN              ? 
_citation.book_publisher            ? 
_citation.book_publisher_city       ? 
_citation.book_title                ? 
_citation.coordinate_linkage        ? 
_citation.country                   UK 
_citation.database_id_Medline       ? 
_citation.details                   ? 
_citation.id                        primary 
_citation.journal_abbrev            'Febs J.' 
_citation.journal_id_ASTM           ? 
_citation.journal_id_CSD            ? 
_citation.journal_id_ISSN           1742-464X 
_citation.journal_full              ? 
_citation.journal_issue             ? 
_citation.journal_volume            282 
_citation.language                  ? 
_citation.page_first                2746 
_citation.page_last                 2757 
_citation.title                     
'Laminin L4 domain structure resembles adhesion modules in ephrin receptor and other transmembrane glycoproteins.' 
_citation.year                      2015 
_citation.database_id_CSD           ? 
_citation.pdbx_database_id_DOI      10.1111/febs.13319 
_citation.pdbx_database_id_PubMed   25962468 
_citation.unpublished_flag          ? 
# 
loop_
_citation_author.citation_id 
_citation_author.name 
_citation_author.ordinal 
_citation_author.identifier_ORCID 
primary 'Moran, T.' 1 ? 
primary 'Gat, Y.'   2 ? 
primary 'Fass, D.'  3 ? 
# 
loop_
_entity.id 
_entity.type 
_entity.src_method 
_entity.pdbx_description 
_entity.formula_weight 
_entity.pdbx_number_of_molecules 
_entity.pdbx_ec 
_entity.pdbx_mutation 
_entity.pdbx_fragment 
_entity.details 
1 polymer man 'Laminin subunit alpha-2' 23654.203 1  ? ? 'L4b Domain, UNP residues 1177-1379' ? 
2 water   nat water                     18.015    15 ? ? ?                                    ? 
# 
_entity_name_com.entity_id   1 
_entity_name_com.name        
'Laminin M chain,Laminin-12 subunit alpha,Laminin-2 subunit alpha,Laminin-4 subunit alpha,Merosin heavy chain' 
# 
_entity_poly.entity_id                      1 
_entity_poly.type                           'polypeptide(L)' 
_entity_poly.nstd_linkage                   no 
_entity_poly.nstd_monomer                   no 
_entity_poly.pdbx_seq_one_letter_code       
;EAKGLIRTWVTLKAEQTILPLVDEALQHTTTKGIVFQHPEIVAHMDLMREDLHLEPFYWKLPEQFEGKKLMAYGGKLKYA
IYFEAREETGFSTYNPQVIIRGGTPTHARIIVRHMAAPLIGQLTRHEIEMTEKEWKYYGDDPRVHRTVTREDFLDILYDI
HYILIKATYGNFMRQSRISEISMEVAEQGRGTTMTPPADLIEK
;
_entity_poly.pdbx_seq_one_letter_code_can   
;EAKGLIRTWVTLKAEQTILPLVDEALQHTTTKGIVFQHPEIVAHMDLMREDLHLEPFYWKLPEQFEGKKLMAYGGKLKYA
IYFEAREETGFSTYNPQVIIRGGTPTHARIIVRHMAAPLIGQLTRHEIEMTEKEWKYYGDDPRVHRTVTREDFLDILYDI
HYILIKATYGNFMRQSRISEISMEVAEQGRGTTMTPPADLIEK
;
_entity_poly.pdbx_strand_id                 U 
_entity_poly.pdbx_target_identifier         ? 
# 
_pdbx_entity_nonpoly.entity_id   2 
_pdbx_entity_nonpoly.name        water 
_pdbx_entity_nonpoly.comp_id     HOH 
# 
loop_
_entity_poly_seq.entity_id 
_entity_poly_seq.num 
_entity_poly_seq.mon_id 
_entity_poly_seq.hetero 
1 1   GLU n 
1 2   ALA n 
1 3   LYS n 
1 4   GLY n 
1 5   LEU n 
1 6   ILE n 
1 7   ARG n 
1 8   THR n 
1 9   TRP n 
1 10  VAL n 
1 11  THR n 
1 12  LEU n 
1 13  LYS n 
1 14  ALA n 
1 15  GLU n 
1 16  GLN n 
1 17  THR n 
1 18  ILE n 
1 19  LEU n 
1 20  PRO n 
1 21  LEU n 
1 22  VAL n 
1 23  ASP n 
1 24  GLU n 
1 25  ALA n 
1 26  LEU n 
1 27  GLN n 
1 28  HIS n 
1 29  THR n 
1 30  THR n 
1 31  THR n 
1 32  LYS n 
1 33  GLY n 
1 34  ILE n 
1 35  VAL n 
1 36  PHE n 
1 37  GLN n 
1 38  HIS n 
1 39  PRO n 
1 40  GLU n 
1 41  ILE n 
1 42  VAL n 
1 43  ALA n 
1 44  HIS n 
1 45  MET n 
1 46  ASP n 
1 47  LEU n 
1 48  MET n 
1 49  ARG n 
1 50  GLU n 
1 51  ASP n 
1 52  LEU n 
1 53  HIS n 
1 54  LEU n 
1 55  GLU n 
1 56  PRO n 
1 57  PHE n 
1 58  TYR n 
1 59  TRP n 
1 60  LYS n 
1 61  LEU n 
1 62  PRO n 
1 63  GLU n 
1 64  GLN n 
1 65  PHE n 
1 66  GLU n 
1 67  GLY n 
1 68  LYS n 
1 69  LYS n 
1 70  LEU n 
1 71  MET n 
1 72  ALA n 
1 73  TYR n 
1 74  GLY n 
1 75  GLY n 
1 76  LYS n 
1 77  LEU n 
1 78  LYS n 
1 79  TYR n 
1 80  ALA n 
1 81  ILE n 
1 82  TYR n 
1 83  PHE n 
1 84  GLU n 
1 85  ALA n 
1 86  ARG n 
1 87  GLU n 
1 88  GLU n 
1 89  THR n 
1 90  GLY n 
1 91  PHE n 
1 92  SER n 
1 93  THR n 
1 94  TYR n 
1 95  ASN n 
1 96  PRO n 
1 97  GLN n 
1 98  VAL n 
1 99  ILE n 
1 100 ILE n 
1 101 ARG n 
1 102 GLY n 
1 103 GLY n 
1 104 THR n 
1 105 PRO n 
1 106 THR n 
1 107 HIS n 
1 108 ALA n 
1 109 ARG n 
1 110 ILE n 
1 111 ILE n 
1 112 VAL n 
1 113 ARG n 
1 114 HIS n 
1 115 MET n 
1 116 ALA n 
1 117 ALA n 
1 118 PRO n 
1 119 LEU n 
1 120 ILE n 
1 121 GLY n 
1 122 GLN n 
1 123 LEU n 
1 124 THR n 
1 125 ARG n 
1 126 HIS n 
1 127 GLU n 
1 128 ILE n 
1 129 GLU n 
1 130 MET n 
1 131 THR n 
1 132 GLU n 
1 133 LYS n 
1 134 GLU n 
1 135 TRP n 
1 136 LYS n 
1 137 TYR n 
1 138 TYR n 
1 139 GLY n 
1 140 ASP n 
1 141 ASP n 
1 142 PRO n 
1 143 ARG n 
1 144 VAL n 
1 145 HIS n 
1 146 ARG n 
1 147 THR n 
1 148 VAL n 
1 149 THR n 
1 150 ARG n 
1 151 GLU n 
1 152 ASP n 
1 153 PHE n 
1 154 LEU n 
1 155 ASP n 
1 156 ILE n 
1 157 LEU n 
1 158 TYR n 
1 159 ASP n 
1 160 ILE n 
1 161 HIS n 
1 162 TYR n 
1 163 ILE n 
1 164 LEU n 
1 165 ILE n 
1 166 LYS n 
1 167 ALA n 
1 168 THR n 
1 169 TYR n 
1 170 GLY n 
1 171 ASN n 
1 172 PHE n 
1 173 MET n 
1 174 ARG n 
1 175 GLN n 
1 176 SER n 
1 177 ARG n 
1 178 ILE n 
1 179 SER n 
1 180 GLU n 
1 181 ILE n 
1 182 SER n 
1 183 MET n 
1 184 GLU n 
1 185 VAL n 
1 186 ALA n 
1 187 GLU n 
1 188 GLN n 
1 189 GLY n 
1 190 ARG n 
1 191 GLY n 
1 192 THR n 
1 193 THR n 
1 194 MET n 
1 195 THR n 
1 196 PRO n 
1 197 PRO n 
1 198 ALA n 
1 199 ASP n 
1 200 LEU n 
1 201 ILE n 
1 202 GLU n 
1 203 LYS n 
# 
_entity_src_gen.entity_id                          1 
_entity_src_gen.pdbx_src_id                        1 
_entity_src_gen.pdbx_alt_source_flag               sample 
_entity_src_gen.pdbx_seq_type                      'Biological sequence' 
_entity_src_gen.pdbx_beg_seq_num                   1 
_entity_src_gen.pdbx_end_seq_num                   203 
_entity_src_gen.gene_src_common_name               Human 
_entity_src_gen.gene_src_genus                     ? 
_entity_src_gen.pdbx_gene_src_gene                 'LAMA2, LAMM' 
_entity_src_gen.gene_src_species                   ? 
_entity_src_gen.gene_src_strain                    ? 
_entity_src_gen.gene_src_tissue                    ? 
_entity_src_gen.gene_src_tissue_fraction           ? 
_entity_src_gen.gene_src_details                   ? 
_entity_src_gen.pdbx_gene_src_fragment             ? 
_entity_src_gen.pdbx_gene_src_scientific_name      'Homo sapiens' 
_entity_src_gen.pdbx_gene_src_ncbi_taxonomy_id     9606 
_entity_src_gen.pdbx_gene_src_variant              ? 
_entity_src_gen.pdbx_gene_src_cell_line            ? 
_entity_src_gen.pdbx_gene_src_atcc                 ? 
_entity_src_gen.pdbx_gene_src_organ                ? 
_entity_src_gen.pdbx_gene_src_organelle            ? 
_entity_src_gen.pdbx_gene_src_cell                 ? 
_entity_src_gen.pdbx_gene_src_cellular_location    ? 
_entity_src_gen.host_org_common_name               ? 
_entity_src_gen.pdbx_host_org_scientific_name      'Escherichia coli BL21(DE3)' 
_entity_src_gen.pdbx_host_org_ncbi_taxonomy_id     469008 
_entity_src_gen.host_org_genus                     ? 
_entity_src_gen.pdbx_host_org_gene                 ? 
_entity_src_gen.pdbx_host_org_organ                ? 
_entity_src_gen.host_org_species                   ? 
_entity_src_gen.pdbx_host_org_tissue               ? 
_entity_src_gen.pdbx_host_org_tissue_fraction      ? 
_entity_src_gen.pdbx_host_org_strain               ? 
_entity_src_gen.pdbx_host_org_variant              ? 
_entity_src_gen.pdbx_host_org_cell_line            ? 
_entity_src_gen.pdbx_host_org_atcc                 ? 
_entity_src_gen.pdbx_host_org_culture_collection   ? 
_entity_src_gen.pdbx_host_org_cell                 ? 
_entity_src_gen.pdbx_host_org_organelle            ? 
_entity_src_gen.pdbx_host_org_cellular_location    ? 
_entity_src_gen.pdbx_host_org_vector_type          ? 
_entity_src_gen.pdbx_host_org_vector               ? 
_entity_src_gen.host_org_details                   ? 
_entity_src_gen.expression_system_id               ? 
_entity_src_gen.plasmid_name                       pMal-c2 
_entity_src_gen.plasmid_details                    ? 
_entity_src_gen.pdbx_description                   ? 
# 
loop_
_chem_comp.id 
_chem_comp.type 
_chem_comp.mon_nstd_flag 
_chem_comp.name 
_chem_comp.pdbx_synonyms 
_chem_comp.formula 
_chem_comp.formula_weight 
ALA 'L-peptide linking' y ALANINE         ? 'C3 H7 N O2'     89.093  
ARG 'L-peptide linking' y ARGININE        ? 'C6 H15 N4 O2 1' 175.209 
ASN 'L-peptide linking' y ASPARAGINE      ? 'C4 H8 N2 O3'    132.118 
ASP 'L-peptide linking' y 'ASPARTIC ACID' ? 'C4 H7 N O4'     133.103 
GLN 'L-peptide linking' y GLUTAMINE       ? 'C5 H10 N2 O3'   146.144 
GLU 'L-peptide linking' y 'GLUTAMIC ACID' ? 'C5 H9 N O4'     147.129 
GLY 'peptide linking'   y GLYCINE         ? 'C2 H5 N O2'     75.067  
HIS 'L-peptide linking' y HISTIDINE       ? 'C6 H10 N3 O2 1' 156.162 
HOH non-polymer         . WATER           ? 'H2 O'           18.015  
ILE 'L-peptide linking' y ISOLEUCINE      ? 'C6 H13 N O2'    131.173 
LEU 'L-peptide linking' y LEUCINE         ? 'C6 H13 N O2'    131.173 
LYS 'L-peptide linking' y LYSINE          ? 'C6 H15 N2 O2 1' 147.195 
MET 'L-peptide linking' y METHIONINE      ? 'C5 H11 N O2 S'  149.211 
PHE 'L-peptide linking' y PHENYLALANINE   ? 'C9 H11 N O2'    165.189 
PRO 'L-peptide linking' y PROLINE         ? 'C5 H9 N O2'     115.130 
SER 'L-peptide linking' y SERINE          ? 'C3 H7 N O3'     105.093 
THR 'L-peptide linking' y THREONINE       ? 'C4 H9 N O3'     119.119 
TRP 'L-peptide linking' y TRYPTOPHAN      ? 'C11 H12 N2 O2'  204.225 
TYR 'L-peptide linking' y TYROSINE        ? 'C9 H11 N O3'    181.189 
VAL 'L-peptide linking' y VALINE          ? 'C5 H11 N O2'    117.146 
# 
loop_
_pdbx_poly_seq_scheme.asym_id 
_pdbx_poly_seq_scheme.entity_id 
_pdbx_poly_seq_scheme.seq_id 
_pdbx_poly_seq_scheme.mon_id 
_pdbx_poly_seq_scheme.ndb_seq_num 
_pdbx_poly_seq_scheme.pdb_seq_num 
_pdbx_poly_seq_scheme.auth_seq_num 
_pdbx_poly_seq_scheme.pdb_mon_id 
_pdbx_poly_seq_scheme.auth_mon_id 
_pdbx_poly_seq_scheme.pdb_strand_id 
_pdbx_poly_seq_scheme.pdb_ins_code 
_pdbx_poly_seq_scheme.hetero 
A 1 1   GLU 1   2   ?   ?   ?   U . n 
A 1 2   ALA 2   3   ?   ?   ?   U . n 
A 1 3   LYS 3   4   ?   ?   ?   U . n 
A 1 4   GLY 4   5   5   GLY GLY U . n 
A 1 5   LEU 5   6   6   LEU LEU U . n 
A 1 6   ILE 6   7   7   ILE ILE U . n 
A 1 7   ARG 7   8   8   ARG ARG U . n 
A 1 8   THR 8   9   9   THR THR U . n 
A 1 9   TRP 9   10  10  TRP TRP U . n 
A 1 10  VAL 10  11  11  VAL VAL U . n 
A 1 11  THR 11  12  12  THR THR U . n 
A 1 12  LEU 12  13  13  LEU LEU U . n 
A 1 13  LYS 13  14  14  LYS LYS U . n 
A 1 14  ALA 14  15  15  ALA ALA U . n 
A 1 15  GLU 15  16  16  GLU GLU U . n 
A 1 16  GLN 16  17  17  GLN GLN U . n 
A 1 17  THR 17  18  18  THR THR U . n 
A 1 18  ILE 18  19  19  ILE ILE U . n 
A 1 19  LEU 19  20  20  LEU LEU U . n 
A 1 20  PRO 20  21  21  PRO PRO U . n 
A 1 21  LEU 21  22  22  LEU LEU U . n 
A 1 22  VAL 22  23  23  VAL VAL U . n 
A 1 23  ASP 23  24  24  ASP ASP U . n 
A 1 24  GLU 24  25  25  GLU GLU U . n 
A 1 25  ALA 25  26  26  ALA ALA U . n 
A 1 26  LEU 26  27  27  LEU LEU U . n 
A 1 27  GLN 27  28  28  GLN GLN U . n 
A 1 28  HIS 28  29  29  HIS HIS U . n 
A 1 29  THR 29  30  30  THR THR U . n 
A 1 30  THR 30  31  31  THR THR U . n 
A 1 31  THR 31  32  32  THR THR U . n 
A 1 32  LYS 32  33  33  LYS LYS U . n 
A 1 33  GLY 33  34  34  GLY GLY U . n 
A 1 34  ILE 34  35  35  ILE ILE U . n 
A 1 35  VAL 35  36  36  VAL VAL U . n 
A 1 36  PHE 36  37  37  PHE PHE U . n 
A 1 37  GLN 37  38  38  GLN GLN U . n 
A 1 38  HIS 38  39  39  HIS HIS U . n 
A 1 39  PRO 39  40  40  PRO PRO U . n 
A 1 40  GLU 40  41  41  GLU GLU U . n 
A 1 41  ILE 41  42  42  ILE ILE U . n 
A 1 42  VAL 42  43  43  VAL VAL U . n 
A 1 43  ALA 43  44  44  ALA ALA U . n 
A 1 44  HIS 44  45  45  HIS HIS U . n 
A 1 45  MET 45  46  46  MET MET U . n 
A 1 46  ASP 46  47  47  ASP ASP U . n 
A 1 47  LEU 47  48  48  LEU LEU U . n 
A 1 48  MET 48  49  49  MET MET U . n 
A 1 49  ARG 49  50  50  ARG ARG U . n 
A 1 50  GLU 50  51  51  GLU GLU U . n 
A 1 51  ASP 51  52  52  ASP ASP U . n 
A 1 52  LEU 52  53  53  LEU LEU U . n 
A 1 53  HIS 53  54  54  HIS HIS U . n 
A 1 54  LEU 54  55  55  LEU LEU U . n 
A 1 55  GLU 55  56  56  GLU GLU U . n 
A 1 56  PRO 56  57  57  PRO PRO U . n 
A 1 57  PHE 57  58  58  PHE PHE U . n 
A 1 58  TYR 58  59  59  TYR TYR U . n 
A 1 59  TRP 59  60  60  TRP TRP U . n 
A 1 60  LYS 60  61  61  LYS LYS U . n 
A 1 61  LEU 61  62  62  LEU LEU U . n 
A 1 62  PRO 62  63  63  PRO PRO U . n 
A 1 63  GLU 63  64  64  GLU GLU U . n 
A 1 64  GLN 64  65  65  GLN GLN U . n 
A 1 65  PHE 65  66  66  PHE PHE U . n 
A 1 66  GLU 66  67  67  GLU GLU U . n 
A 1 67  GLY 67  68  68  GLY GLY U . n 
A 1 68  LYS 68  69  69  LYS LYS U . n 
A 1 69  LYS 69  70  70  LYS LYS U . n 
A 1 70  LEU 70  71  71  LEU LEU U . n 
A 1 71  MET 71  72  72  MET MET U . n 
A 1 72  ALA 72  73  73  ALA ALA U . n 
A 1 73  TYR 73  74  74  TYR TYR U . n 
A 1 74  GLY 74  75  75  GLY GLY U . n 
A 1 75  GLY 75  76  76  GLY GLY U . n 
A 1 76  LYS 76  77  77  LYS LYS U . n 
A 1 77  LEU 77  78  78  LEU LEU U . n 
A 1 78  LYS 78  79  79  LYS LYS U . n 
A 1 79  TYR 79  80  80  TYR TYR U . n 
A 1 80  ALA 80  81  81  ALA ALA U . n 
A 1 81  ILE 81  82  82  ILE ILE U . n 
A 1 82  TYR 82  83  83  TYR TYR U . n 
A 1 83  PHE 83  84  84  PHE PHE U . n 
A 1 84  GLU 84  85  85  GLU GLU U . n 
A 1 85  ALA 85  86  86  ALA ALA U . n 
A 1 86  ARG 86  87  87  ARG ARG U . n 
A 1 87  GLU 87  88  88  GLU GLU U . n 
A 1 88  GLU 88  89  89  GLU GLU U . n 
A 1 89  THR 89  90  90  THR THR U . n 
A 1 90  GLY 90  91  ?   ?   ?   U . n 
A 1 91  PHE 91  92  ?   ?   ?   U . n 
A 1 92  SER 92  93  ?   ?   ?   U . n 
A 1 93  THR 93  94  ?   ?   ?   U . n 
A 1 94  TYR 94  95  95  TYR TYR U . n 
A 1 95  ASN 95  96  96  ASN ASN U . n 
A 1 96  PRO 96  97  97  PRO PRO U . n 
A 1 97  GLN 97  98  98  GLN GLN U . n 
A 1 98  VAL 98  99  99  VAL VAL U . n 
A 1 99  ILE 99  100 100 ILE ILE U . n 
A 1 100 ILE 100 101 101 ILE ILE U . n 
A 1 101 ARG 101 102 102 ARG ARG U . n 
A 1 102 GLY 102 103 103 GLY GLY U . n 
A 1 103 GLY 103 104 104 GLY GLY U . n 
A 1 104 THR 104 105 105 THR THR U . n 
A 1 105 PRO 105 106 106 PRO PRO U . n 
A 1 106 THR 106 107 107 THR THR U . n 
A 1 107 HIS 107 108 108 HIS HIS U . n 
A 1 108 ALA 108 109 109 ALA ALA U . n 
A 1 109 ARG 109 110 110 ARG ARG U . n 
A 1 110 ILE 110 111 111 ILE ILE U . n 
A 1 111 ILE 111 112 112 ILE ILE U . n 
A 1 112 VAL 112 113 113 VAL VAL U . n 
A 1 113 ARG 113 114 114 ARG ARG U . n 
A 1 114 HIS 114 115 115 HIS HIS U . n 
A 1 115 MET 115 116 116 MET MET U . n 
A 1 116 ALA 116 117 117 ALA ALA U . n 
A 1 117 ALA 117 118 118 ALA ALA U . n 
A 1 118 PRO 118 119 119 PRO PRO U . n 
A 1 119 LEU 119 120 120 LEU LEU U . n 
A 1 120 ILE 120 121 121 ILE ILE U . n 
A 1 121 GLY 121 122 122 GLY GLY U . n 
A 1 122 GLN 122 123 123 GLN GLN U . n 
A 1 123 LEU 123 124 124 LEU LEU U . n 
A 1 124 THR 124 125 125 THR THR U . n 
A 1 125 ARG 125 126 126 ARG ARG U . n 
A 1 126 HIS 126 127 127 HIS HIS U . n 
A 1 127 GLU 127 128 128 GLU GLU U . n 
A 1 128 ILE 128 129 129 ILE ILE U . n 
A 1 129 GLU 129 130 130 GLU GLU U . n 
A 1 130 MET 130 131 131 MET MET U . n 
A 1 131 THR 131 132 132 THR THR U . n 
A 1 132 GLU 132 133 133 GLU GLU U . n 
A 1 133 LYS 133 134 134 LYS LYS U . n 
A 1 134 GLU 134 135 135 GLU GLU U . n 
A 1 135 TRP 135 136 136 TRP TRP U . n 
A 1 136 LYS 136 137 137 LYS LYS U . n 
A 1 137 TYR 137 138 138 TYR TYR U . n 
A 1 138 TYR 138 139 139 TYR TYR U . n 
A 1 139 GLY 139 140 140 GLY GLY U . n 
A 1 140 ASP 140 141 141 ASP ASP U . n 
A 1 141 ASP 141 142 142 ASP ASP U . n 
A 1 142 PRO 142 143 143 PRO PRO U . n 
A 1 143 ARG 143 144 144 ARG ARG U . n 
A 1 144 VAL 144 145 145 VAL VAL U . n 
A 1 145 HIS 145 146 146 HIS HIS U . n 
A 1 146 ARG 146 147 147 ARG ARG U . n 
A 1 147 THR 147 148 148 THR THR U . n 
A 1 148 VAL 148 149 149 VAL VAL U . n 
A 1 149 THR 149 150 150 THR THR U . n 
A 1 150 ARG 150 151 151 ARG ARG U . n 
A 1 151 GLU 151 152 152 GLU GLU U . n 
A 1 152 ASP 152 153 153 ASP ASP U . n 
A 1 153 PHE 153 154 154 PHE PHE U . n 
A 1 154 LEU 154 155 155 LEU LEU U . n 
A 1 155 ASP 155 156 156 ASP ASP U . n 
A 1 156 ILE 156 157 157 ILE ILE U . n 
A 1 157 LEU 157 158 158 LEU LEU U . n 
A 1 158 TYR 158 159 159 TYR TYR U . n 
A 1 159 ASP 159 160 160 ASP ASP U . n 
A 1 160 ILE 160 161 161 ILE ILE U . n 
A 1 161 HIS 161 162 162 HIS HIS U . n 
A 1 162 TYR 162 163 163 TYR TYR U . n 
A 1 163 ILE 163 164 164 ILE ILE U . n 
A 1 164 LEU 164 165 165 LEU LEU U . n 
A 1 165 ILE 165 166 166 ILE ILE U . n 
A 1 166 LYS 166 167 167 LYS LYS U . n 
A 1 167 ALA 167 168 168 ALA ALA U . n 
A 1 168 THR 168 169 169 THR THR U . n 
A 1 169 TYR 169 170 170 TYR TYR U . n 
A 1 170 GLY 170 171 171 GLY GLY U . n 
A 1 171 ASN 171 172 172 ASN ASN U . n 
A 1 172 PHE 172 173 173 PHE PHE U . n 
A 1 173 MET 173 174 174 MET MET U . n 
A 1 174 ARG 174 175 175 ARG ARG U . n 
A 1 175 GLN 175 176 176 GLN GLN U . n 
A 1 176 SER 176 177 177 SER SER U . n 
A 1 177 ARG 177 178 178 ARG ARG U . n 
A 1 178 ILE 178 179 179 ILE ILE U . n 
A 1 179 SER 179 180 180 SER SER U . n 
A 1 180 GLU 180 181 181 GLU GLU U . n 
A 1 181 ILE 181 182 182 ILE ILE U . n 
A 1 182 SER 182 183 183 SER SER U . n 
A 1 183 MET 183 184 184 MET MET U . n 
A 1 184 GLU 184 185 185 GLU GLU U . n 
A 1 185 VAL 185 186 186 VAL VAL U . n 
A 1 186 ALA 186 187 187 ALA ALA U . n 
A 1 187 GLU 187 188 188 GLU GLU U . n 
A 1 188 GLN 188 189 189 GLN GLN U . n 
A 1 189 GLY 189 190 ?   ?   ?   U . n 
A 1 190 ARG 190 191 ?   ?   ?   U . n 
A 1 191 GLY 191 192 ?   ?   ?   U . n 
A 1 192 THR 192 193 ?   ?   ?   U . n 
A 1 193 THR 193 194 ?   ?   ?   U . n 
A 1 194 MET 194 195 ?   ?   ?   U . n 
A 1 195 THR 195 196 ?   ?   ?   U . n 
A 1 196 PRO 196 197 ?   ?   ?   U . n 
A 1 197 PRO 197 198 ?   ?   ?   U . n 
A 1 198 ALA 198 199 ?   ?   ?   U . n 
A 1 199 ASP 199 200 ?   ?   ?   U . n 
A 1 200 LEU 200 201 ?   ?   ?   U . n 
A 1 201 ILE 201 202 ?   ?   ?   U . n 
A 1 202 GLU 202 203 ?   ?   ?   U . n 
A 1 203 LYS 203 204 ?   ?   ?   U . n 
# 
loop_
_pdbx_nonpoly_scheme.asym_id 
_pdbx_nonpoly_scheme.entity_id 
_pdbx_nonpoly_scheme.mon_id 
_pdbx_nonpoly_scheme.ndb_seq_num 
_pdbx_nonpoly_scheme.pdb_seq_num 
_pdbx_nonpoly_scheme.auth_seq_num 
_pdbx_nonpoly_scheme.pdb_mon_id 
_pdbx_nonpoly_scheme.auth_mon_id 
_pdbx_nonpoly_scheme.pdb_strand_id 
_pdbx_nonpoly_scheme.pdb_ins_code 
B 2 HOH 1  301 20 HOH HOH U . 
B 2 HOH 2  302 32 HOH HOH U . 
B 2 HOH 3  303 1  HOH HOH U . 
B 2 HOH 4  304 17 HOH HOH U . 
B 2 HOH 5  305 37 HOH HOH U . 
B 2 HOH 6  306 7  HOH HOH U . 
B 2 HOH 7  307 2  HOH HOH U . 
B 2 HOH 8  308 4  HOH HOH U . 
B 2 HOH 9  309 6  HOH HOH U . 
B 2 HOH 10 310 30 HOH HOH U . 
B 2 HOH 11 311 31 HOH HOH U . 
B 2 HOH 12 312 33 HOH HOH U . 
B 2 HOH 13 313 34 HOH HOH U . 
B 2 HOH 14 314 35 HOH HOH U . 
B 2 HOH 15 315 36 HOH HOH U . 
# 
loop_
_pdbx_unobs_or_zero_occ_atoms.id 
_pdbx_unobs_or_zero_occ_atoms.PDB_model_num 
_pdbx_unobs_or_zero_occ_atoms.polymer_flag 
_pdbx_unobs_or_zero_occ_atoms.occupancy_flag 
_pdbx_unobs_or_zero_occ_atoms.auth_asym_id 
_pdbx_unobs_or_zero_occ_atoms.auth_comp_id 
_pdbx_unobs_or_zero_occ_atoms.auth_seq_id 
_pdbx_unobs_or_zero_occ_atoms.PDB_ins_code 
_pdbx_unobs_or_zero_occ_atoms.auth_atom_id 
_pdbx_unobs_or_zero_occ_atoms.label_alt_id 
_pdbx_unobs_or_zero_occ_atoms.label_asym_id 
_pdbx_unobs_or_zero_occ_atoms.label_comp_id 
_pdbx_unobs_or_zero_occ_atoms.label_seq_id 
_pdbx_unobs_or_zero_occ_atoms.label_atom_id 
1  1 Y 1 U THR 90  ? OG1 ? A THR 89  OG1 
2  1 Y 1 U THR 90  ? CG2 ? A THR 89  CG2 
3  1 Y 1 U TYR 95  ? CG  ? A TYR 94  CG  
4  1 Y 1 U TYR 95  ? CD1 ? A TYR 94  CD1 
5  1 Y 1 U TYR 95  ? CD2 ? A TYR 94  CD2 
6  1 Y 1 U TYR 95  ? CE1 ? A TYR 94  CE1 
7  1 Y 1 U TYR 95  ? CE2 ? A TYR 94  CE2 
8  1 Y 1 U TYR 95  ? CZ  ? A TYR 94  CZ  
9  1 Y 1 U TYR 95  ? OH  ? A TYR 94  OH  
10 1 Y 1 U GLU 188 ? CG  ? A GLU 187 CG  
11 1 Y 1 U GLU 188 ? CD  ? A GLU 187 CD  
12 1 Y 1 U GLU 188 ? OE1 ? A GLU 187 OE1 
13 1 Y 1 U GLU 188 ? OE2 ? A GLU 187 OE2 
14 1 Y 1 U GLN 189 ? CG  ? A GLN 188 CG  
15 1 Y 1 U GLN 189 ? CD  ? A GLN 188 CD  
16 1 Y 1 U GLN 189 ? OE1 ? A GLN 188 OE1 
17 1 Y 1 U GLN 189 ? NE2 ? A GLN 188 NE2 
# 
loop_
_software.citation_id 
_software.classification 
_software.compiler_name 
_software.compiler_version 
_software.contact_author 
_software.contact_author_email 
_software.date 
_software.description 
_software.dependencies 
_software.hardware 
_software.language 
_software.location 
_software.mods 
_software.name 
_software.os 
_software.os_version 
_software.type 
_software.version 
_software.pdbx_ordinal 
? refinement       ? ? ? ? ? ? ? ? ? ? ? PHENIX    ? ? ? '(phenix.refine: 1.9_1688)' 1 
? 'data reduction' ? ? ? ? ? ? ? ? ? ? ? DENZO     ? ? ? .                           2 
? 'data scaling'   ? ? ? ? ? ? ? ? ? ? ? SCALEPACK ? ? ? .                           3 
? phasing          ? ? ? ? ? ? ? ? ? ? ? PHASER    ? ? ? .                           4 
# 
_cell.angle_alpha                  90.00 
_cell.angle_alpha_esd              ? 
_cell.angle_beta                   90.00 
_cell.angle_beta_esd               ? 
_cell.angle_gamma                  120.00 
_cell.angle_gamma_esd              ? 
_cell.entry_id                     4YEQ 
_cell.details                      ? 
_cell.formula_units_Z              ? 
_cell.length_a                     161.107 
_cell.length_a_esd                 ? 
_cell.length_b                     161.107 
_cell.length_b_esd                 ? 
_cell.length_c                     78.929 
_cell.length_c_esd                 ? 
_cell.volume                       ? 
_cell.volume_esd                   ? 
_cell.Z_PDB                        12 
_cell.reciprocal_angle_alpha       ? 
_cell.reciprocal_angle_beta        ? 
_cell.reciprocal_angle_gamma       ? 
_cell.reciprocal_angle_alpha_esd   ? 
_cell.reciprocal_angle_beta_esd    ? 
_cell.reciprocal_angle_gamma_esd   ? 
_cell.reciprocal_length_a          ? 
_cell.reciprocal_length_b          ? 
_cell.reciprocal_length_c          ? 
_cell.reciprocal_length_a_esd      ? 
_cell.reciprocal_length_b_esd      ? 
_cell.reciprocal_length_c_esd      ? 
_cell.pdbx_unique_axis             ? 
# 
_symmetry.entry_id                         4YEQ 
_symmetry.cell_setting                     ? 
_symmetry.Int_Tables_number                182 
_symmetry.space_group_name_Hall            ? 
_symmetry.space_group_name_H-M             'P 63 2 2' 
_symmetry.pdbx_full_space_group_name_H-M   ? 
# 
_exptl.absorpt_coefficient_mu     ? 
_exptl.absorpt_correction_T_max   ? 
_exptl.absorpt_correction_T_min   ? 
_exptl.absorpt_correction_type    ? 
_exptl.absorpt_process_details    ? 
_exptl.entry_id                   4YEQ 
_exptl.crystals_number            ? 
_exptl.details                    ? 
_exptl.method                     'X-RAY DIFFRACTION' 
_exptl.method_details             ? 
# 
_exptl_crystal.colour                      ? 
_exptl_crystal.density_diffrn              ? 
_exptl_crystal.density_Matthews            6.25 
_exptl_crystal.density_method              ? 
_exptl_crystal.density_percent_sol         80.32 
_exptl_crystal.description                 ? 
_exptl_crystal.F_000                       ? 
_exptl_crystal.id                          1 
_exptl_crystal.preparation                 ? 
_exptl_crystal.size_max                    ? 
_exptl_crystal.size_mid                    ? 
_exptl_crystal.size_min                    ? 
_exptl_crystal.size_rad                    ? 
_exptl_crystal.colour_lustre               ? 
_exptl_crystal.colour_modifier             ? 
_exptl_crystal.colour_primary              ? 
_exptl_crystal.density_meas                ? 
_exptl_crystal.density_meas_esd            ? 
_exptl_crystal.density_meas_gt             ? 
_exptl_crystal.density_meas_lt             ? 
_exptl_crystal.density_meas_temp           ? 
_exptl_crystal.density_meas_temp_esd       ? 
_exptl_crystal.density_meas_temp_gt        ? 
_exptl_crystal.density_meas_temp_lt        ? 
_exptl_crystal.pdbx_crystal_image_url      ? 
_exptl_crystal.pdbx_crystal_image_format   ? 
_exptl_crystal.pdbx_mosaicity              ? 
_exptl_crystal.pdbx_mosaicity_esd          ? 
# 
_exptl_crystal_grow.apparatus       ? 
_exptl_crystal_grow.atmosphere      ? 
_exptl_crystal_grow.crystal_id      1 
_exptl_crystal_grow.details         ? 
_exptl_crystal_grow.method          'VAPOR DIFFUSION, HANGING DROP' 
_exptl_crystal_grow.method_ref      ? 
_exptl_crystal_grow.pH              7.0 
_exptl_crystal_grow.pressure        ? 
_exptl_crystal_grow.pressure_esd    ? 
_exptl_crystal_grow.seeding         ? 
_exptl_crystal_grow.seeding_ref     ? 
_exptl_crystal_grow.temp            293 
_exptl_crystal_grow.temp_details    ? 
_exptl_crystal_grow.temp_esd        ? 
_exptl_crystal_grow.time            ? 
_exptl_crystal_grow.pdbx_details    '100 mM sodium malonate, 100 mM MgCl2, 10% PEG 200, 100 mM Tris, pH 7.0' 
_exptl_crystal_grow.pdbx_pH_range   ? 
# 
loop_
_diffrn.ambient_environment 
_diffrn.ambient_temp 
_diffrn.ambient_temp_details 
_diffrn.ambient_temp_esd 
_diffrn.crystal_id 
_diffrn.crystal_support 
_diffrn.crystal_treatment 
_diffrn.details 
_diffrn.id 
_diffrn.ambient_pressure 
_diffrn.ambient_pressure_esd 
_diffrn.ambient_pressure_gt 
_diffrn.ambient_pressure_lt 
_diffrn.ambient_temp_gt 
_diffrn.ambient_temp_lt 
? 100 ? ? 1 ? ? ? 1 ? ? ? ? ? ? 
? 100 ? ? 1 ? ? ? 2 ? ? ? ? ? ? 
# 
loop_
_diffrn_detector.details 
_diffrn_detector.detector 
_diffrn_detector.diffrn_id 
_diffrn_detector.type 
_diffrn_detector.area_resol_mean 
_diffrn_detector.dtime 
_diffrn_detector.pdbx_frames_total 
_diffrn_detector.pdbx_collection_time_total 
_diffrn_detector.pdbx_collection_date 
? CCD           1 'ADSC QUANTUM 315r' ? ? ? ? 2014-04-24 
? 'IMAGE PLATE' 2 'RIGAKU RAXIS IV++' ? ? ? ? 2014-03-05 
# 
loop_
_diffrn_radiation.collimation 
_diffrn_radiation.diffrn_id 
_diffrn_radiation.filter_edge 
_diffrn_radiation.inhomogeneity 
_diffrn_radiation.monochromator 
_diffrn_radiation.polarisn_norm 
_diffrn_radiation.polarisn_ratio 
_diffrn_radiation.probe 
_diffrn_radiation.type 
_diffrn_radiation.xray_symbol 
_diffrn_radiation.wavelength_id 
_diffrn_radiation.pdbx_monochromatic_or_laue_m_l 
_diffrn_radiation.pdbx_wavelength_list 
_diffrn_radiation.pdbx_wavelength 
_diffrn_radiation.pdbx_diffrn_protocol 
_diffrn_radiation.pdbx_analyzer 
_diffrn_radiation.pdbx_scattering_type 
? 1 ? ? ? ? ? ? ? ? 1 M ? ? MAD                 ? x-ray 
? 2 ? ? ? ? ? ? ? ? 2 M ? ? 'SINGLE WAVELENGTH' ? x-ray 
# 
loop_
_diffrn_radiation_wavelength.id 
_diffrn_radiation_wavelength.wavelength 
_diffrn_radiation_wavelength.wt 
1 0.979588 1.0 
2 0.979804 1.0 
3 0.977735 1.0 
4 1.542    1.0 
# 
loop_
_diffrn_source.current 
_diffrn_source.details 
_diffrn_source.diffrn_id 
_diffrn_source.power 
_diffrn_source.size 
_diffrn_source.source 
_diffrn_source.target 
_diffrn_source.type 
_diffrn_source.voltage 
_diffrn_source.take-off_angle 
_diffrn_source.pdbx_wavelength_list 
_diffrn_source.pdbx_wavelength 
_diffrn_source.pdbx_synchrotron_beamline 
_diffrn_source.pdbx_synchrotron_site 
? ? 1 ? ? SYNCHROTRON      ? 'ESRF BEAMLINE BM30A' ? ? '0.979588, 0.979804, 0.977735' ? BM30A ESRF 
? ? 2 ? ? 'ROTATING ANODE' ? 'RIGAKU RUH3R'        ? ? 1.542                          ? ?     ?    
# 
_reflns.B_iso_Wilson_estimate            ? 
_reflns.entry_id                         4YEQ 
_reflns.data_reduction_details           ? 
_reflns.data_reduction_method            ? 
_reflns.d_resolution_high                3.2 
_reflns.d_resolution_low                 22.9 
_reflns.details                          ? 
_reflns.limit_h_max                      ? 
_reflns.limit_h_min                      ? 
_reflns.limit_k_max                      ? 
_reflns.limit_k_min                      ? 
_reflns.limit_l_max                      ? 
_reflns.limit_l_min                      ? 
_reflns.number_all                       ? 
_reflns.number_obs                       10031 
_reflns.observed_criterion               ? 
_reflns.observed_criterion_F_max         ? 
_reflns.observed_criterion_F_min         ? 
_reflns.observed_criterion_I_max         ? 
_reflns.observed_criterion_I_min         ? 
_reflns.observed_criterion_sigma_F       ? 
_reflns.observed_criterion_sigma_I       ? 
_reflns.percent_possible_obs             96.6 
_reflns.R_free_details                   ? 
_reflns.Rmerge_F_all                     ? 
_reflns.Rmerge_F_obs                     ? 
_reflns.Friedel_coverage                 ? 
_reflns.number_gt                        ? 
_reflns.threshold_expression             ? 
_reflns.pdbx_redundancy                  9.6 
_reflns.pdbx_Rmerge_I_obs                ? 
_reflns.pdbx_Rmerge_I_all                ? 
_reflns.pdbx_Rsym_value                  ? 
_reflns.pdbx_netI_over_av_sigmaI         ? 
_reflns.pdbx_netI_over_sigmaI            15.9 
_reflns.pdbx_res_netI_over_av_sigmaI_2   ? 
_reflns.pdbx_res_netI_over_sigmaI_2      ? 
_reflns.pdbx_chi_squared                 ? 
_reflns.pdbx_scaling_rejects             ? 
_reflns.pdbx_d_res_high_opt              ? 
_reflns.pdbx_d_res_low_opt               ? 
_reflns.pdbx_d_res_opt_method            ? 
_reflns.phase_calculation_details        ? 
_reflns.pdbx_Rrim_I_all                  ? 
_reflns.pdbx_Rpim_I_all                  ? 
_reflns.pdbx_d_opt                       ? 
_reflns.pdbx_number_measured_all         ? 
_reflns.pdbx_diffrn_id                   1 
_reflns.pdbx_ordinal                     1 
_reflns.pdbx_CC_half                     ? 
_reflns.pdbx_R_split                     ? 
# 
_reflns_shell.d_res_high                  3.2 
_reflns_shell.d_res_low                   3.314 
_reflns_shell.meanI_over_sigI_all         ? 
_reflns_shell.meanI_over_sigI_obs         1.8 
_reflns_shell.number_measured_all         ? 
_reflns_shell.number_measured_obs         ? 
_reflns_shell.number_possible             ? 
_reflns_shell.number_unique_all           ? 
_reflns_shell.number_unique_obs           ? 
_reflns_shell.percent_possible_all        94.8 
_reflns_shell.percent_possible_obs        ? 
_reflns_shell.Rmerge_F_all                ? 
_reflns_shell.Rmerge_F_obs                ? 
_reflns_shell.Rmerge_I_all                ? 
_reflns_shell.Rmerge_I_obs                ? 
_reflns_shell.meanI_over_sigI_gt          ? 
_reflns_shell.meanI_over_uI_all           ? 
_reflns_shell.meanI_over_uI_gt            ? 
_reflns_shell.number_measured_gt          ? 
_reflns_shell.number_unique_gt            ? 
_reflns_shell.percent_possible_gt         ? 
_reflns_shell.Rmerge_F_gt                 ? 
_reflns_shell.Rmerge_I_gt                 ? 
_reflns_shell.pdbx_redundancy             9.8 
_reflns_shell.pdbx_Rsym_value             ? 
_reflns_shell.pdbx_chi_squared            ? 
_reflns_shell.pdbx_netI_over_sigmaI_all   ? 
_reflns_shell.pdbx_netI_over_sigmaI_obs   ? 
_reflns_shell.pdbx_Rrim_I_all             ? 
_reflns_shell.pdbx_Rpim_I_all             ? 
_reflns_shell.pdbx_rejects                ? 
_reflns_shell.pdbx_ordinal                1 
_reflns_shell.pdbx_diffrn_id              1 
_reflns_shell.pdbx_CC_half                ? 
_reflns_shell.pdbx_R_split                ? 
# 
_refine.aniso_B[1][1]                            ? 
_refine.aniso_B[1][2]                            ? 
_refine.aniso_B[1][3]                            ? 
_refine.aniso_B[2][2]                            ? 
_refine.aniso_B[2][3]                            ? 
_refine.aniso_B[3][3]                            ? 
_refine.B_iso_max                                ? 
_refine.B_iso_mean                               ? 
_refine.B_iso_min                                ? 
_refine.correlation_coeff_Fo_to_Fc               ? 
_refine.correlation_coeff_Fo_to_Fc_free          ? 
_refine.details                                  ? 
_refine.diff_density_max                         ? 
_refine.diff_density_max_esd                     ? 
_refine.diff_density_min                         ? 
_refine.diff_density_min_esd                     ? 
_refine.diff_density_rms                         ? 
_refine.diff_density_rms_esd                     ? 
_refine.entry_id                                 4YEQ 
_refine.pdbx_refine_id                           'X-RAY DIFFRACTION' 
_refine.ls_abs_structure_details                 ? 
_refine.ls_abs_structure_Flack                   ? 
_refine.ls_abs_structure_Flack_esd               ? 
_refine.ls_abs_structure_Rogers                  ? 
_refine.ls_abs_structure_Rogers_esd              ? 
_refine.ls_d_res_high                            3.200 
_refine.ls_d_res_low                             22.899 
_refine.ls_extinction_coef                       ? 
_refine.ls_extinction_coef_esd                   ? 
_refine.ls_extinction_expression                 ? 
_refine.ls_extinction_method                     ? 
_refine.ls_goodness_of_fit_all                   ? 
_refine.ls_goodness_of_fit_all_esd               ? 
_refine.ls_goodness_of_fit_obs                   ? 
_refine.ls_goodness_of_fit_obs_esd               ? 
_refine.ls_hydrogen_treatment                    ? 
_refine.ls_matrix_type                           ? 
_refine.ls_number_constraints                    ? 
_refine.ls_number_parameters                     ? 
_refine.ls_number_reflns_all                     ? 
_refine.ls_number_reflns_obs                     10031 
_refine.ls_number_reflns_R_free                  697 
_refine.ls_number_reflns_R_work                  ? 
_refine.ls_number_restraints                     ? 
_refine.ls_percent_reflns_obs                    96.64 
_refine.ls_percent_reflns_R_free                 6.95 
_refine.ls_R_factor_all                          ? 
_refine.ls_R_factor_obs                          0.2162 
_refine.ls_R_factor_R_free                       0.2786 
_refine.ls_R_factor_R_free_error                 ? 
_refine.ls_R_factor_R_free_error_details         ? 
_refine.ls_R_factor_R_work                       0.2118 
_refine.ls_R_Fsqd_factor_obs                     ? 
_refine.ls_R_I_factor_obs                        ? 
_refine.ls_redundancy_reflns_all                 ? 
_refine.ls_redundancy_reflns_obs                 ? 
_refine.ls_restrained_S_all                      ? 
_refine.ls_restrained_S_obs                      ? 
_refine.ls_shift_over_esd_max                    ? 
_refine.ls_shift_over_esd_mean                   ? 
_refine.ls_structure_factor_coef                 ? 
_refine.ls_weighting_details                     ? 
_refine.ls_weighting_scheme                      ? 
_refine.ls_wR_factor_all                         ? 
_refine.ls_wR_factor_obs                         ? 
_refine.ls_wR_factor_R_free                      ? 
_refine.ls_wR_factor_R_work                      ? 
_refine.occupancy_max                            ? 
_refine.occupancy_min                            ? 
_refine.solvent_model_details                    'FLAT BULK SOLVENT MODEL' 
_refine.solvent_model_param_bsol                 ? 
_refine.solvent_model_param_ksol                 ? 
_refine.ls_R_factor_gt                           ? 
_refine.ls_goodness_of_fit_gt                    ? 
_refine.ls_goodness_of_fit_ref                   ? 
_refine.ls_shift_over_su_max                     ? 
_refine.ls_shift_over_su_max_lt                  ? 
_refine.ls_shift_over_su_mean                    ? 
_refine.ls_shift_over_su_mean_lt                 ? 
_refine.pdbx_ls_sigma_I                          ? 
_refine.pdbx_ls_sigma_F                          1.36 
_refine.pdbx_ls_sigma_Fsqd                       ? 
_refine.pdbx_data_cutoff_high_absF               ? 
_refine.pdbx_data_cutoff_high_rms_absF           ? 
_refine.pdbx_data_cutoff_low_absF                ? 
_refine.pdbx_isotropic_thermal_model             ? 
_refine.pdbx_ls_cross_valid_method               'FREE R-VALUE' 
_refine.pdbx_method_to_determine_struct          'MOLECULAR REPLACEMENT' 
_refine.pdbx_starting_model                      4YEP 
_refine.pdbx_stereochemistry_target_values       ML 
_refine.pdbx_R_Free_selection_details            random 
_refine.pdbx_stereochem_target_val_spec_case     ? 
_refine.pdbx_overall_ESU_R                       ? 
_refine.pdbx_overall_ESU_R_Free                  ? 
_refine.pdbx_solvent_vdw_probe_radii             1.11 
_refine.pdbx_solvent_ion_probe_radii             ? 
_refine.pdbx_solvent_shrinkage_radii             0.90 
_refine.pdbx_real_space_R                        ? 
_refine.pdbx_density_correlation                 ? 
_refine.pdbx_pd_number_of_powder_patterns        ? 
_refine.pdbx_pd_number_of_points                 ? 
_refine.pdbx_pd_meas_number_of_points            ? 
_refine.pdbx_pd_proc_ls_prof_R_factor            ? 
_refine.pdbx_pd_proc_ls_prof_wR_factor           ? 
_refine.pdbx_pd_Marquardt_correlation_coeff      ? 
_refine.pdbx_pd_Fsqrd_R_factor                   ? 
_refine.pdbx_pd_ls_matrix_band_width             ? 
_refine.pdbx_overall_phase_error                 26.02 
_refine.pdbx_overall_SU_R_free_Cruickshank_DPI   ? 
_refine.pdbx_overall_SU_R_free_Blow_DPI          ? 
_refine.pdbx_overall_SU_R_Blow_DPI               ? 
_refine.pdbx_TLS_residual_ADP_flag               ? 
_refine.pdbx_diffrn_id                           1 
_refine.overall_SU_B                             ? 
_refine.overall_SU_ML                            0.45 
_refine.overall_SU_R_Cruickshank_DPI             ? 
_refine.overall_SU_R_free                        ? 
_refine.overall_FOM_free_R_set                   ? 
_refine.overall_FOM_work_R_set                   ? 
_refine.pdbx_average_fsc_overall                 ? 
_refine.pdbx_average_fsc_work                    ? 
_refine.pdbx_average_fsc_free                    ? 
# 
_refine_hist.pdbx_refine_id                   'X-RAY DIFFRACTION' 
_refine_hist.cycle_id                         LAST 
_refine_hist.pdbx_number_atoms_protein        1487 
_refine_hist.pdbx_number_atoms_nucleic_acid   0 
_refine_hist.pdbx_number_atoms_ligand         0 
_refine_hist.number_atoms_solvent             15 
_refine_hist.number_atoms_total               1502 
_refine_hist.d_res_high                       3.200 
_refine_hist.d_res_low                        22.899 
# 
loop_
_refine_ls_restr.pdbx_refine_id 
_refine_ls_restr.criterion 
_refine_ls_restr.dev_ideal 
_refine_ls_restr.dev_ideal_target 
_refine_ls_restr.number 
_refine_ls_restr.rejects 
_refine_ls_restr.type 
_refine_ls_restr.weight 
_refine_ls_restr.pdbx_restraint_function 
'X-RAY DIFFRACTION' ? 0.012  ? 1523 ? f_bond_d           ? ? 
'X-RAY DIFFRACTION' ? 1.367  ? 2060 ? f_angle_d          ? ? 
'X-RAY DIFFRACTION' ? 17.552 ? 570  ? f_dihedral_angle_d ? ? 
'X-RAY DIFFRACTION' ? 0.058  ? 226  ? f_chiral_restr     ? ? 
'X-RAY DIFFRACTION' ? 0.005  ? 260  ? f_plane_restr      ? ? 
# 
loop_
_refine_ls_shell.pdbx_refine_id 
_refine_ls_shell.d_res_high 
_refine_ls_shell.d_res_low 
_refine_ls_shell.number_reflns_all 
_refine_ls_shell.number_reflns_obs 
_refine_ls_shell.number_reflns_R_free 
_refine_ls_shell.number_reflns_R_work 
_refine_ls_shell.percent_reflns_obs 
_refine_ls_shell.percent_reflns_R_free 
_refine_ls_shell.R_factor_all 
_refine_ls_shell.R_factor_obs 
_refine_ls_shell.R_factor_R_free 
_refine_ls_shell.R_factor_R_free_error 
_refine_ls_shell.R_factor_R_work 
_refine_ls_shell.redundancy_reflns_all 
_refine_ls_shell.redundancy_reflns_obs 
_refine_ls_shell.wR_factor_all 
_refine_ls_shell.wR_factor_obs 
_refine_ls_shell.wR_factor_R_free 
_refine_ls_shell.wR_factor_R_work 
_refine_ls_shell.pdbx_total_number_of_bins_used 
_refine_ls_shell.pdbx_phase_error 
_refine_ls_shell.pdbx_fsc_work 
_refine_ls_shell.pdbx_fsc_free 
'X-RAY DIFFRACTION' 3.2000 3.4463  . . 136 1811 96.00 . . . 0.3587 . 0.3018 . . . . . . . . . . 
'X-RAY DIFFRACTION' 3.4463 3.7917  . . 131 1812 97.00 . . . 0.3186 . 0.2551 . . . . . . . . . . 
'X-RAY DIFFRACTION' 3.7917 4.3372  . . 138 1869 97.00 . . . 0.3261 . 0.2124 . . . . . . . . . . 
'X-RAY DIFFRACTION' 4.3372 5.4522  . . 143 1873 97.00 . . . 0.2335 . 0.1894 . . . . . . . . . . 
'X-RAY DIFFRACTION' 5.4522 22.9000 . . 149 1969 96.00 . . . 0.2492 . 0.1868 . . . . . . . . . . 
# 
_struct.entry_id                     4YEQ 
_struct.title                        'L4b Domain of Human Laminin alpha-2' 
_struct.pdbx_model_details           ? 
_struct.pdbx_formula_weight          ? 
_struct.pdbx_formula_weight_method   ? 
_struct.pdbx_model_type_details      ? 
_struct.pdbx_CASP_flag               ? 
# 
_struct_keywords.entry_id        4YEQ 
_struct_keywords.text            'carbohydrate binding fold, laminin, extracellular matrix, ephrin receptor, sugar binding protein' 
_struct_keywords.pdbx_keywords   'SUGAR BINDING PROTEIN' 
# 
loop_
_struct_asym.id 
_struct_asym.pdbx_blank_PDB_chainid_flag 
_struct_asym.pdbx_modified 
_struct_asym.entity_id 
_struct_asym.details 
A N N 1 ? 
B N N 2 ? 
# 
_struct_ref.id                         1 
_struct_ref.db_name                    UNP 
_struct_ref.db_code                    LAMA2_HUMAN 
_struct_ref.pdbx_db_accession          P24043 
_struct_ref.pdbx_db_isoform            ? 
_struct_ref.entity_id                  1 
_struct_ref.pdbx_seq_one_letter_code   
;EAKGLIRTWVTLKAEQTILPLVDEALQHTTTKGIVFQHPEIVAHMDLMREDLHLEPFYWKLPEQFEGKKLMAYGGKLKYA
IYFEAREETGFSTYNPQVIIRGGTPTHARIIVRHMAAPLIGQLTRHEIEMTEKEWKYYGDDPRVHRTVTREDFLDILYDI
HYILIKATYGNFMRQSRISEISMEVAEQGRGTTMTPPADLIEK
;
_struct_ref.pdbx_align_begin           1177 
# 
_struct_ref_seq.align_id                      1 
_struct_ref_seq.ref_id                        1 
_struct_ref_seq.pdbx_PDB_id_code              4YEQ 
_struct_ref_seq.pdbx_strand_id                U 
_struct_ref_seq.seq_align_beg                 1 
_struct_ref_seq.pdbx_seq_align_beg_ins_code   ? 
_struct_ref_seq.seq_align_end                 203 
_struct_ref_seq.pdbx_seq_align_end_ins_code   ? 
_struct_ref_seq.pdbx_db_accession             P24043 
_struct_ref_seq.db_align_beg                  1177 
_struct_ref_seq.pdbx_db_align_beg_ins_code    ? 
_struct_ref_seq.db_align_end                  1379 
_struct_ref_seq.pdbx_db_align_end_ins_code    ? 
_struct_ref_seq.pdbx_auth_seq_align_beg       2 
_struct_ref_seq.pdbx_auth_seq_align_end       204 
# 
_pdbx_struct_assembly.id                   1 
_pdbx_struct_assembly.details              author_and_software_defined_assembly 
_pdbx_struct_assembly.method_details       PISA 
_pdbx_struct_assembly.oligomeric_details   monomeric 
_pdbx_struct_assembly.oligomeric_count     1 
# 
loop_
_pdbx_struct_assembly_prop.biol_id 
_pdbx_struct_assembly_prop.type 
_pdbx_struct_assembly_prop.value 
_pdbx_struct_assembly_prop.details 
1 'ABSA (A^2)' 0    ? 
1 MORE         0    ? 
1 'SSA (A^2)'  9780 ? 
# 
_pdbx_struct_assembly_gen.assembly_id       1 
_pdbx_struct_assembly_gen.oper_expression   1 
_pdbx_struct_assembly_gen.asym_id_list      A,B 
# 
_pdbx_struct_oper_list.id                   1 
_pdbx_struct_oper_list.type                 'identity operation' 
_pdbx_struct_oper_list.name                 1_555 
_pdbx_struct_oper_list.symmetry_operation   x,y,z 
_pdbx_struct_oper_list.matrix[1][1]         1.0000000000 
_pdbx_struct_oper_list.matrix[1][2]         0.0000000000 
_pdbx_struct_oper_list.matrix[1][3]         0.0000000000 
_pdbx_struct_oper_list.vector[1]            0.0000000000 
_pdbx_struct_oper_list.matrix[2][1]         0.0000000000 
_pdbx_struct_oper_list.matrix[2][2]         1.0000000000 
_pdbx_struct_oper_list.matrix[2][3]         0.0000000000 
_pdbx_struct_oper_list.vector[2]            0.0000000000 
_pdbx_struct_oper_list.matrix[3][1]         0.0000000000 
_pdbx_struct_oper_list.matrix[3][2]         0.0000000000 
_pdbx_struct_oper_list.matrix[3][3]         1.0000000000 
_pdbx_struct_oper_list.vector[3]            0.0000000000 
# 
loop_
_struct_conf.conf_type_id 
_struct_conf.id 
_struct_conf.pdbx_PDB_helix_id 
_struct_conf.beg_label_comp_id 
_struct_conf.beg_label_asym_id 
_struct_conf.beg_label_seq_id 
_struct_conf.pdbx_beg_PDB_ins_code 
_struct_conf.end_label_comp_id 
_struct_conf.end_label_asym_id 
_struct_conf.end_label_seq_id 
_struct_conf.pdbx_end_PDB_ins_code 
_struct_conf.beg_auth_comp_id 
_struct_conf.beg_auth_asym_id 
_struct_conf.beg_auth_seq_id 
_struct_conf.end_auth_comp_id 
_struct_conf.end_auth_asym_id 
_struct_conf.end_auth_seq_id 
_struct_conf.pdbx_PDB_helix_class 
_struct_conf.details 
_struct_conf.pdbx_PDB_helix_length 
HELX_P HELX_P1 AA1 ASP A 46  ? GLU A 55  ? ASP U 47  GLU U 56  5 ? 10 
HELX_P HELX_P2 AA2 PRO A 62  ? GLU A 66  ? PRO U 63  GLU U 67  5 ? 5  
HELX_P HELX_P3 AA3 LYS A 69  ? GLY A 75  ? LYS U 70  GLY U 76  5 ? 7  
HELX_P HELX_P4 AA4 THR A 149 ? TYR A 158 ? THR U 150 TYR U 159 1 ? 10 
# 
_struct_conf_type.id          HELX_P 
_struct_conf_type.criteria    ? 
_struct_conf_type.reference   ? 
# 
loop_
_struct_mon_prot_cis.pdbx_id 
_struct_mon_prot_cis.label_comp_id 
_struct_mon_prot_cis.label_seq_id 
_struct_mon_prot_cis.label_asym_id 
_struct_mon_prot_cis.label_alt_id 
_struct_mon_prot_cis.pdbx_PDB_ins_code 
_struct_mon_prot_cis.auth_comp_id 
_struct_mon_prot_cis.auth_seq_id 
_struct_mon_prot_cis.auth_asym_id 
_struct_mon_prot_cis.pdbx_label_comp_id_2 
_struct_mon_prot_cis.pdbx_label_seq_id_2 
_struct_mon_prot_cis.pdbx_label_asym_id_2 
_struct_mon_prot_cis.pdbx_PDB_ins_code_2 
_struct_mon_prot_cis.pdbx_auth_comp_id_2 
_struct_mon_prot_cis.pdbx_auth_seq_id_2 
_struct_mon_prot_cis.pdbx_auth_asym_id_2 
_struct_mon_prot_cis.pdbx_PDB_model_num 
_struct_mon_prot_cis.pdbx_omega_angle 
1 HIS 38 A . ? HIS 39 U PRO 39 A ? PRO 40 U 1 0.72 
2 GLU 55 A . ? GLU 56 U PRO 56 A ? PRO 57 U 1 5.74 
# 
loop_
_struct_sheet.id 
_struct_sheet.type 
_struct_sheet.number_strands 
_struct_sheet.details 
AA1 ? 4 ? 
AA2 ? 4 ? 
AA3 ? 7 ? 
# 
loop_
_struct_sheet_order.sheet_id 
_struct_sheet_order.range_id_1 
_struct_sheet_order.range_id_2 
_struct_sheet_order.offset 
_struct_sheet_order.sense 
AA1 1 2 ? anti-parallel 
AA1 2 3 ? anti-parallel 
AA1 3 4 ? anti-parallel 
AA2 1 2 ? anti-parallel 
AA2 2 3 ? anti-parallel 
AA2 3 4 ? anti-parallel 
AA3 1 2 ? anti-parallel 
AA3 2 3 ? anti-parallel 
AA3 3 4 ? anti-parallel 
AA3 4 5 ? anti-parallel 
AA3 5 6 ? anti-parallel 
AA3 6 7 ? anti-parallel 
# 
loop_
_struct_sheet_range.sheet_id 
_struct_sheet_range.id 
_struct_sheet_range.beg_label_comp_id 
_struct_sheet_range.beg_label_asym_id 
_struct_sheet_range.beg_label_seq_id 
_struct_sheet_range.pdbx_beg_PDB_ins_code 
_struct_sheet_range.end_label_comp_id 
_struct_sheet_range.end_label_asym_id 
_struct_sheet_range.end_label_seq_id 
_struct_sheet_range.pdbx_end_PDB_ins_code 
_struct_sheet_range.beg_auth_comp_id 
_struct_sheet_range.beg_auth_asym_id 
_struct_sheet_range.beg_auth_seq_id 
_struct_sheet_range.end_auth_comp_id 
_struct_sheet_range.end_auth_asym_id 
_struct_sheet_range.end_auth_seq_id 
AA1 1 TRP A 9   ? THR A 11  ? TRP U 10  THR U 12  
AA1 2 ASN A 171 ? GLU A 184 ? ASN U 172 GLU U 185 
AA1 3 GLU A 40  ? HIS A 44  ? GLU U 41  HIS U 45  
AA1 4 ILE A 34  ? GLN A 37  ? ILE U 35  GLN U 38  
AA2 1 TRP A 9   ? THR A 11  ? TRP U 10  THR U 12  
AA2 2 ASN A 171 ? GLU A 184 ? ASN U 172 GLU U 185 
AA2 3 LEU A 77  ? GLU A 87  ? LEU U 78  GLU U 88  
AA2 4 THR A 124 ? ILE A 128 ? THR U 125 ILE U 129 
AA3 1 THR A 29  ? THR A 30  ? THR U 30  THR U 31  
AA3 2 LEU A 21  ? VAL A 22  ? LEU U 22  VAL U 23  
AA3 3 TYR A 58  ? LYS A 60  ? TYR U 59  LYS U 61  
AA3 4 ILE A 160 ? LYS A 166 ? ILE U 161 LYS U 167 
AA3 5 VAL A 98  ? GLY A 102 ? VAL U 99  GLY U 103 
AA3 6 ARG A 109 ? ARG A 113 ? ARG U 110 ARG U 114 
AA3 7 LYS A 136 ? TYR A 137 ? LYS U 137 TYR U 138 
# 
loop_
_pdbx_struct_sheet_hbond.sheet_id 
_pdbx_struct_sheet_hbond.range_id_1 
_pdbx_struct_sheet_hbond.range_id_2 
_pdbx_struct_sheet_hbond.range_1_label_atom_id 
_pdbx_struct_sheet_hbond.range_1_label_comp_id 
_pdbx_struct_sheet_hbond.range_1_label_asym_id 
_pdbx_struct_sheet_hbond.range_1_label_seq_id 
_pdbx_struct_sheet_hbond.range_1_PDB_ins_code 
_pdbx_struct_sheet_hbond.range_1_auth_atom_id 
_pdbx_struct_sheet_hbond.range_1_auth_comp_id 
_pdbx_struct_sheet_hbond.range_1_auth_asym_id 
_pdbx_struct_sheet_hbond.range_1_auth_seq_id 
_pdbx_struct_sheet_hbond.range_2_label_atom_id 
_pdbx_struct_sheet_hbond.range_2_label_comp_id 
_pdbx_struct_sheet_hbond.range_2_label_asym_id 
_pdbx_struct_sheet_hbond.range_2_label_seq_id 
_pdbx_struct_sheet_hbond.range_2_PDB_ins_code 
_pdbx_struct_sheet_hbond.range_2_auth_atom_id 
_pdbx_struct_sheet_hbond.range_2_auth_comp_id 
_pdbx_struct_sheet_hbond.range_2_auth_asym_id 
_pdbx_struct_sheet_hbond.range_2_auth_seq_id 
AA1 1 2 N VAL A 10  ? N VAL U 11  O MET A 183 ? O MET U 184 
AA1 2 3 O SER A 176 ? O SER U 177 N ALA A 43  ? N ALA U 44  
AA1 3 4 O VAL A 42  ? O VAL U 43  N VAL A 35  ? N VAL U 36  
AA2 1 2 N VAL A 10  ? N VAL U 11  O MET A 183 ? O MET U 184 
AA2 2 3 O ARG A 177 ? O ARG U 178 N TYR A 82  ? N TYR U 83  
AA2 3 4 N ILE A 81  ? N ILE U 82  O THR A 124 ? O THR U 125 
AA3 1 2 O THR A 30  ? O THR U 31  N LEU A 21  ? N LEU U 22  
AA3 2 3 N VAL A 22  ? N VAL U 23  O TYR A 58  ? O TYR U 59  
AA3 3 4 N TRP A 59  ? N TRP U 60  O ILE A 165 ? O ILE U 166 
AA3 4 5 O HIS A 161 ? O HIS U 162 N ARG A 101 ? N ARG U 102 
AA3 5 6 N ILE A 100 ? N ILE U 101 O ILE A 111 ? O ILE U 112 
AA3 6 7 N VAL A 112 ? N VAL U 113 O LYS A 136 ? O LYS U 137 
# 
loop_
_pdbx_validate_torsion.id 
_pdbx_validate_torsion.PDB_model_num 
_pdbx_validate_torsion.auth_comp_id 
_pdbx_validate_torsion.auth_asym_id 
_pdbx_validate_torsion.auth_seq_id 
_pdbx_validate_torsion.PDB_ins_code 
_pdbx_validate_torsion.label_alt_id 
_pdbx_validate_torsion.phi 
_pdbx_validate_torsion.psi 
1  1 LEU U 6   ? ? 72.95   43.86   
2  1 GLN U 17  ? ? -62.22  96.91   
3  1 LYS U 33  ? ? -44.61  -19.38  
4  1 GLN U 38  ? ? -149.99 58.64   
5  1 HIS U 39  ? ? -19.17  126.79  
6  1 MET U 49  ? ? -147.02 17.29   
7  1 LEU U 55  ? ? -61.80  13.76   
8  1 LYS U 69  ? ? -61.95  91.56   
9  1 LYS U 77  ? ? 59.03   91.75   
10 1 PRO U 106 ? ? -28.21  -50.09  
11 1 GLU U 133 ? ? -29.81  -33.76  
12 1 PHE U 173 ? ? 54.69   84.61   
13 1 VAL U 186 ? ? -130.33 -149.98 
# 
loop_
_pdbx_unobs_or_zero_occ_residues.id 
_pdbx_unobs_or_zero_occ_residues.PDB_model_num 
_pdbx_unobs_or_zero_occ_residues.polymer_flag 
_pdbx_unobs_or_zero_occ_residues.occupancy_flag 
_pdbx_unobs_or_zero_occ_residues.auth_asym_id 
_pdbx_unobs_or_zero_occ_residues.auth_comp_id 
_pdbx_unobs_or_zero_occ_residues.auth_seq_id 
_pdbx_unobs_or_zero_occ_residues.PDB_ins_code 
_pdbx_unobs_or_zero_occ_residues.label_asym_id 
_pdbx_unobs_or_zero_occ_residues.label_comp_id 
_pdbx_unobs_or_zero_occ_residues.label_seq_id 
1  1 Y 1 U GLU 2   ? A GLU 1   
2  1 Y 1 U ALA 3   ? A ALA 2   
3  1 Y 1 U LYS 4   ? A LYS 3   
4  1 Y 1 U GLY 91  ? A GLY 90  
5  1 Y 1 U PHE 92  ? A PHE 91  
6  1 Y 1 U SER 93  ? A SER 92  
7  1 Y 1 U THR 94  ? A THR 93  
8  1 Y 1 U GLY 190 ? A GLY 189 
9  1 Y 1 U ARG 191 ? A ARG 190 
10 1 Y 1 U GLY 192 ? A GLY 191 
11 1 Y 1 U THR 193 ? A THR 192 
12 1 Y 1 U THR 194 ? A THR 193 
13 1 Y 1 U MET 195 ? A MET 194 
14 1 Y 1 U THR 196 ? A THR 195 
15 1 Y 1 U PRO 197 ? A PRO 196 
16 1 Y 1 U PRO 198 ? A PRO 197 
17 1 Y 1 U ALA 199 ? A ALA 198 
18 1 Y 1 U ASP 200 ? A ASP 199 
19 1 Y 1 U LEU 201 ? A LEU 200 
20 1 Y 1 U ILE 202 ? A ILE 201 
21 1 Y 1 U GLU 203 ? A GLU 202 
22 1 Y 1 U LYS 204 ? A LYS 203 
# 
loop_
_chem_comp_atom.comp_id 
_chem_comp_atom.atom_id 
_chem_comp_atom.type_symbol 
_chem_comp_atom.pdbx_aromatic_flag 
_chem_comp_atom.pdbx_stereo_config 
_chem_comp_atom.pdbx_ordinal 
ALA N    N N N 1   
ALA CA   C N S 2   
ALA C    C N N 3   
ALA O    O N N 4   
ALA CB   C N N 5   
ALA OXT  O N N 6   
ALA H    H N N 7   
ALA H2   H N N 8   
ALA HA   H N N 9   
ALA HB1  H N N 10  
ALA HB2  H N N 11  
ALA HB3  H N N 12  
ALA HXT  H N N 13  
ARG N    N N N 14  
ARG CA   C N S 15  
ARG C    C N N 16  
ARG O    O N N 17  
ARG CB   C N N 18  
ARG CG   C N N 19  
ARG CD   C N N 20  
ARG NE   N N N 21  
ARG CZ   C N N 22  
ARG NH1  N N N 23  
ARG NH2  N N N 24  
ARG OXT  O N N 25  
ARG H    H N N 26  
ARG H2   H N N 27  
ARG HA   H N N 28  
ARG HB2  H N N 29  
ARG HB3  H N N 30  
ARG HG2  H N N 31  
ARG HG3  H N N 32  
ARG HD2  H N N 33  
ARG HD3  H N N 34  
ARG HE   H N N 35  
ARG HH11 H N N 36  
ARG HH12 H N N 37  
ARG HH21 H N N 38  
ARG HH22 H N N 39  
ARG HXT  H N N 40  
ASN N    N N N 41  
ASN CA   C N S 42  
ASN C    C N N 43  
ASN O    O N N 44  
ASN CB   C N N 45  
ASN CG   C N N 46  
ASN OD1  O N N 47  
ASN ND2  N N N 48  
ASN OXT  O N N 49  
ASN H    H N N 50  
ASN H2   H N N 51  
ASN HA   H N N 52  
ASN HB2  H N N 53  
ASN HB3  H N N 54  
ASN HD21 H N N 55  
ASN HD22 H N N 56  
ASN HXT  H N N 57  
ASP N    N N N 58  
ASP CA   C N S 59  
ASP C    C N N 60  
ASP O    O N N 61  
ASP CB   C N N 62  
ASP CG   C N N 63  
ASP OD1  O N N 64  
ASP OD2  O N N 65  
ASP OXT  O N N 66  
ASP H    H N N 67  
ASP H2   H N N 68  
ASP HA   H N N 69  
ASP HB2  H N N 70  
ASP HB3  H N N 71  
ASP HD2  H N N 72  
ASP HXT  H N N 73  
GLN N    N N N 74  
GLN CA   C N S 75  
GLN C    C N N 76  
GLN O    O N N 77  
GLN CB   C N N 78  
GLN CG   C N N 79  
GLN CD   C N N 80  
GLN OE1  O N N 81  
GLN NE2  N N N 82  
GLN OXT  O N N 83  
GLN H    H N N 84  
GLN H2   H N N 85  
GLN HA   H N N 86  
GLN HB2  H N N 87  
GLN HB3  H N N 88  
GLN HG2  H N N 89  
GLN HG3  H N N 90  
GLN HE21 H N N 91  
GLN HE22 H N N 92  
GLN HXT  H N N 93  
GLU N    N N N 94  
GLU CA   C N S 95  
GLU C    C N N 96  
GLU O    O N N 97  
GLU CB   C N N 98  
GLU CG   C N N 99  
GLU CD   C N N 100 
GLU OE1  O N N 101 
GLU OE2  O N N 102 
GLU OXT  O N N 103 
GLU H    H N N 104 
GLU H2   H N N 105 
GLU HA   H N N 106 
GLU HB2  H N N 107 
GLU HB3  H N N 108 
GLU HG2  H N N 109 
GLU HG3  H N N 110 
GLU HE2  H N N 111 
GLU HXT  H N N 112 
GLY N    N N N 113 
GLY CA   C N N 114 
GLY C    C N N 115 
GLY O    O N N 116 
GLY OXT  O N N 117 
GLY H    H N N 118 
GLY H2   H N N 119 
GLY HA2  H N N 120 
GLY HA3  H N N 121 
GLY HXT  H N N 122 
HIS N    N N N 123 
HIS CA   C N S 124 
HIS C    C N N 125 
HIS O    O N N 126 
HIS CB   C N N 127 
HIS CG   C Y N 128 
HIS ND1  N Y N 129 
HIS CD2  C Y N 130 
HIS CE1  C Y N 131 
HIS NE2  N Y N 132 
HIS OXT  O N N 133 
HIS H    H N N 134 
HIS H2   H N N 135 
HIS HA   H N N 136 
HIS HB2  H N N 137 
HIS HB3  H N N 138 
HIS HD1  H N N 139 
HIS HD2  H N N 140 
HIS HE1  H N N 141 
HIS HE2  H N N 142 
HIS HXT  H N N 143 
HOH O    O N N 144 
HOH H1   H N N 145 
HOH H2   H N N 146 
ILE N    N N N 147 
ILE CA   C N S 148 
ILE C    C N N 149 
ILE O    O N N 150 
ILE CB   C N S 151 
ILE CG1  C N N 152 
ILE CG2  C N N 153 
ILE CD1  C N N 154 
ILE OXT  O N N 155 
ILE H    H N N 156 
ILE H2   H N N 157 
ILE HA   H N N 158 
ILE HB   H N N 159 
ILE HG12 H N N 160 
ILE HG13 H N N 161 
ILE HG21 H N N 162 
ILE HG22 H N N 163 
ILE HG23 H N N 164 
ILE HD11 H N N 165 
ILE HD12 H N N 166 
ILE HD13 H N N 167 
ILE HXT  H N N 168 
LEU N    N N N 169 
LEU CA   C N S 170 
LEU C    C N N 171 
LEU O    O N N 172 
LEU CB   C N N 173 
LEU CG   C N N 174 
LEU CD1  C N N 175 
LEU CD2  C N N 176 
LEU OXT  O N N 177 
LEU H    H N N 178 
LEU H2   H N N 179 
LEU HA   H N N 180 
LEU HB2  H N N 181 
LEU HB3  H N N 182 
LEU HG   H N N 183 
LEU HD11 H N N 184 
LEU HD12 H N N 185 
LEU HD13 H N N 186 
LEU HD21 H N N 187 
LEU HD22 H N N 188 
LEU HD23 H N N 189 
LEU HXT  H N N 190 
LYS N    N N N 191 
LYS CA   C N S 192 
LYS C    C N N 193 
LYS O    O N N 194 
LYS CB   C N N 195 
LYS CG   C N N 196 
LYS CD   C N N 197 
LYS CE   C N N 198 
LYS NZ   N N N 199 
LYS OXT  O N N 200 
LYS H    H N N 201 
LYS H2   H N N 202 
LYS HA   H N N 203 
LYS HB2  H N N 204 
LYS HB3  H N N 205 
LYS HG2  H N N 206 
LYS HG3  H N N 207 
LYS HD2  H N N 208 
LYS HD3  H N N 209 
LYS HE2  H N N 210 
LYS HE3  H N N 211 
LYS HZ1  H N N 212 
LYS HZ2  H N N 213 
LYS HZ3  H N N 214 
LYS HXT  H N N 215 
MET N    N N N 216 
MET CA   C N S 217 
MET C    C N N 218 
MET O    O N N 219 
MET CB   C N N 220 
MET CG   C N N 221 
MET SD   S N N 222 
MET CE   C N N 223 
MET OXT  O N N 224 
MET H    H N N 225 
MET H2   H N N 226 
MET HA   H N N 227 
MET HB2  H N N 228 
MET HB3  H N N 229 
MET HG2  H N N 230 
MET HG3  H N N 231 
MET HE1  H N N 232 
MET HE2  H N N 233 
MET HE3  H N N 234 
MET HXT  H N N 235 
PHE N    N N N 236 
PHE CA   C N S 237 
PHE C    C N N 238 
PHE O    O N N 239 
PHE CB   C N N 240 
PHE CG   C Y N 241 
PHE CD1  C Y N 242 
PHE CD2  C Y N 243 
PHE CE1  C Y N 244 
PHE CE2  C Y N 245 
PHE CZ   C Y N 246 
PHE OXT  O N N 247 
PHE H    H N N 248 
PHE H2   H N N 249 
PHE HA   H N N 250 
PHE HB2  H N N 251 
PHE HB3  H N N 252 
PHE HD1  H N N 253 
PHE HD2  H N N 254 
PHE HE1  H N N 255 
PHE HE2  H N N 256 
PHE HZ   H N N 257 
PHE HXT  H N N 258 
PRO N    N N N 259 
PRO CA   C N S 260 
PRO C    C N N 261 
PRO O    O N N 262 
PRO CB   C N N 263 
PRO CG   C N N 264 
PRO CD   C N N 265 
PRO OXT  O N N 266 
PRO H    H N N 267 
PRO HA   H N N 268 
PRO HB2  H N N 269 
PRO HB3  H N N 270 
PRO HG2  H N N 271 
PRO HG3  H N N 272 
PRO HD2  H N N 273 
PRO HD3  H N N 274 
PRO HXT  H N N 275 
SER N    N N N 276 
SER CA   C N S 277 
SER C    C N N 278 
SER O    O N N 279 
SER CB   C N N 280 
SER OG   O N N 281 
SER OXT  O N N 282 
SER H    H N N 283 
SER H2   H N N 284 
SER HA   H N N 285 
SER HB2  H N N 286 
SER HB3  H N N 287 
SER HG   H N N 288 
SER HXT  H N N 289 
THR N    N N N 290 
THR CA   C N S 291 
THR C    C N N 292 
THR O    O N N 293 
THR CB   C N R 294 
THR OG1  O N N 295 
THR CG2  C N N 296 
THR OXT  O N N 297 
THR H    H N N 298 
THR H2   H N N 299 
THR HA   H N N 300 
THR HB   H N N 301 
THR HG1  H N N 302 
THR HG21 H N N 303 
THR HG22 H N N 304 
THR HG23 H N N 305 
THR HXT  H N N 306 
TRP N    N N N 307 
TRP CA   C N S 308 
TRP C    C N N 309 
TRP O    O N N 310 
TRP CB   C N N 311 
TRP CG   C Y N 312 
TRP CD1  C Y N 313 
TRP CD2  C Y N 314 
TRP NE1  N Y N 315 
TRP CE2  C Y N 316 
TRP CE3  C Y N 317 
TRP CZ2  C Y N 318 
TRP CZ3  C Y N 319 
TRP CH2  C Y N 320 
TRP OXT  O N N 321 
TRP H    H N N 322 
TRP H2   H N N 323 
TRP HA   H N N 324 
TRP HB2  H N N 325 
TRP HB3  H N N 326 
TRP HD1  H N N 327 
TRP HE1  H N N 328 
TRP HE3  H N N 329 
TRP HZ2  H N N 330 
TRP HZ3  H N N 331 
TRP HH2  H N N 332 
TRP HXT  H N N 333 
TYR N    N N N 334 
TYR CA   C N S 335 
TYR C    C N N 336 
TYR O    O N N 337 
TYR CB   C N N 338 
TYR CG   C Y N 339 
TYR CD1  C Y N 340 
TYR CD2  C Y N 341 
TYR CE1  C Y N 342 
TYR CE2  C Y N 343 
TYR CZ   C Y N 344 
TYR OH   O N N 345 
TYR OXT  O N N 346 
TYR H    H N N 347 
TYR H2   H N N 348 
TYR HA   H N N 349 
TYR HB2  H N N 350 
TYR HB3  H N N 351 
TYR HD1  H N N 352 
TYR HD2  H N N 353 
TYR HE1  H N N 354 
TYR HE2  H N N 355 
TYR HH   H N N 356 
TYR HXT  H N N 357 
VAL N    N N N 358 
VAL CA   C N S 359 
VAL C    C N N 360 
VAL O    O N N 361 
VAL CB   C N N 362 
VAL CG1  C N N 363 
VAL CG2  C N N 364 
VAL OXT  O N N 365 
VAL H    H N N 366 
VAL H2   H N N 367 
VAL HA   H N N 368 
VAL HB   H N N 369 
VAL HG11 H N N 370 
VAL HG12 H N N 371 
VAL HG13 H N N 372 
VAL HG21 H N N 373 
VAL HG22 H N N 374 
VAL HG23 H N N 375 
VAL HXT  H N N 376 
# 
loop_
_chem_comp_bond.comp_id 
_chem_comp_bond.atom_id_1 
_chem_comp_bond.atom_id_2 
_chem_comp_bond.value_order 
_chem_comp_bond.pdbx_aromatic_flag 
_chem_comp_bond.pdbx_stereo_config 
_chem_comp_bond.pdbx_ordinal 
ALA N   CA   sing N N 1   
ALA N   H    sing N N 2   
ALA N   H2   sing N N 3   
ALA CA  C    sing N N 4   
ALA CA  CB   sing N N 5   
ALA CA  HA   sing N N 6   
ALA C   O    doub N N 7   
ALA C   OXT  sing N N 8   
ALA CB  HB1  sing N N 9   
ALA CB  HB2  sing N N 10  
ALA CB  HB3  sing N N 11  
ALA OXT HXT  sing N N 12  
ARG N   CA   sing N N 13  
ARG N   H    sing N N 14  
ARG N   H2   sing N N 15  
ARG CA  C    sing N N 16  
ARG CA  CB   sing N N 17  
ARG CA  HA   sing N N 18  
ARG C   O    doub N N 19  
ARG C   OXT  sing N N 20  
ARG CB  CG   sing N N 21  
ARG CB  HB2  sing N N 22  
ARG CB  HB3  sing N N 23  
ARG CG  CD   sing N N 24  
ARG CG  HG2  sing N N 25  
ARG CG  HG3  sing N N 26  
ARG CD  NE   sing N N 27  
ARG CD  HD2  sing N N 28  
ARG CD  HD3  sing N N 29  
ARG NE  CZ   sing N N 30  
ARG NE  HE   sing N N 31  
ARG CZ  NH1  sing N N 32  
ARG CZ  NH2  doub N N 33  
ARG NH1 HH11 sing N N 34  
ARG NH1 HH12 sing N N 35  
ARG NH2 HH21 sing N N 36  
ARG NH2 HH22 sing N N 37  
ARG OXT HXT  sing N N 38  
ASN N   CA   sing N N 39  
ASN N   H    sing N N 40  
ASN N   H2   sing N N 41  
ASN CA  C    sing N N 42  
ASN CA  CB   sing N N 43  
ASN CA  HA   sing N N 44  
ASN C   O    doub N N 45  
ASN C   OXT  sing N N 46  
ASN CB  CG   sing N N 47  
ASN CB  HB2  sing N N 48  
ASN CB  HB3  sing N N 49  
ASN CG  OD1  doub N N 50  
ASN CG  ND2  sing N N 51  
ASN ND2 HD21 sing N N 52  
ASN ND2 HD22 sing N N 53  
ASN OXT HXT  sing N N 54  
ASP N   CA   sing N N 55  
ASP N   H    sing N N 56  
ASP N   H2   sing N N 57  
ASP CA  C    sing N N 58  
ASP CA  CB   sing N N 59  
ASP CA  HA   sing N N 60  
ASP C   O    doub N N 61  
ASP C   OXT  sing N N 62  
ASP CB  CG   sing N N 63  
ASP CB  HB2  sing N N 64  
ASP CB  HB3  sing N N 65  
ASP CG  OD1  doub N N 66  
ASP CG  OD2  sing N N 67  
ASP OD2 HD2  sing N N 68  
ASP OXT HXT  sing N N 69  
GLN N   CA   sing N N 70  
GLN N   H    sing N N 71  
GLN N   H2   sing N N 72  
GLN CA  C    sing N N 73  
GLN CA  CB   sing N N 74  
GLN CA  HA   sing N N 75  
GLN C   O    doub N N 76  
GLN C   OXT  sing N N 77  
GLN CB  CG   sing N N 78  
GLN CB  HB2  sing N N 79  
GLN CB  HB3  sing N N 80  
GLN CG  CD   sing N N 81  
GLN CG  HG2  sing N N 82  
GLN CG  HG3  sing N N 83  
GLN CD  OE1  doub N N 84  
GLN CD  NE2  sing N N 85  
GLN NE2 HE21 sing N N 86  
GLN NE2 HE22 sing N N 87  
GLN OXT HXT  sing N N 88  
GLU N   CA   sing N N 89  
GLU N   H    sing N N 90  
GLU N   H2   sing N N 91  
GLU CA  C    sing N N 92  
GLU CA  CB   sing N N 93  
GLU CA  HA   sing N N 94  
GLU C   O    doub N N 95  
GLU C   OXT  sing N N 96  
GLU CB  CG   sing N N 97  
GLU CB  HB2  sing N N 98  
GLU CB  HB3  sing N N 99  
GLU CG  CD   sing N N 100 
GLU CG  HG2  sing N N 101 
GLU CG  HG3  sing N N 102 
GLU CD  OE1  doub N N 103 
GLU CD  OE2  sing N N 104 
GLU OE2 HE2  sing N N 105 
GLU OXT HXT  sing N N 106 
GLY N   CA   sing N N 107 
GLY N   H    sing N N 108 
GLY N   H2   sing N N 109 
GLY CA  C    sing N N 110 
GLY CA  HA2  sing N N 111 
GLY CA  HA3  sing N N 112 
GLY C   O    doub N N 113 
GLY C   OXT  sing N N 114 
GLY OXT HXT  sing N N 115 
HIS N   CA   sing N N 116 
HIS N   H    sing N N 117 
HIS N   H2   sing N N 118 
HIS CA  C    sing N N 119 
HIS CA  CB   sing N N 120 
HIS CA  HA   sing N N 121 
HIS C   O    doub N N 122 
HIS C   OXT  sing N N 123 
HIS CB  CG   sing N N 124 
HIS CB  HB2  sing N N 125 
HIS CB  HB3  sing N N 126 
HIS CG  ND1  sing Y N 127 
HIS CG  CD2  doub Y N 128 
HIS ND1 CE1  doub Y N 129 
HIS ND1 HD1  sing N N 130 
HIS CD2 NE2  sing Y N 131 
HIS CD2 HD2  sing N N 132 
HIS CE1 NE2  sing Y N 133 
HIS CE1 HE1  sing N N 134 
HIS NE2 HE2  sing N N 135 
HIS OXT HXT  sing N N 136 
HOH O   H1   sing N N 137 
HOH O   H2   sing N N 138 
ILE N   CA   sing N N 139 
ILE N   H    sing N N 140 
ILE N   H2   sing N N 141 
ILE CA  C    sing N N 142 
ILE CA  CB   sing N N 143 
ILE CA  HA   sing N N 144 
ILE C   O    doub N N 145 
ILE C   OXT  sing N N 146 
ILE CB  CG1  sing N N 147 
ILE CB  CG2  sing N N 148 
ILE CB  HB   sing N N 149 
ILE CG1 CD1  sing N N 150 
ILE CG1 HG12 sing N N 151 
ILE CG1 HG13 sing N N 152 
ILE CG2 HG21 sing N N 153 
ILE CG2 HG22 sing N N 154 
ILE CG2 HG23 sing N N 155 
ILE CD1 HD11 sing N N 156 
ILE CD1 HD12 sing N N 157 
ILE CD1 HD13 sing N N 158 
ILE OXT HXT  sing N N 159 
LEU N   CA   sing N N 160 
LEU N   H    sing N N 161 
LEU N   H2   sing N N 162 
LEU CA  C    sing N N 163 
LEU CA  CB   sing N N 164 
LEU CA  HA   sing N N 165 
LEU C   O    doub N N 166 
LEU C   OXT  sing N N 167 
LEU CB  CG   sing N N 168 
LEU CB  HB2  sing N N 169 
LEU CB  HB3  sing N N 170 
LEU CG  CD1  sing N N 171 
LEU CG  CD2  sing N N 172 
LEU CG  HG   sing N N 173 
LEU CD1 HD11 sing N N 174 
LEU CD1 HD12 sing N N 175 
LEU CD1 HD13 sing N N 176 
LEU CD2 HD21 sing N N 177 
LEU CD2 HD22 sing N N 178 
LEU CD2 HD23 sing N N 179 
LEU OXT HXT  sing N N 180 
LYS N   CA   sing N N 181 
LYS N   H    sing N N 182 
LYS N   H2   sing N N 183 
LYS CA  C    sing N N 184 
LYS CA  CB   sing N N 185 
LYS CA  HA   sing N N 186 
LYS C   O    doub N N 187 
LYS C   OXT  sing N N 188 
LYS CB  CG   sing N N 189 
LYS CB  HB2  sing N N 190 
LYS CB  HB3  sing N N 191 
LYS CG  CD   sing N N 192 
LYS CG  HG2  sing N N 193 
LYS CG  HG3  sing N N 194 
LYS CD  CE   sing N N 195 
LYS CD  HD2  sing N N 196 
LYS CD  HD3  sing N N 197 
LYS CE  NZ   sing N N 198 
LYS CE  HE2  sing N N 199 
LYS CE  HE3  sing N N 200 
LYS NZ  HZ1  sing N N 201 
LYS NZ  HZ2  sing N N 202 
LYS NZ  HZ3  sing N N 203 
LYS OXT HXT  sing N N 204 
MET N   CA   sing N N 205 
MET N   H    sing N N 206 
MET N   H2   sing N N 207 
MET CA  C    sing N N 208 
MET CA  CB   sing N N 209 
MET CA  HA   sing N N 210 
MET C   O    doub N N 211 
MET C   OXT  sing N N 212 
MET CB  CG   sing N N 213 
MET CB  HB2  sing N N 214 
MET CB  HB3  sing N N 215 
MET CG  SD   sing N N 216 
MET CG  HG2  sing N N 217 
MET CG  HG3  sing N N 218 
MET SD  CE   sing N N 219 
MET CE  HE1  sing N N 220 
MET CE  HE2  sing N N 221 
MET CE  HE3  sing N N 222 
MET OXT HXT  sing N N 223 
PHE N   CA   sing N N 224 
PHE N   H    sing N N 225 
PHE N   H2   sing N N 226 
PHE CA  C    sing N N 227 
PHE CA  CB   sing N N 228 
PHE CA  HA   sing N N 229 
PHE C   O    doub N N 230 
PHE C   OXT  sing N N 231 
PHE CB  CG   sing N N 232 
PHE CB  HB2  sing N N 233 
PHE CB  HB3  sing N N 234 
PHE CG  CD1  doub Y N 235 
PHE CG  CD2  sing Y N 236 
PHE CD1 CE1  sing Y N 237 
PHE CD1 HD1  sing N N 238 
PHE CD2 CE2  doub Y N 239 
PHE CD2 HD2  sing N N 240 
PHE CE1 CZ   doub Y N 241 
PHE CE1 HE1  sing N N 242 
PHE CE2 CZ   sing Y N 243 
PHE CE2 HE2  sing N N 244 
PHE CZ  HZ   sing N N 245 
PHE OXT HXT  sing N N 246 
PRO N   CA   sing N N 247 
PRO N   CD   sing N N 248 
PRO N   H    sing N N 249 
PRO CA  C    sing N N 250 
PRO CA  CB   sing N N 251 
PRO CA  HA   sing N N 252 
PRO C   O    doub N N 253 
PRO C   OXT  sing N N 254 
PRO CB  CG   sing N N 255 
PRO CB  HB2  sing N N 256 
PRO CB  HB3  sing N N 257 
PRO CG  CD   sing N N 258 
PRO CG  HG2  sing N N 259 
PRO CG  HG3  sing N N 260 
PRO CD  HD2  sing N N 261 
PRO CD  HD3  sing N N 262 
PRO OXT HXT  sing N N 263 
SER N   CA   sing N N 264 
SER N   H    sing N N 265 
SER N   H2   sing N N 266 
SER CA  C    sing N N 267 
SER CA  CB   sing N N 268 
SER CA  HA   sing N N 269 
SER C   O    doub N N 270 
SER C   OXT  sing N N 271 
SER CB  OG   sing N N 272 
SER CB  HB2  sing N N 273 
SER CB  HB3  sing N N 274 
SER OG  HG   sing N N 275 
SER OXT HXT  sing N N 276 
THR N   CA   sing N N 277 
THR N   H    sing N N 278 
THR N   H2   sing N N 279 
THR CA  C    sing N N 280 
THR CA  CB   sing N N 281 
THR CA  HA   sing N N 282 
THR C   O    doub N N 283 
THR C   OXT  sing N N 284 
THR CB  OG1  sing N N 285 
THR CB  CG2  sing N N 286 
THR CB  HB   sing N N 287 
THR OG1 HG1  sing N N 288 
THR CG2 HG21 sing N N 289 
THR CG2 HG22 sing N N 290 
THR CG2 HG23 sing N N 291 
THR OXT HXT  sing N N 292 
TRP N   CA   sing N N 293 
TRP N   H    sing N N 294 
TRP N   H2   sing N N 295 
TRP CA  C    sing N N 296 
TRP CA  CB   sing N N 297 
TRP CA  HA   sing N N 298 
TRP C   O    doub N N 299 
TRP C   OXT  sing N N 300 
TRP CB  CG   sing N N 301 
TRP CB  HB2  sing N N 302 
TRP CB  HB3  sing N N 303 
TRP CG  CD1  doub Y N 304 
TRP CG  CD2  sing Y N 305 
TRP CD1 NE1  sing Y N 306 
TRP CD1 HD1  sing N N 307 
TRP CD2 CE2  doub Y N 308 
TRP CD2 CE3  sing Y N 309 
TRP NE1 CE2  sing Y N 310 
TRP NE1 HE1  sing N N 311 
TRP CE2 CZ2  sing Y N 312 
TRP CE3 CZ3  doub Y N 313 
TRP CE3 HE3  sing N N 314 
TRP CZ2 CH2  doub Y N 315 
TRP CZ2 HZ2  sing N N 316 
TRP CZ3 CH2  sing Y N 317 
TRP CZ3 HZ3  sing N N 318 
TRP CH2 HH2  sing N N 319 
TRP OXT HXT  sing N N 320 
TYR N   CA   sing N N 321 
TYR N   H    sing N N 322 
TYR N   H2   sing N N 323 
TYR CA  C    sing N N 324 
TYR CA  CB   sing N N 325 
TYR CA  HA   sing N N 326 
TYR C   O    doub N N 327 
TYR C   OXT  sing N N 328 
TYR CB  CG   sing N N 329 
TYR CB  HB2  sing N N 330 
TYR CB  HB3  sing N N 331 
TYR CG  CD1  doub Y N 332 
TYR CG  CD2  sing Y N 333 
TYR CD1 CE1  sing Y N 334 
TYR CD1 HD1  sing N N 335 
TYR CD2 CE2  doub Y N 336 
TYR CD2 HD2  sing N N 337 
TYR CE1 CZ   doub Y N 338 
TYR CE1 HE1  sing N N 339 
TYR CE2 CZ   sing Y N 340 
TYR CE2 HE2  sing N N 341 
TYR CZ  OH   sing N N 342 
TYR OH  HH   sing N N 343 
TYR OXT HXT  sing N N 344 
VAL N   CA   sing N N 345 
VAL N   H    sing N N 346 
VAL N   H2   sing N N 347 
VAL CA  C    sing N N 348 
VAL CA  CB   sing N N 349 
VAL CA  HA   sing N N 350 
VAL C   O    doub N N 351 
VAL C   OXT  sing N N 352 
VAL CB  CG1  sing N N 353 
VAL CB  CG2  sing N N 354 
VAL CB  HB   sing N N 355 
VAL CG1 HG11 sing N N 356 
VAL CG1 HG12 sing N N 357 
VAL CG1 HG13 sing N N 358 
VAL CG2 HG21 sing N N 359 
VAL CG2 HG22 sing N N 360 
VAL CG2 HG23 sing N N 361 
VAL OXT HXT  sing N N 362 
# 
loop_
_pdbx_audit_support.funding_organization 
_pdbx_audit_support.country 
_pdbx_audit_support.grant_number 
_pdbx_audit_support.ordinal 
'European Research Council under the European Union Seventh Framework Programme' Israel 310649 1 
'Kimmel Center for Macromolecular Assemblies'                                    Israel .      2 
# 
_pdbx_initial_refinement_model.id               1 
_pdbx_initial_refinement_model.entity_id_list   ? 
_pdbx_initial_refinement_model.type             'experimental model' 
_pdbx_initial_refinement_model.source_name      PDB 
_pdbx_initial_refinement_model.accession_code   4YEP 
_pdbx_initial_refinement_model.details          ? 
# 
_atom_sites.entry_id                    4YEQ 
_atom_sites.fract_transf_matrix[1][1]   0.00153417 
_atom_sites.fract_transf_matrix[1][2]   -0.00203979 
_atom_sites.fract_transf_matrix[1][3]   0.00669757 
_atom_sites.fract_transf_matrix[2][1]   0.00591848 
_atom_sites.fract_transf_matrix[2][2]   0.00243980 
_atom_sites.fract_transf_matrix[2][3]   0.00322255 
_atom_sites.fract_transf_matrix[3][1]   -0.00652619 
_atom_sites.fract_transf_matrix[3][2]   0.00988168 
_atom_sites.fract_transf_matrix[3][3]   0.00450445 
_atom_sites.fract_transf_vector[1]      0.393828 
_atom_sites.fract_transf_vector[2]      0.545288 
_atom_sites.fract_transf_vector[3]      0.432008 
# 
loop_
_atom_type.symbol 
C 
N 
O 
S 
# 
loop_
_atom_site.group_PDB 
_atom_site.id 
_atom_site.type_symbol 
_atom_site.label_atom_id 
_atom_site.label_alt_id 
_atom_site.label_comp_id 
_atom_site.label_asym_id 
_atom_site.label_entity_id 
_atom_site.label_seq_id 
_atom_site.pdbx_PDB_ins_code 
_atom_site.Cartn_x 
_atom_site.Cartn_y 
_atom_site.Cartn_z 
_atom_site.occupancy 
_atom_site.B_iso_or_equiv 
_atom_site.pdbx_formal_charge 
_atom_site.auth_seq_id 
_atom_site.auth_comp_id 
_atom_site.auth_asym_id 
_atom_site.auth_atom_id 
_atom_site.pdbx_PDB_model_num 
ATOM   1    N N   . GLY A 1 4   ? -3.142  20.312  -19.899 1.00 125.11 ? 5   GLY U N   1 
ATOM   2    C CA  . GLY A 1 4   ? -4.342  20.661  -19.162 1.00 124.32 ? 5   GLY U CA  1 
ATOM   3    C C   . GLY A 1 4   ? -4.058  21.235  -17.784 1.00 130.90 ? 5   GLY U C   1 
ATOM   4    O O   . GLY A 1 4   ? -4.443  22.372  -17.503 1.00 132.71 ? 5   GLY U O   1 
ATOM   5    N N   . LEU A 1 5   ? -3.366  20.448  -16.953 1.00 132.78 ? 6   LEU U N   1 
ATOM   6    C CA  . LEU A 1 5   ? -3.150  20.691  -15.510 1.00 130.24 ? 6   LEU U CA  1 
ATOM   7    C C   . LEU A 1 5   ? -4.465  20.424  -14.750 1.00 125.01 ? 6   LEU U C   1 
ATOM   8    O O   . LEU A 1 5   ? -4.856  21.187  -13.860 1.00 120.49 ? 6   LEU U O   1 
ATOM   9    C CB  . LEU A 1 5   ? -2.613  22.115  -15.236 1.00 124.81 ? 6   LEU U CB  1 
ATOM   10   C CG  . LEU A 1 5   ? -1.605  22.350  -14.097 1.00 118.13 ? 6   LEU U CG  1 
ATOM   11   C CD1 . LEU A 1 5   ? -0.849  23.655  -14.319 1.00 108.12 ? 6   LEU U CD1 1 
ATOM   12   C CD2 . LEU A 1 5   ? -2.260  22.346  -12.721 1.00 116.88 ? 6   LEU U CD2 1 
ATOM   13   N N   . ILE A 1 6   ? -5.124  19.320  -15.115 1.00 121.83 ? 7   ILE U N   1 
ATOM   14   C CA  . ILE A 1 6   ? -6.409  18.911  -14.535 1.00 117.52 ? 7   ILE U CA  1 
ATOM   15   C C   . ILE A 1 6   ? -6.251  17.849  -13.432 1.00 111.83 ? 7   ILE U C   1 
ATOM   16   O O   . ILE A 1 6   ? -6.407  16.651  -13.687 1.00 106.21 ? 7   ILE U O   1 
ATOM   17   C CB  . ILE A 1 6   ? -7.370  18.344  -15.623 1.00 118.85 ? 7   ILE U CB  1 
ATOM   18   C CG1 . ILE A 1 6   ? -7.322  19.170  -16.912 1.00 118.95 ? 7   ILE U CG1 1 
ATOM   19   C CG2 . ILE A 1 6   ? -8.798  18.252  -15.094 1.00 116.62 ? 7   ILE U CG2 1 
ATOM   20   C CD1 . ILE A 1 6   ? -8.299  18.673  -17.982 1.00 113.31 ? 7   ILE U CD1 1 
ATOM   21   N N   . ARG A 1 7   ? -5.968  18.302  -12.209 1.00 112.27 ? 8   ARG U N   1 
ATOM   22   C CA  . ARG A 1 7   ? -5.719  17.435  -11.040 1.00 104.75 ? 8   ARG U CA  1 
ATOM   23   C C   . ARG A 1 7   ? -6.921  16.557  -10.618 1.00 101.10 ? 8   ARG U C   1 
ATOM   24   O O   . ARG A 1 7   ? -7.952  17.080  -10.194 1.00 108.40 ? 8   ARG U O   1 
ATOM   25   C CB  . ARG A 1 7   ? -5.280  18.319  -9.868  1.00 104.53 ? 8   ARG U CB  1 
ATOM   26   C CG  . ARG A 1 7   ? -5.558  17.768  -8.477  1.00 105.17 ? 8   ARG U CG  1 
ATOM   27   C CD  . ARG A 1 7   ? -5.057  18.716  -7.395  1.00 108.49 ? 8   ARG U CD  1 
ATOM   28   N NE  . ARG A 1 7   ? -3.840  19.421  -7.774  1.00 114.61 ? 8   ARG U NE  1 
ATOM   29   C CZ  . ARG A 1 7   ? -2.933  19.849  -6.904  1.00 114.48 ? 8   ARG U CZ  1 
ATOM   30   N NH1 . ARG A 1 7   ? -3.115  19.641  -5.605  1.00 112.23 ? 8   ARG U NH1 1 
ATOM   31   N NH2 . ARG A 1 7   ? -1.850  20.487  -7.328  1.00 114.79 ? 8   ARG U NH2 1 
ATOM   32   N N   . THR A 1 8   ? -6.777  15.233  -10.725 1.00 94.45  ? 9   THR U N   1 
ATOM   33   C CA  . THR A 1 8   ? -7.843  14.281  -10.380 1.00 94.50  ? 9   THR U CA  1 
ATOM   34   C C   . THR A 1 8   ? -7.364  13.328  -9.293  1.00 95.85  ? 9   THR U C   1 
ATOM   35   O O   . THR A 1 8   ? -6.161  13.178  -9.093  1.00 97.99  ? 9   THR U O   1 
ATOM   36   C CB  . THR A 1 8   ? -8.290  13.446  -11.605 1.00 87.78  ? 9   THR U CB  1 
ATOM   37   O OG1 . THR A 1 8   ? -8.444  14.301  -12.741 1.00 98.21  ? 9   THR U OG1 1 
ATOM   38   C CG2 . THR A 1 8   ? -9.594  12.689  -11.343 1.00 79.44  ? 9   THR U CG2 1 
ATOM   39   N N   . TRP A 1 9   ? -8.294  12.690  -8.586  1.00 91.36  ? 10  TRP U N   1 
ATOM   40   C CA  . TRP A 1 9   ? -7.932  11.627  -7.659  1.00 83.77  ? 10  TRP U CA  1 
ATOM   41   C C   . TRP A 1 9   ? -8.639  10.332  -7.966  1.00 82.47  ? 10  TRP U C   1 
ATOM   42   O O   . TRP A 1 9   ? -9.853  10.293  -8.103  1.00 86.93  ? 10  TRP U O   1 
ATOM   43   C CB  . TRP A 1 9   ? -8.251  12.010  -6.230  1.00 81.32  ? 10  TRP U CB  1 
ATOM   44   C CG  . TRP A 1 9   ? -7.446  13.114  -5.746  1.00 89.93  ? 10  TRP U CG  1 
ATOM   45   C CD1 . TRP A 1 9   ? -6.258  13.038  -5.082  1.00 93.54  ? 10  TRP U CD1 1 
ATOM   46   C CD2 . TRP A 1 9   ? -7.754  14.500  -5.872  1.00 101.82 ? 10  TRP U CD2 1 
ATOM   47   N NE1 . TRP A 1 9   ? -5.803  14.299  -4.783  1.00 101.85 ? 10  TRP U NE1 1 
ATOM   48   C CE2 . TRP A 1 9   ? -6.705  15.216  -5.260  1.00 108.16 ? 10  TRP U CE2 1 
ATOM   49   C CE3 . TRP A 1 9   ? -8.817  15.210  -6.443  1.00 100.43 ? 10  TRP U CE3 1 
ATOM   50   C CZ2 . TRP A 1 9   ? -6.688  16.607  -5.204  1.00 110.04 ? 10  TRP U CZ2 1 
ATOM   51   C CZ3 . TRP A 1 9   ? -8.800  16.588  -6.384  1.00 104.08 ? 10  TRP U CZ3 1 
ATOM   52   C CH2 . TRP A 1 9   ? -7.741  17.273  -5.769  1.00 110.19 ? 10  TRP U CH2 1 
ATOM   53   N N   . VAL A 1 10  ? -7.871  9.263   -8.061  1.00 83.21  ? 11  VAL U N   1 
ATOM   54   C CA  . VAL A 1 10  ? -8.463  7.950   -8.082  1.00 80.56  ? 11  VAL U CA  1 
ATOM   55   C C   . VAL A 1 10  ? -8.675  7.574   -6.638  1.00 80.03  ? 11  VAL U C   1 
ATOM   56   O O   . VAL A 1 10  ? -7.813  7.830   -5.791  1.00 76.09  ? 11  VAL U O   1 
ATOM   57   C CB  . VAL A 1 10  ? -7.574  6.917   -8.781  1.00 82.03  ? 11  VAL U CB  1 
ATOM   58   C CG1 . VAL A 1 10  ? -8.214  5.537   -8.719  1.00 76.39  ? 11  VAL U CG1 1 
ATOM   59   C CG2 . VAL A 1 10  ? -7.317  7.331   -10.216 1.00 82.77  ? 11  VAL U CG2 1 
ATOM   60   N N   . THR A 1 11  ? -9.846  7.017   -6.360  1.00 79.52  ? 12  THR U N   1 
ATOM   61   C CA  . THR A 1 11  ? -10.193 6.502   -5.046  1.00 77.71  ? 12  THR U CA  1 
ATOM   62   C C   . THR A 1 11  ? -10.948 5.236   -5.281  1.00 77.40  ? 12  THR U C   1 
ATOM   63   O O   . THR A 1 11  ? -11.087 4.821   -6.424  1.00 83.65  ? 12  THR U O   1 
ATOM   64   C CB  . THR A 1 11  ? -11.075 7.443   -4.263  1.00 80.35  ? 12  THR U CB  1 
ATOM   65   O OG1 . THR A 1 11  ? -12.284 7.646   -4.999  1.00 82.46  ? 12  THR U OG1 1 
ATOM   66   C CG2 . THR A 1 11  ? -10.382 8.773   -4.055  1.00 80.12  ? 12  THR U CG2 1 
ATOM   67   N N   . LEU A 1 12  ? -11.469 4.631   -4.225  1.00 75.59  ? 13  LEU U N   1 
ATOM   68   C CA  . LEU A 1 12  ? -12.235 3.409   -4.415  1.00 85.01  ? 13  LEU U CA  1 
ATOM   69   C C   . LEU A 1 12  ? -13.624 3.735   -4.917  1.00 96.49  ? 13  LEU U C   1 
ATOM   70   O O   . LEU A 1 12  ? -14.140 4.832   -4.662  1.00 99.43  ? 13  LEU U O   1 
ATOM   71   C CB  . LEU A 1 12  ? -12.340 2.619   -3.123  1.00 86.28  ? 13  LEU U CB  1 
ATOM   72   C CG  . LEU A 1 12  ? -11.014 2.346   -2.443  1.00 80.95  ? 13  LEU U CG  1 
ATOM   73   C CD1 . LEU A 1 12  ? -10.823 3.327   -1.278  1.00 83.53  ? 13  LEU U CD1 1 
ATOM   74   C CD2 . LEU A 1 12  ? -10.977 0.908   -1.999  1.00 74.76  ? 13  LEU U CD2 1 
ATOM   75   N N   . LYS A 1 13  ? -14.233 2.790   -5.630  1.00 96.81  ? 14  LYS U N   1 
ATOM   76   C CA  . LYS A 1 13  ? -15.648 2.924   -5.913  1.00 104.62 ? 14  LYS U CA  1 
ATOM   77   C C   . LYS A 1 13  ? -16.324 2.815   -4.555  1.00 112.39 ? 14  LYS U C   1 
ATOM   78   O O   . LYS A 1 13  ? -15.967 1.952   -3.735  1.00 105.25 ? 14  LYS U O   1 
ATOM   79   C CB  . LYS A 1 13  ? -16.167 1.857   -6.894  1.00 109.51 ? 14  LYS U CB  1 
ATOM   80   C CG  . LYS A 1 13  ? -17.711 1.842   -7.161  1.00 117.13 ? 14  LYS U CG  1 
ATOM   81   C CD  . LYS A 1 13  ? -18.440 3.175   -6.955  1.00 109.11 ? 14  LYS U CD  1 
ATOM   82   C CE  . LYS A 1 13  ? -19.869 3.158   -7.429  1.00 102.98 ? 14  LYS U CE  1 
ATOM   83   N NZ  . LYS A 1 13  ? -20.543 4.484   -7.278  1.00 103.57 ? 14  LYS U NZ  1 
ATOM   84   N N   . ALA A 1 14  ? -17.262 3.733   -4.326  1.00 118.40 ? 15  ALA U N   1 
ATOM   85   C CA  . ALA A 1 14  ? -18.200 3.666   -3.223  1.00 114.26 ? 15  ALA U CA  1 
ATOM   86   C C   . ALA A 1 14  ? -18.717 2.237   -3.017  1.00 115.73 ? 15  ALA U C   1 
ATOM   87   O O   . ALA A 1 14  ? -18.900 1.805   -1.881  1.00 115.05 ? 15  ALA U O   1 
ATOM   88   C CB  . ALA A 1 14  ? -19.356 4.627   -3.472  1.00 107.79 ? 15  ALA U CB  1 
ATOM   89   N N   . GLU A 1 15  ? -18.928 1.501   -4.109  1.00 111.45 ? 16  GLU U N   1 
ATOM   90   C CA  . GLU A 1 15  ? -19.392 0.113   -4.025  1.00 113.31 ? 16  GLU U CA  1 
ATOM   91   C C   . GLU A 1 15  ? -18.324 -0.831  -3.439  1.00 118.22 ? 16  GLU U C   1 
ATOM   92   O O   . GLU A 1 15  ? -18.649 -1.670  -2.586  1.00 118.45 ? 16  GLU U O   1 
ATOM   93   C CB  . GLU A 1 15  ? -19.857 -0.377  -5.403  1.00 114.43 ? 16  GLU U CB  1 
ATOM   94   C CG  . GLU A 1 15  ? -19.927 -1.912  -5.588  1.00 122.70 ? 16  GLU U CG  1 
ATOM   95   C CD  . GLU A 1 15  ? -18.587 -2.596  -5.877  1.00 131.40 ? 16  GLU U CD  1 
ATOM   96   O OE1 . GLU A 1 15  ? -17.771 -2.021  -6.629  1.00 134.89 ? 16  GLU U OE1 1 
ATOM   97   O OE2 . GLU A 1 15  ? -18.344 -3.702  -5.334  1.00 132.63 ? 16  GLU U OE2 1 
ATOM   98   N N   . GLN A 1 16  ? -17.075 -0.716  -3.910  1.00 119.54 ? 17  GLN U N   1 
ATOM   99   C CA  . GLN A 1 16  ? -15.963 -1.522  -3.391  1.00 108.31 ? 17  GLN U CA  1 
ATOM   100  C C   . GLN A 1 16  ? -15.720 -1.236  -1.923  1.00 98.73  ? 17  GLN U C   1 
ATOM   101  O O   . GLN A 1 16  ? -15.036 -0.277  -1.570  1.00 97.11  ? 17  GLN U O   1 
ATOM   102  C CB  . GLN A 1 16  ? -14.678 -1.244  -4.159  1.00 108.46 ? 17  GLN U CB  1 
ATOM   103  C CG  . GLN A 1 16  ? -14.660 -1.679  -5.604  1.00 109.31 ? 17  GLN U CG  1 
ATOM   104  C CD  . GLN A 1 16  ? -13.522 -1.033  -6.358  1.00 97.94  ? 17  GLN U CD  1 
ATOM   105  O OE1 . GLN A 1 16  ? -12.998 0.006   -5.946  1.00 90.28  ? 17  GLN U OE1 1 
ATOM   106  N NE2 . GLN A 1 16  ? -13.132 -1.642  -7.466  1.00 93.53  ? 17  GLN U NE2 1 
ATOM   107  N N   . THR A 1 17  ? -16.274 -2.073  -1.066  1.00 89.90  ? 18  THR U N   1 
ATOM   108  C CA  . THR A 1 17  ? -16.252 -1.771  0.348   1.00 93.57  ? 18  THR U CA  1 
ATOM   109  C C   . THR A 1 17  ? -15.343 -2.746  1.040   1.00 86.88  ? 18  THR U C   1 
ATOM   110  O O   . THR A 1 17  ? -15.140 -2.692  2.253   1.00 83.25  ? 18  THR U O   1 
ATOM   111  C CB  . THR A 1 17  ? -17.653 -1.836  0.943   1.00 97.69  ? 18  THR U CB  1 
ATOM   112  O OG1 . THR A 1 17  ? -18.331 -2.990  0.426   1.00 93.34  ? 18  THR U OG1 1 
ATOM   113  C CG2 . THR A 1 17  ? -18.426 -0.587  0.554   1.00 98.71  ? 18  THR U CG2 1 
ATOM   114  N N   . ILE A 1 18  ? -14.783 -3.641  0.244   1.00 84.04  ? 19  ILE U N   1 
ATOM   115  C CA  . ILE A 1 18  ? -13.902 -4.638  0.795   1.00 74.33  ? 19  ILE U CA  1 
ATOM   116  C C   . ILE A 1 18  ? -12.570 -4.734  0.019   1.00 72.20  ? 19  ILE U C   1 
ATOM   117  O O   . ILE A 1 18  ? -12.501 -4.580  -1.205  1.00 74.64  ? 19  ILE U O   1 
ATOM   118  C CB  . ILE A 1 18  ? -14.626 -5.989  0.860   1.00 70.84  ? 19  ILE U CB  1 
ATOM   119  C CG1 . ILE A 1 18  ? -14.062 -6.798  2.019   1.00 75.99  ? 19  ILE U CG1 1 
ATOM   120  C CG2 . ILE A 1 18  ? -14.611 -6.713  -0.487  1.00 76.78  ? 19  ILE U CG2 1 
ATOM   121  C CD1 . ILE A 1 18  ? -14.015 -5.987  3.304   1.00 74.05  ? 19  ILE U CD1 1 
ATOM   122  N N   . LEU A 1 19  ? -11.499 -4.947  0.759   1.00 63.05  ? 20  LEU U N   1 
ATOM   123  C CA  . LEU A 1 19  ? -10.172 -4.944  0.193   1.00 55.79  ? 20  LEU U CA  1 
ATOM   124  C C   . LEU A 1 19  ? -9.399  -6.090  0.752   1.00 59.93  ? 20  LEU U C   1 
ATOM   125  O O   . LEU A 1 19  ? -9.146  -6.145  1.951   1.00 61.87  ? 20  LEU U O   1 
ATOM   126  C CB  . LEU A 1 19  ? -9.443  -3.656  0.506   1.00 60.47  ? 20  LEU U CB  1 
ATOM   127  C CG  . LEU A 1 19  ? -9.588  -2.579  -0.544  1.00 62.31  ? 20  LEU U CG  1 
ATOM   128  C CD1 . LEU A 1 19  ? -8.492  -1.563  -0.336  1.00 57.03  ? 20  LEU U CD1 1 
ATOM   129  C CD2 . LEU A 1 19  ? -9.528  -3.202  -1.923  1.00 65.24  ? 20  LEU U CD2 1 
ATOM   130  N N   . PRO A 1 20  ? -8.987  -6.993  -0.123  1.00 57.71  ? 21  PRO U N   1 
ATOM   131  C CA  . PRO A 1 20  ? -8.356  -8.257  0.247   1.00 55.39  ? 21  PRO U CA  1 
ATOM   132  C C   . PRO A 1 20  ? -7.038  -8.067  0.964   1.00 57.98  ? 21  PRO U C   1 
ATOM   133  O O   . PRO A 1 20  ? -6.359  -7.050  0.822   1.00 59.30  ? 21  PRO U O   1 
ATOM   134  C CB  . PRO A 1 20  ? -8.134  -8.931  -1.098  1.00 57.59  ? 21  PRO U CB  1 
ATOM   135  C CG  . PRO A 1 20  ? -8.032  -7.799  -2.054  1.00 57.72  ? 21  PRO U CG  1 
ATOM   136  C CD  . PRO A 1 20  ? -8.955  -6.752  -1.572  1.00 55.46  ? 21  PRO U CD  1 
ATOM   137  N N   . LEU A 1 21  ? -6.667  -9.056  1.751   1.00 57.39  ? 22  LEU U N   1 
ATOM   138  C CA  . LEU A 1 21  ? -5.343  -9.047  2.304   1.00 59.48  ? 22  LEU U CA  1 
ATOM   139  C C   . LEU A 1 21  ? -4.473  -9.970  1.475   1.00 66.51  ? 22  LEU U C   1 
ATOM   140  O O   . LEU A 1 21  ? -4.980  -10.884 0.818   1.00 68.72  ? 22  LEU U O   1 
ATOM   141  C CB  . LEU A 1 21  ? -5.365  -9.457  3.765   1.00 56.15  ? 22  LEU U CB  1 
ATOM   142  C CG  . LEU A 1 21  ? -5.805  -8.313  4.668   1.00 53.83  ? 22  LEU U CG  1 
ATOM   143  C CD1 . LEU A 1 21  ? -5.271  -8.575  6.019   1.00 56.51  ? 22  LEU U CD1 1 
ATOM   144  C CD2 . LEU A 1 21  ? -5.320  -6.974  4.182   1.00 54.19  ? 22  LEU U CD2 1 
ATOM   145  N N   . VAL A 1 22  ? -3.169  -9.702  1.476   1.00 64.86  ? 23  VAL U N   1 
ATOM   146  C CA  . VAL A 1 22  ? -2.200  -10.565 0.813   1.00 61.73  ? 23  VAL U CA  1 
ATOM   147  C C   . VAL A 1 22  ? -0.904  -10.540 1.597   1.00 65.59  ? 23  VAL U C   1 
ATOM   148  O O   . VAL A 1 22  ? -0.664  -9.608  2.379   1.00 62.99  ? 23  VAL U O   1 
ATOM   149  C CB  . VAL A 1 22  ? -1.917  -10.126 -0.624  1.00 59.88  ? 23  VAL U CB  1 
ATOM   150  C CG1 . VAL A 1 22  ? -3.052  -10.492 -1.535  1.00 59.38  ? 23  VAL U CG1 1 
ATOM   151  C CG2 . VAL A 1 22  ? -1.676  -8.634  -0.667  1.00 61.39  ? 23  VAL U CG2 1 
ATOM   152  N N   . ASP A 1 23  ? -0.092  -11.577 1.400   1.00 63.65  ? 24  ASP U N   1 
ATOM   153  C CA  . ASP A 1 23  ? 1.282   -11.600 1.883   1.00 65.70  ? 24  ASP U CA  1 
ATOM   154  C C   . ASP A 1 23  ? 2.109   -10.792 0.904   1.00 68.84  ? 24  ASP U C   1 
ATOM   155  O O   . ASP A 1 23  ? 1.666   -10.589 -0.230  1.00 67.69  ? 24  ASP U O   1 
ATOM   156  C CB  . ASP A 1 23  ? 1.816   -13.034 1.982   1.00 69.05  ? 24  ASP U CB  1 
ATOM   157  C CG  . ASP A 1 23  ? 1.382   -13.907 0.804   1.00 71.47  ? 24  ASP U CG  1 
ATOM   158  O OD1 . ASP A 1 23  ? 0.833   -13.354 -0.172  1.00 68.88  ? 24  ASP U OD1 1 
ATOM   159  O OD2 . ASP A 1 23  ? 1.579   -15.142 0.858   1.00 71.13  ? 24  ASP U OD2 1 
ATOM   160  N N   . GLU A 1 24  ? 3.294   -10.340 1.321   1.00 66.30  ? 25  GLU U N   1 
ATOM   161  C CA  . GLU A 1 24  ? 4.236   -9.701  0.400   1.00 58.27  ? 25  GLU U CA  1 
ATOM   162  C C   . GLU A 1 24  ? 4.319   -10.479 -0.904  1.00 65.22  ? 25  GLU U C   1 
ATOM   163  O O   . GLU A 1 24  ? 4.351   -9.913  -1.987  1.00 67.76  ? 25  GLU U O   1 
ATOM   164  C CB  . GLU A 1 24  ? 5.627   -9.603  1.017   1.00 51.83  ? 25  GLU U CB  1 
ATOM   165  C CG  . GLU A 1 24  ? 5.949   -8.269  1.631   1.00 51.30  ? 25  GLU U CG  1 
ATOM   166  C CD  . GLU A 1 24  ? 7.341   -8.214  2.240   1.00 62.29  ? 25  GLU U CD  1 
ATOM   167  O OE1 . GLU A 1 24  ? 7.438   -8.027  3.473   1.00 69.52  ? 25  GLU U OE1 1 
ATOM   168  O OE2 . GLU A 1 24  ? 8.339   -8.329  1.497   1.00 63.09  ? 25  GLU U OE2 1 
ATOM   169  N N   . ALA A 1 25  ? 4.319   -11.795 -0.787  1.00 64.18  ? 26  ALA U N   1 
ATOM   170  C CA  . ALA A 1 25  ? 4.457   -12.657 -1.943  1.00 67.81  ? 26  ALA U CA  1 
ATOM   171  C C   . ALA A 1 25  ? 3.315   -12.568 -2.951  1.00 70.20  ? 26  ALA U C   1 
ATOM   172  O O   . ALA A 1 25  ? 3.509   -12.901 -4.111  1.00 76.61  ? 26  ALA U O   1 
ATOM   173  C CB  . ALA A 1 25  ? 4.608   -14.097 -1.476  1.00 77.92  ? 26  ALA U CB  1 
ATOM   174  N N   . LEU A 1 26  ? 2.131   -12.145 -2.516  1.00 67.33  ? 27  LEU U N   1 
ATOM   175  C CA  . LEU A 1 26  ? 0.906   -12.343 -3.304  1.00 67.84  ? 27  LEU U CA  1 
ATOM   176  C C   . LEU A 1 26  ? 0.742   -13.814 -3.673  1.00 69.46  ? 27  LEU U C   1 
ATOM   177  O O   . LEU A 1 26  ? 0.327   -14.158 -4.778  1.00 65.10  ? 27  LEU U O   1 
ATOM   178  C CB  . LEU A 1 26  ? 0.892   -11.484 -4.565  1.00 58.13  ? 27  LEU U CB  1 
ATOM   179  C CG  . LEU A 1 26  ? 0.668   -10.007 -4.280  1.00 58.66  ? 27  LEU U CG  1 
ATOM   180  C CD1 . LEU A 1 26  ? 1.973   -9.383  -3.892  1.00 61.79  ? 27  LEU U CD1 1 
ATOM   181  C CD2 . LEU A 1 26  ? 0.048   -9.270  -5.448  1.00 50.05  ? 27  LEU U CD2 1 
ATOM   182  N N   . GLN A 1 27  ? 1.081   -14.678 -2.729  1.00 71.18  ? 28  GLN U N   1 
ATOM   183  C CA  . GLN A 1 27  ? 0.907   -16.101 -2.916  1.00 74.50  ? 28  GLN U CA  1 
ATOM   184  C C   . GLN A 1 27  ? -0.471  -16.527 -2.488  1.00 77.84  ? 28  GLN U C   1 
ATOM   185  O O   . GLN A 1 27  ? -1.038  -17.456 -3.048  1.00 80.28  ? 28  GLN U O   1 
ATOM   186  C CB  . GLN A 1 27  ? 1.965   -16.879 -2.147  1.00 84.18  ? 28  GLN U CB  1 
ATOM   187  C CG  . GLN A 1 27  ? 3.165   -17.169 -3.002  1.00 90.05  ? 28  GLN U CG  1 
ATOM   188  C CD  . GLN A 1 27  ? 2.732   -17.628 -4.378  1.00 99.82  ? 28  GLN U CD  1 
ATOM   189  O OE1 . GLN A 1 27  ? 2.255   -18.755 -4.543  1.00 103.88 ? 28  GLN U OE1 1 
ATOM   190  N NE2 . GLN A 1 27  ? 2.860   -16.744 -5.373  1.00 100.19 ? 28  GLN U NE2 1 
ATOM   191  N N   . HIS A 1 28  ? -1.015  -15.848 -1.489  1.00 76.43  ? 29  HIS U N   1 
ATOM   192  C CA  . HIS A 1 28  ? -2.389  -16.104 -1.104  1.00 73.17  ? 29  HIS U CA  1 
ATOM   193  C C   . HIS A 1 28  ? -3.153  -14.798 -0.866  1.00 74.73  ? 29  HIS U C   1 
ATOM   194  O O   . HIS A 1 28  ? -2.557  -13.715 -0.795  1.00 71.04  ? 29  HIS U O   1 
ATOM   195  C CB  . HIS A 1 28  ? -2.422  -16.983 0.134   1.00 73.70  ? 29  HIS U CB  1 
ATOM   196  C CG  . HIS A 1 28  ? -1.356  -18.038 0.164   1.00 80.51  ? 29  HIS U CG  1 
ATOM   197  N ND1 . HIS A 1 28  ? -0.052  -17.769 0.528   1.00 76.14  ? 29  HIS U ND1 1 
ATOM   198  C CD2 . HIS A 1 28  ? -1.407  -19.368 -0.093  1.00 78.03  ? 29  HIS U CD2 1 
ATOM   199  C CE1 . HIS A 1 28  ? 0.652   -18.887 0.489   1.00 78.26  ? 29  HIS U CE1 1 
ATOM   200  N NE2 . HIS A 1 28  ? -0.146  -19.871 0.112   1.00 74.20  ? 29  HIS U NE2 1 
ATOM   201  N N   . THR A 1 29  ? -4.476  -14.910 -0.769  1.00 75.42  ? 30  THR U N   1 
ATOM   202  C CA  . THR A 1 29  ? -5.368  -13.781 -0.489  1.00 72.76  ? 30  THR U CA  1 
ATOM   203  C C   . THR A 1 29  ? -6.382  -14.176 0.590   1.00 74.76  ? 30  THR U C   1 
ATOM   204  O O   . THR A 1 29  ? -6.781  -15.333 0.657   1.00 79.33  ? 30  THR U O   1 
ATOM   205  C CB  . THR A 1 29  ? -6.109  -13.356 -1.737  1.00 68.43  ? 30  THR U CB  1 
ATOM   206  O OG1 . THR A 1 29  ? -6.776  -14.504 -2.269  1.00 77.18  ? 30  THR U OG1 1 
ATOM   207  C CG2 . THR A 1 29  ? -5.152  -12.862 -2.775  1.00 63.41  ? 30  THR U CG2 1 
ATOM   208  N N   . THR A 1 30  ? -6.781  -13.231 1.438   1.00 72.04  ? 31  THR U N   1 
ATOM   209  C CA  . THR A 1 30  ? -7.737  -13.510 2.514   1.00 75.65  ? 31  THR U CA  1 
ATOM   210  C C   . THR A 1 30  ? -8.821  -12.473 2.536   1.00 78.39  ? 31  THR U C   1 
ATOM   211  O O   . THR A 1 30  ? -8.566  -11.301 2.292   1.00 77.23  ? 31  THR U O   1 
ATOM   212  C CB  . THR A 1 30  ? -7.069  -13.559 3.901   1.00 74.93  ? 31  THR U CB  1 
ATOM   213  O OG1 . THR A 1 30  ? -6.494  -14.846 4.098   1.00 87.52  ? 31  THR U OG1 1 
ATOM   214  C CG2 . THR A 1 30  ? -8.058  -13.321 5.019   1.00 76.44  ? 31  THR U CG2 1 
ATOM   215  N N   . THR A 1 31  ? -10.041 -12.909 2.813   1.00 79.23  ? 32  THR U N   1 
ATOM   216  C CA  . THR A 1 31  ? -11.133 -11.978 3.008   1.00 78.31  ? 32  THR U CA  1 
ATOM   217  C C   . THR A 1 31  ? -11.874 -12.314 4.292   1.00 73.96  ? 32  THR U C   1 
ATOM   218  O O   . THR A 1 31  ? -12.581 -11.505 4.875   1.00 72.93  ? 32  THR U O   1 
ATOM   219  C CB  . THR A 1 31  ? -12.100 -12.035 1.856   1.00 73.21  ? 32  THR U CB  1 
ATOM   220  O OG1 . THR A 1 31  ? -12.770 -13.295 1.894   1.00 85.72  ? 32  THR U OG1 1 
ATOM   221  C CG2 . THR A 1 31  ? -11.363 -11.909 0.536   1.00 66.27  ? 32  THR U CG2 1 
ATOM   222  N N   . LYS A 1 32  ? -11.666 -13.540 4.726   1.00 74.78  ? 33  LYS U N   1 
ATOM   223  C CA  . LYS A 1 32  ? -12.358 -14.151 5.845   1.00 72.33  ? 33  LYS U CA  1 
ATOM   224  C C   . LYS A 1 32  ? -12.499 -13.269 7.083   1.00 79.49  ? 33  LYS U C   1 
ATOM   225  O O   . LYS A 1 32  ? -13.350 -13.532 7.925   1.00 84.15  ? 33  LYS U O   1 
ATOM   226  C CB  . LYS A 1 32  ? -11.661 -15.467 6.268   1.00 82.38  ? 33  LYS U CB  1 
ATOM   227  C CG  . LYS A 1 32  ? -11.411 -16.506 5.175   1.00 95.22  ? 33  LYS U CG  1 
ATOM   228  C CD  . LYS A 1 32  ? -10.448 -16.060 4.068   1.00 100.53 ? 33  LYS U CD  1 
ATOM   229  C CE  . LYS A 1 32  ? -10.402 -16.976 2.892   1.00 94.94  ? 33  LYS U CE  1 
ATOM   230  N NZ  . LYS A 1 32  ? -9.646  -16.302 1.811   1.00 88.19  ? 33  LYS U NZ  1 
ATOM   231  N N   . GLY A 1 33  ? -11.692 -12.227 7.218   1.00 78.00  ? 34  GLY U N   1 
ATOM   232  C CA  . GLY A 1 33  ? -11.715 -11.463 8.456   1.00 73.79  ? 34  GLY U CA  1 
ATOM   233  C C   . GLY A 1 33  ? -11.826 -9.985  8.204   1.00 68.91  ? 34  GLY U C   1 
ATOM   234  O O   . GLY A 1 33  ? -11.392 -9.156  9.008   1.00 63.84  ? 34  GLY U O   1 
ATOM   235  N N   . ILE A 1 34  ? -12.411 -9.653  7.069   1.00 61.25  ? 35  ILE U N   1 
ATOM   236  C CA  . ILE A 1 34  ? -12.413 -8.283  6.626   1.00 69.38  ? 35  ILE U CA  1 
ATOM   237  C C   . ILE A 1 34  ? -13.837 -7.829  6.474   1.00 74.82  ? 35  ILE U C   1 
ATOM   238  O O   . ILE A 1 34  ? -14.664 -8.534  5.883   1.00 71.38  ? 35  ILE U O   1 
ATOM   239  C CB  . ILE A 1 34  ? -11.663 -8.116  5.296   1.00 72.78  ? 35  ILE U CB  1 
ATOM   240  C CG1 . ILE A 1 34  ? -10.512 -9.111  5.213   1.00 70.10  ? 35  ILE U CG1 1 
ATOM   241  C CG2 . ILE A 1 34  ? -11.156 -6.700  5.138   1.00 66.50  ? 35  ILE U CG2 1 
ATOM   242  C CD1 . ILE A 1 34  ? -9.654  -8.891  4.039   1.00 70.11  ? 35  ILE U CD1 1 
ATOM   243  N N   . VAL A 1 35  ? -14.123 -6.652  7.023   1.00 74.04  ? 36  VAL U N   1 
ATOM   244  C CA  . VAL A 1 35  ? -15.473 -6.108  7.022   1.00 74.04  ? 36  VAL U CA  1 
ATOM   245  C C   . VAL A 1 35  ? -15.467 -4.612  6.871   1.00 76.22  ? 36  VAL U C   1 
ATOM   246  O O   . VAL A 1 35  ? -14.514 -3.939  7.274   1.00 75.48  ? 36  VAL U O   1 
ATOM   247  C CB  . VAL A 1 35  ? -16.229 -6.421  8.312   1.00 73.20  ? 36  VAL U CB  1 
ATOM   248  C CG1 . VAL A 1 35  ? -16.477 -7.922  8.449   1.00 74.13  ? 36  VAL U CG1 1 
ATOM   249  C CG2 . VAL A 1 35  ? -15.477 -5.852  9.509   1.00 71.67  ? 36  VAL U CG2 1 
ATOM   250  N N   . PHE A 1 36  ? -16.549 -4.091  6.310   1.00 77.92  ? 37  PHE U N   1 
ATOM   251  C CA  . PHE A 1 36  ? -16.657 -2.658  6.158   1.00 77.89  ? 37  PHE U CA  1 
ATOM   252  C C   . PHE A 1 36  ? -17.440 -2.069  7.321   1.00 78.29  ? 37  PHE U C   1 
ATOM   253  O O   . PHE A 1 36  ? -18.409 -2.647  7.798   1.00 84.16  ? 37  PHE U O   1 
ATOM   254  C CB  . PHE A 1 36  ? -17.297 -2.282  4.828   1.00 74.78  ? 37  PHE U CB  1 
ATOM   255  C CG  . PHE A 1 36  ? -17.246 -0.823  4.558   1.00 81.15  ? 37  PHE U CG  1 
ATOM   256  C CD1 . PHE A 1 36  ? -16.141 -0.086  4.942   1.00 85.92  ? 37  PHE U CD1 1 
ATOM   257  C CD2 . PHE A 1 36  ? -18.289 -0.174  3.943   1.00 85.21  ? 37  PHE U CD2 1 
ATOM   258  C CE1 . PHE A 1 36  ? -16.082 1.276   4.717   1.00 84.40  ? 37  PHE U CE1 1 
ATOM   259  C CE2 . PHE A 1 36  ? -18.230 1.188   3.705   1.00 88.87  ? 37  PHE U CE2 1 
ATOM   260  C CZ  . PHE A 1 36  ? -17.126 1.912   4.090   1.00 85.79  ? 37  PHE U CZ  1 
ATOM   261  N N   . GLN A 1 37  ? -16.979 -0.919  7.783   1.00 73.36  ? 38  GLN U N   1 
ATOM   262  C CA  . GLN A 1 37  ? -17.526 -0.253  8.942   1.00 69.76  ? 38  GLN U CA  1 
ATOM   263  C C   . GLN A 1 37  ? -17.326 1.220   8.739   1.00 75.20  ? 38  GLN U C   1 
ATOM   264  O O   . GLN A 1 37  ? -16.653 1.878   9.536   1.00 73.07  ? 38  GLN U O   1 
ATOM   265  C CB  . GLN A 1 37  ? -16.835 -0.700  10.223  1.00 69.62  ? 38  GLN U CB  1 
ATOM   266  C CG  . GLN A 1 37  ? -17.470 -1.878  10.903  1.00 70.13  ? 38  GLN U CG  1 
ATOM   267  C CD  . GLN A 1 37  ? -17.291 -1.812  12.406  1.00 83.21  ? 38  GLN U CD  1 
ATOM   268  O OE1 . GLN A 1 37  ? -16.381 -1.141  12.920  1.00 78.92  ? 38  GLN U OE1 1 
ATOM   269  N NE2 . GLN A 1 37  ? -18.177 -2.487  13.126  1.00 90.49  ? 38  GLN U NE2 1 
ATOM   270  N N   . HIS A 1 38  ? -17.897 1.703   7.643   1.00 76.31  ? 39  HIS U N   1 
ATOM   271  C CA  . HIS A 1 38  ? -17.772 3.074   7.173   1.00 78.79  ? 39  HIS U CA  1 
ATOM   272  C C   . HIS A 1 38  ? -17.320 4.122   8.192   1.00 79.43  ? 39  HIS U C   1 
ATOM   273  O O   . HIS A 1 38  ? -17.923 4.255   9.254   1.00 83.49  ? 39  HIS U O   1 
ATOM   274  C CB  . HIS A 1 38  ? -19.108 3.495   6.595   1.00 83.44  ? 39  HIS U CB  1 
ATOM   275  C CG  . HIS A 1 38  ? -19.038 4.755   5.800   1.00 91.28  ? 39  HIS U CG  1 
ATOM   276  N ND1 . HIS A 1 38  ? -18.825 5.987   6.381   1.00 89.35  ? 39  HIS U ND1 1 
ATOM   277  C CD2 . HIS A 1 38  ? -19.158 4.976   4.469   1.00 91.28  ? 39  HIS U CD2 1 
ATOM   278  C CE1 . HIS A 1 38  ? -18.813 6.914   5.439   1.00 93.66  ? 39  HIS U CE1 1 
ATOM   279  N NE2 . HIS A 1 38  ? -19.016 6.328   4.272   1.00 98.18  ? 39  HIS U NE2 1 
ATOM   280  N N   . PRO A 1 39  ? -16.265 4.885   7.860   1.00 79.84  ? 40  PRO U N   1 
ATOM   281  C CA  . PRO A 1 39  ? -15.527 4.801   6.600   1.00 79.27  ? 40  PRO U CA  1 
ATOM   282  C C   . PRO A 1 39  ? -14.395 3.769   6.618   1.00 80.28  ? 40  PRO U C   1 
ATOM   283  O O   . PRO A 1 39  ? -14.004 3.291   5.561   1.00 78.81  ? 40  PRO U O   1 
ATOM   284  C CB  . PRO A 1 39  ? -14.961 6.209   6.450   1.00 69.74  ? 40  PRO U CB  1 
ATOM   285  C CG  . PRO A 1 39  ? -14.688 6.620   7.846   1.00 71.25  ? 40  PRO U CG  1 
ATOM   286  C CD  . PRO A 1 39  ? -15.756 5.983   8.704   1.00 78.62  ? 40  PRO U CD  1 
ATOM   287  N N   . GLU A 1 40  ? -13.880 3.434   7.797   1.00 77.00  ? 41  GLU U N   1 
ATOM   288  C CA  . GLU A 1 40  ? -12.749 2.522   7.905   1.00 74.02  ? 41  GLU U CA  1 
ATOM   289  C C   . GLU A 1 40  ? -13.085 1.158   7.296   1.00 71.34  ? 41  GLU U C   1 
ATOM   290  O O   . GLU A 1 40  ? -14.236 0.747   7.303   1.00 71.53  ? 41  GLU U O   1 
ATOM   291  C CB  . GLU A 1 40  ? -12.321 2.394   9.375   1.00 71.01  ? 41  GLU U CB  1 
ATOM   292  C CG  . GLU A 1 40  ? -11.935 3.748   9.996   1.00 74.36  ? 41  GLU U CG  1 
ATOM   293  C CD  . GLU A 1 40  ? -11.654 3.693   11.495  1.00 80.88  ? 41  GLU U CD  1 
ATOM   294  O OE1 . GLU A 1 40  ? -11.565 2.578   12.049  1.00 76.05  ? 41  GLU U OE1 1 
ATOM   295  O OE2 . GLU A 1 40  ? -11.513 4.773   12.122  1.00 82.48  ? 41  GLU U OE2 1 
ATOM   296  N N   . ILE A 1 41  ? -12.093 0.492   6.707   1.00 75.95  ? 42  ILE U N   1 
ATOM   297  C CA  . ILE A 1 41  ? -12.248 -0.918  6.344   1.00 72.93  ? 42  ILE U CA  1 
ATOM   298  C C   . ILE A 1 41  ? -11.313 -1.738  7.202   1.00 67.35  ? 42  ILE U C   1 
ATOM   299  O O   . ILE A 1 41  ? -10.145 -1.405  7.383   1.00 63.81  ? 42  ILE U O   1 
ATOM   300  C CB  . ILE A 1 41  ? -12.003 -1.201  4.865   1.00 62.04  ? 42  ILE U CB  1 
ATOM   301  C CG1 . ILE A 1 41  ? -11.791 -2.686  4.658   1.00 61.58  ? 42  ILE U CG1 1 
ATOM   302  C CG2 . ILE A 1 41  ? -10.821 -0.482  4.378   1.00 63.15  ? 42  ILE U CG2 1 
ATOM   303  C CD1 . ILE A 1 41  ? -11.634 -3.022  3.250   1.00 66.09  ? 42  ILE U CD1 1 
ATOM   304  N N   . VAL A 1 42  ? -11.876 -2.795  7.764   1.00 68.63  ? 43  VAL U N   1 
ATOM   305  C CA  . VAL A 1 42  ? -11.338 -3.378  8.968   1.00 68.33  ? 43  VAL U CA  1 
ATOM   306  C C   . VAL A 1 42  ? -10.980 -4.819  8.760   1.00 69.15  ? 43  VAL U C   1 
ATOM   307  O O   . VAL A 1 42  ? -11.798 -5.634  8.323   1.00 69.03  ? 43  VAL U O   1 
ATOM   308  C CB  . VAL A 1 42  ? -12.343 -3.292  10.133  1.00 67.47  ? 43  VAL U CB  1 
ATOM   309  C CG1 . VAL A 1 42  ? -11.626 -3.469  11.440  1.00 66.16  ? 43  VAL U CG1 1 
ATOM   310  C CG2 . VAL A 1 42  ? -13.069 -1.970  10.111  1.00 67.94  ? 43  VAL U CG2 1 
ATOM   311  N N   . ALA A 1 43  ? -9.743  -5.139  9.076   1.00 65.83  ? 44  ALA U N   1 
ATOM   312  C CA  . ALA A 1 43  ? -9.390  -6.529  9.147   1.00 68.75  ? 44  ALA U CA  1 
ATOM   313  C C   . ALA A 1 43  ? -9.182  -6.861  10.604  1.00 66.75  ? 44  ALA U C   1 
ATOM   314  O O   . ALA A 1 43  ? -8.410  -6.204  11.318  1.00 61.48  ? 44  ALA U O   1 
ATOM   315  C CB  . ALA A 1 43  ? -8.161  -6.827  8.326   1.00 70.78  ? 44  ALA U CB  1 
ATOM   316  N N   . HIS A 1 44  ? -9.909  -7.863  11.063  1.00 65.72  ? 45  HIS U N   1 
ATOM   317  C CA  . HIS A 1 44  ? -9.715  -8.298  12.420  1.00 71.46  ? 45  HIS U CA  1 
ATOM   318  C C   . HIS A 1 44  ? -9.101  -9.660  12.388  1.00 71.04  ? 45  HIS U C   1 
ATOM   319  O O   . HIS A 1 44  ? -9.504  -10.513 11.600  1.00 71.96  ? 45  HIS U O   1 
ATOM   320  C CB  . HIS A 1 44  ? -11.015 -8.322  13.219  1.00 75.31  ? 45  HIS U CB  1 
ATOM   321  C CG  . HIS A 1 44  ? -10.786 -8.210  14.689  1.00 75.04  ? 45  HIS U CG  1 
ATOM   322  N ND1 . HIS A 1 44  ? -10.102 -9.169  15.405  1.00 80.52  ? 45  HIS U ND1 1 
ATOM   323  C CD2 . HIS A 1 44  ? -11.082 -7.224  15.565  1.00 75.10  ? 45  HIS U CD2 1 
ATOM   324  C CE1 . HIS A 1 44  ? -10.014 -8.792  16.668  1.00 81.09  ? 45  HIS U CE1 1 
ATOM   325  N NE2 . HIS A 1 44  ? -10.600 -7.614  16.792  1.00 80.24  ? 45  HIS U NE2 1 
ATOM   326  N N   . MET A 1 45  ? -8.124  -9.855  13.256  1.00 68.89  ? 46  MET U N   1 
ATOM   327  C CA  . MET A 1 45  ? -7.313  -11.051 13.208  1.00 72.58  ? 46  MET U CA  1 
ATOM   328  C C   . MET A 1 45  ? -8.093  -12.265 13.654  1.00 79.63  ? 46  MET U C   1 
ATOM   329  O O   . MET A 1 45  ? -7.924  -13.356 13.107  1.00 83.92  ? 46  MET U O   1 
ATOM   330  C CB  . MET A 1 45  ? -6.062  -10.859 14.060  1.00 73.38  ? 46  MET U CB  1 
ATOM   331  C CG  . MET A 1 45  ? -5.120  -9.819  13.468  1.00 69.40  ? 46  MET U CG  1 
ATOM   332  S SD  . MET A 1 45  ? -4.906  -10.133 11.709  1.00 67.99  ? 46  MET U SD  1 
ATOM   333  C CE  . MET A 1 45  ? -5.636  -8.688  10.953  1.00 65.31  ? 46  MET U CE  1 
ATOM   334  N N   . ASP A 1 46  ? -8.981  -12.060 14.619  1.00 79.97  ? 47  ASP U N   1 
ATOM   335  C CA  . ASP A 1 46  ? -9.683  -13.160 15.252  1.00 79.28  ? 47  ASP U CA  1 
ATOM   336  C C   . ASP A 1 46  ? -10.655 -13.849 14.300  1.00 83.76  ? 47  ASP U C   1 
ATOM   337  O O   . ASP A 1 46  ? -11.190 -14.915 14.598  1.00 90.77  ? 47  ASP U O   1 
ATOM   338  C CB  . ASP A 1 46  ? -10.377 -12.650 16.497  1.00 74.18  ? 47  ASP U CB  1 
ATOM   339  C CG  . ASP A 1 46  ? -9.391  -12.318 17.595  1.00 81.75  ? 47  ASP U CG  1 
ATOM   340  O OD1 . ASP A 1 46  ? -8.280  -12.888 17.574  1.00 88.32  ? 47  ASP U OD1 1 
ATOM   341  O OD2 . ASP A 1 46  ? -9.705  -11.490 18.470  1.00 79.25  ? 47  ASP U OD2 1 
ATOM   342  N N   . LEU A 1 47  ? -10.834 -13.260 13.127  1.00 79.73  ? 48  LEU U N   1 
ATOM   343  C CA  . LEU A 1 47  ? -11.664 -13.853 12.090  1.00 82.10  ? 48  LEU U CA  1 
ATOM   344  C C   . LEU A 1 47  ? -10.823 -14.457 10.975  1.00 89.39  ? 48  LEU U C   1 
ATOM   345  O O   . LEU A 1 47  ? -11.316 -14.736 9.874   1.00 89.92  ? 48  LEU U O   1 
ATOM   346  C CB  . LEU A 1 47  ? -12.594 -12.798 11.522  1.00 82.06  ? 48  LEU U CB  1 
ATOM   347  C CG  . LEU A 1 47  ? -13.159 -11.929 12.637  1.00 78.31  ? 48  LEU U CG  1 
ATOM   348  C CD1 . LEU A 1 47  ? -13.827 -10.715 12.054  1.00 74.19  ? 48  LEU U CD1 1 
ATOM   349  C CD2 . LEU A 1 47  ? -14.137 -12.737 13.455  1.00 78.03  ? 48  LEU U CD2 1 
ATOM   350  N N   . MET A 1 48  ? -9.543  -14.648 11.270  1.00 89.16  ? 49  MET U N   1 
ATOM   351  C CA  . MET A 1 48  ? -8.577  -15.072 10.274  1.00 82.79  ? 49  MET U CA  1 
ATOM   352  C C   . MET A 1 48  ? -7.526  -15.940 10.898  1.00 86.62  ? 49  MET U C   1 
ATOM   353  O O   . MET A 1 48  ? -6.453  -16.112 10.332  1.00 90.35  ? 49  MET U O   1 
ATOM   354  C CB  . MET A 1 48  ? -7.894  -13.874 9.646   1.00 78.65  ? 49  MET U CB  1 
ATOM   355  C CG  . MET A 1 48  ? -8.688  -13.148 8.603   1.00 81.99  ? 49  MET U CG  1 
ATOM   356  S SD  . MET A 1 48  ? -7.792  -11.667 8.124   1.00 73.21  ? 49  MET U SD  1 
ATOM   357  C CE  . MET A 1 48  ? -6.485  -11.668 9.324   1.00 68.29  ? 49  MET U CE  1 
ATOM   358  N N   . ARG A 1 49  ? -7.820  -16.456 12.083  1.00 91.71  ? 50  ARG U N   1 
ATOM   359  C CA  . ARG A 1 49  ? -6.846  -17.209 12.864  1.00 92.76  ? 50  ARG U CA  1 
ATOM   360  C C   . ARG A 1 49  ? -6.212  -18.344 12.046  1.00 87.44  ? 50  ARG U C   1 
ATOM   361  O O   . ARG A 1 49  ? -4.999  -18.550 12.066  1.00 80.09  ? 50  ARG U O   1 
ATOM   362  C CB  . ARG A 1 49  ? -7.525  -17.739 14.126  1.00 94.84  ? 50  ARG U CB  1 
ATOM   363  C CG  . ARG A 1 49  ? -8.186  -16.629 14.939  1.00 90.83  ? 50  ARG U CG  1 
ATOM   364  C CD  . ARG A 1 49  ? -8.680  -17.121 16.289  1.00 97.15  ? 50  ARG U CD  1 
ATOM   365  N NE  . ARG A 1 49  ? -8.575  -16.075 17.303  1.00 90.93  ? 50  ARG U NE  1 
ATOM   366  C CZ  . ARG A 1 49  ? -8.733  -16.284 18.602  1.00 84.66  ? 50  ARG U CZ  1 
ATOM   367  N NH1 . ARG A 1 49  ? -9.007  -17.504 19.048  1.00 80.67  ? 50  ARG U NH1 1 
ATOM   368  N NH2 . ARG A 1 49  ? -8.613  -15.276 19.452  1.00 81.90  ? 50  ARG U NH2 1 
ATOM   369  N N   . GLU A 1 50  ? -7.063  -19.051 11.314  1.00 88.88  ? 51  GLU U N   1 
ATOM   370  C CA  . GLU A 1 50  ? -6.678  -20.016 10.290  1.00 84.96  ? 51  GLU U CA  1 
ATOM   371  C C   . GLU A 1 50  ? -5.536  -19.556 9.369   1.00 87.10  ? 51  GLU U C   1 
ATOM   372  O O   . GLU A 1 50  ? -4.731  -20.366 8.915   1.00 93.62  ? 51  GLU U O   1 
ATOM   373  C CB  . GLU A 1 50  ? -7.922  -20.323 9.462   1.00 85.61  ? 51  GLU U CB  1 
ATOM   374  C CG  . GLU A 1 50  ? -8.911  -19.156 9.555   1.00 99.11  ? 51  GLU U CG  1 
ATOM   375  C CD  . GLU A 1 50  ? -10.310 -19.491 9.100   1.00 112.40 ? 51  GLU U CD  1 
ATOM   376  O OE1 . GLU A 1 50  ? -10.781 -20.606 9.420   1.00 115.49 ? 51  GLU U OE1 1 
ATOM   377  O OE2 . GLU A 1 50  ? -10.943 -18.622 8.448   1.00 110.37 ? 51  GLU U OE2 1 
ATOM   378  N N   . ASP A 1 51  ? -5.468  -18.257 9.100   1.00 86.87  ? 52  ASP U N   1 
ATOM   379  C CA  . ASP A 1 51  ? -4.540  -17.718 8.110   1.00 80.29  ? 52  ASP U CA  1 
ATOM   380  C C   . ASP A 1 51  ? -3.410  -16.899 8.706   1.00 76.72  ? 52  ASP U C   1 
ATOM   381  O O   . ASP A 1 51  ? -2.736  -16.184 7.993   1.00 76.13  ? 52  ASP U O   1 
ATOM   382  C CB  . ASP A 1 51  ? -5.288  -16.828 7.106   1.00 72.82  ? 52  ASP U CB  1 
ATOM   383  C CG  . ASP A 1 51  ? -6.422  -17.544 6.408   1.00 80.35  ? 52  ASP U CG  1 
ATOM   384  O OD1 . ASP A 1 51  ? -6.385  -18.791 6.324   1.00 85.46  ? 52  ASP U OD1 1 
ATOM   385  O OD2 . ASP A 1 51  ? -7.340  -16.851 5.908   1.00 81.35  ? 52  ASP U OD2 1 
ATOM   386  N N   . LEU A 1 52  ? -3.195  -16.964 10.005  1.00 77.15  ? 53  LEU U N   1 
ATOM   387  C CA  . LEU A 1 52  ? -2.419  -15.887 10.606  1.00 79.42  ? 53  LEU U CA  1 
ATOM   388  C C   . LEU A 1 52  ? -0.905  -16.063 10.498  1.00 79.03  ? 53  LEU U C   1 
ATOM   389  O O   . LEU A 1 52  ? -0.132  -15.174 10.887  1.00 71.82  ? 53  LEU U O   1 
ATOM   390  C CB  . LEU A 1 52  ? -2.816  -15.705 12.068  1.00 79.53  ? 53  LEU U CB  1 
ATOM   391  C CG  . LEU A 1 52  ? -2.826  -14.209 12.373  1.00 74.07  ? 53  LEU U CG  1 
ATOM   392  C CD1 . LEU A 1 52  ? -4.125  -13.622 11.886  1.00 73.54  ? 53  LEU U CD1 1 
ATOM   393  C CD2 . LEU A 1 52  ? -2.592  -13.903 13.836  1.00 74.05  ? 53  LEU U CD2 1 
ATOM   394  N N   . HIS A 1 53  ? -0.487  -17.203 9.961   1.00 84.24  ? 54  HIS U N   1 
ATOM   395  C CA  . HIS A 1 53  ? 0.936   -17.471 9.747   1.00 84.65  ? 54  HIS U CA  1 
ATOM   396  C C   . HIS A 1 53  ? 1.432   -16.772 8.495   1.00 81.12  ? 54  HIS U C   1 
ATOM   397  O O   . HIS A 1 53  ? 2.570   -16.310 8.431   1.00 84.18  ? 54  HIS U O   1 
ATOM   398  C CB  . HIS A 1 53  ? 1.174   -18.961 9.642   1.00 76.75  ? 54  HIS U CB  1 
ATOM   399  C CG  . HIS A 1 53  ? 0.166   -19.654 8.794   1.00 83.60  ? 54  HIS U CG  1 
ATOM   400  N ND1 . HIS A 1 53  ? -1.003  -20.176 9.304   1.00 95.69  ? 54  HIS U ND1 1 
ATOM   401  C CD2 . HIS A 1 53  ? 0.142   -19.907 7.469   1.00 83.74  ? 54  HIS U CD2 1 
ATOM   402  C CE1 . HIS A 1 53  ? -1.702  -20.728 8.327   1.00 94.28  ? 54  HIS U CE1 1 
ATOM   403  N NE2 . HIS A 1 53  ? -1.025  -20.585 7.205   1.00 87.61  ? 54  HIS U NE2 1 
ATOM   404  N N   . LEU A 1 54  ? 0.562   -16.660 7.506   1.00 73.51  ? 55  LEU U N   1 
ATOM   405  C CA  . LEU A 1 54  ? 0.907   -15.955 6.292   1.00 70.19  ? 55  LEU U CA  1 
ATOM   406  C C   . LEU A 1 54  ? 1.239   -14.473 6.491   1.00 71.78  ? 55  LEU U C   1 
ATOM   407  O O   . LEU A 1 54  ? 1.296   -13.729 5.525   1.00 76.14  ? 55  LEU U O   1 
ATOM   408  C CB  . LEU A 1 54  ? -0.233  -16.065 5.290   1.00 72.51  ? 55  LEU U CB  1 
ATOM   409  C CG  . LEU A 1 54  ? -0.618  -17.464 4.805   1.00 80.82  ? 55  LEU U CG  1 
ATOM   410  C CD1 . LEU A 1 54  ? -1.634  -18.051 5.722   1.00 84.05  ? 55  LEU U CD1 1 
ATOM   411  C CD2 . LEU A 1 54  ? -1.253  -17.369 3.451   1.00 84.99  ? 55  LEU U CD2 1 
ATOM   412  N N   . GLU A 1 55  ? 1.459   -14.020 7.717   1.00 71.33  ? 56  GLU U N   1 
ATOM   413  C CA  . GLU A 1 55  ? 1.694   -12.597 7.902   1.00 71.00  ? 56  GLU U CA  1 
ATOM   414  C C   . GLU A 1 55  ? 3.159   -12.271 7.608   1.00 71.62  ? 56  GLU U C   1 
ATOM   415  O O   . GLU A 1 55  ? 3.999   -13.180 7.570   1.00 73.13  ? 56  GLU U O   1 
ATOM   416  C CB  . GLU A 1 55  ? 1.268   -12.142 9.314   1.00 79.66  ? 56  GLU U CB  1 
ATOM   417  C CG  . GLU A 1 55  ? 2.025   -12.693 10.516  1.00 87.76  ? 56  GLU U CG  1 
ATOM   418  C CD  . GLU A 1 55  ? 1.560   -12.030 11.819  1.00 93.25  ? 56  GLU U CD  1 
ATOM   419  O OE1 . GLU A 1 55  ? 0.346   -12.080 12.114  1.00 91.76  ? 56  GLU U OE1 1 
ATOM   420  O OE2 . GLU A 1 55  ? 2.400   -11.439 12.533  1.00 92.60  ? 56  GLU U OE2 1 
ATOM   421  N N   . PRO A 1 56  ? 3.476   -10.979 7.378   1.00 67.86  ? 57  PRO U N   1 
ATOM   422  C CA  . PRO A 1 56  ? 2.644   -9.774  7.472   1.00 68.28  ? 57  PRO U CA  1 
ATOM   423  C C   . PRO A 1 56  ? 1.678   -9.655  6.308   1.00 69.12  ? 57  PRO U C   1 
ATOM   424  O O   . PRO A 1 56  ? 1.852   -10.353 5.301   1.00 72.14  ? 57  PRO U O   1 
ATOM   425  C CB  . PRO A 1 56  ? 3.672   -8.638  7.457   1.00 56.75  ? 57  PRO U CB  1 
ATOM   426  C CG  . PRO A 1 56  ? 4.746   -9.141  6.678   1.00 57.31  ? 57  PRO U CG  1 
ATOM   427  C CD  . PRO A 1 56  ? 4.820   -10.636 6.898   1.00 68.24  ? 57  PRO U CD  1 
ATOM   428  N N   . PHE A 1 57  ? 0.671   -8.798  6.457   1.00 59.02  ? 58  PHE U N   1 
ATOM   429  C CA  . PHE A 1 57  ? -0.361  -8.675  5.446   1.00 59.88  ? 58  PHE U CA  1 
ATOM   430  C C   . PHE A 1 57  ? -0.334  -7.307  4.828   1.00 60.26  ? 58  PHE U C   1 
ATOM   431  O O   . PHE A 1 57  ? 0.033   -6.328  5.479   1.00 56.87  ? 58  PHE U O   1 
ATOM   432  C CB  . PHE A 1 57  ? -1.748  -8.919  6.029   1.00 61.78  ? 58  PHE U CB  1 
ATOM   433  C CG  . PHE A 1 57  ? -1.990  -10.318 6.459   1.00 59.93  ? 58  PHE U CG  1 
ATOM   434  C CD1 . PHE A 1 57  ? -2.395  -11.266 5.551   1.00 57.65  ? 58  PHE U CD1 1 
ATOM   435  C CD2 . PHE A 1 57  ? -1.823  -10.689 7.786   1.00 67.75  ? 58  PHE U CD2 1 
ATOM   436  C CE1 . PHE A 1 57  ? -2.619  -12.576 5.951   1.00 64.28  ? 58  PHE U CE1 1 
ATOM   437  C CE2 . PHE A 1 57  ? -2.045  -11.995 8.196   1.00 71.19  ? 58  PHE U CE2 1 
ATOM   438  C CZ  . PHE A 1 57  ? -2.443  -12.941 7.270   1.00 68.11  ? 58  PHE U CZ  1 
ATOM   439  N N   . TYR A 1 58  ? -0.744  -7.245  3.569   1.00 59.40  ? 59  TYR U N   1 
ATOM   440  C CA  . TYR A 1 58  ? -0.888  -5.971  2.895   1.00 58.50  ? 59  TYR U CA  1 
ATOM   441  C C   . TYR A 1 58  ? -2.259  -5.914  2.284   1.00 57.79  ? 59  TYR U C   1 
ATOM   442  O O   . TYR A 1 58  ? -2.835  -6.944  1.919   1.00 52.89  ? 59  TYR U O   1 
ATOM   443  C CB  . TYR A 1 58  ? 0.188   -5.761  1.812   1.00 59.12  ? 59  TYR U CB  1 
ATOM   444  C CG  . TYR A 1 58  ? 1.574   -5.491  2.354   1.00 54.41  ? 59  TYR U CG  1 
ATOM   445  C CD1 . TYR A 1 58  ? 2.026   -4.202  2.529   1.00 52.65  ? 59  TYR U CD1 1 
ATOM   446  C CD2 . TYR A 1 58  ? 2.423   -6.529  2.698   1.00 53.47  ? 59  TYR U CD2 1 
ATOM   447  C CE1 . TYR A 1 58  ? 3.285   -3.945  3.044   1.00 52.12  ? 59  TYR U CE1 1 
ATOM   448  C CE2 . TYR A 1 58  ? 3.683   -6.281  3.206   1.00 50.55  ? 59  TYR U CE2 1 
ATOM   449  C CZ  . TYR A 1 58  ? 4.110   -4.989  3.375   1.00 51.32  ? 59  TYR U CZ  1 
ATOM   450  O OH  . TYR A 1 58  ? 5.363   -4.748  3.886   1.00 55.16  ? 59  TYR U OH  1 
ATOM   451  N N   . TRP A 1 59  ? -2.780  -4.700  2.199   1.00 55.05  ? 60  TRP U N   1 
ATOM   452  C CA  . TRP A 1 59  ? -3.985  -4.440  1.448   1.00 55.06  ? 60  TRP U CA  1 
ATOM   453  C C   . TRP A 1 59  ? -3.626  -4.346  -0.014  1.00 58.26  ? 60  TRP U C   1 
ATOM   454  O O   . TRP A 1 59  ? -2.729  -3.576  -0.364  1.00 55.06  ? 60  TRP U O   1 
ATOM   455  C CB  . TRP A 1 59  ? -4.628  -3.129  1.866   1.00 58.21  ? 60  TRP U CB  1 
ATOM   456  C CG  . TRP A 1 59  ? -4.914  -2.971  3.304   1.00 60.84  ? 60  TRP U CG  1 
ATOM   457  C CD1 . TRP A 1 59  ? -4.171  -2.294  4.220   1.00 60.87  ? 60  TRP U CD1 1 
ATOM   458  C CD2 . TRP A 1 59  ? -6.060  -3.455  3.995   1.00 64.01  ? 60  TRP U CD2 1 
ATOM   459  N NE1 . TRP A 1 59  ? -4.777  -2.340  5.445   1.00 63.15  ? 60  TRP U NE1 1 
ATOM   460  C CE2 . TRP A 1 59  ? -5.940  -3.053  5.332   1.00 61.32  ? 60  TRP U CE2 1 
ATOM   461  C CE3 . TRP A 1 59  ? -7.175  -4.205  3.611   1.00 63.56  ? 60  TRP U CE3 1 
ATOM   462  C CZ2 . TRP A 1 59  ? -6.882  -3.376  6.284   1.00 63.78  ? 60  TRP U CZ2 1 
ATOM   463  C CZ3 . TRP A 1 59  ? -8.101  -4.527  4.552   1.00 61.15  ? 60  TRP U CZ3 1 
ATOM   464  C CH2 . TRP A 1 59  ? -7.954  -4.118  5.876   1.00 64.54  ? 60  TRP U CH2 1 
ATOM   465  N N   . LYS A 1 60  ? -4.318  -5.098  -0.868  1.00 56.23  ? 61  LYS U N   1 
ATOM   466  C CA  . LYS A 1 60  ? -4.122  -4.956  -2.302  1.00 55.31  ? 61  LYS U CA  1 
ATOM   467  C C   . LYS A 1 60  ? -5.124  -3.958  -2.842  1.00 54.29  ? 61  LYS U C   1 
ATOM   468  O O   . LYS A 1 60  ? -6.299  -4.274  -2.945  1.00 58.82  ? 61  LYS U O   1 
ATOM   469  C CB  . LYS A 1 60  ? -4.264  -6.300  -3.042  1.00 54.04  ? 61  LYS U CB  1 
ATOM   470  C CG  . LYS A 1 60  ? -4.299  -6.139  -4.564  1.00 54.47  ? 61  LYS U CG  1 
ATOM   471  C CD  . LYS A 1 60  ? -4.496  -7.430  -5.331  1.00 57.22  ? 61  LYS U CD  1 
ATOM   472  C CE  . LYS A 1 60  ? -4.765  -7.130  -6.823  1.00 73.37  ? 61  LYS U CE  1 
ATOM   473  N NZ  . LYS A 1 60  ? -3.683  -7.584  -7.787  1.00 66.06  ? 61  LYS U NZ  1 
ATOM   474  N N   . LEU A 1 61  ? -4.664  -2.757  -3.184  1.00 52.62  ? 62  LEU U N   1 
ATOM   475  C CA  . LEU A 1 61  ? -5.523  -1.790  -3.853  1.00 56.57  ? 62  LEU U CA  1 
ATOM   476  C C   . LEU A 1 61  ? -6.121  -2.407  -5.106  1.00 59.59  ? 62  LEU U C   1 
ATOM   477  O O   . LEU A 1 61  ? -5.529  -3.287  -5.735  1.00 57.39  ? 62  LEU U O   1 
ATOM   478  C CB  . LEU A 1 61  ? -4.767  -0.518  -4.216  1.00 54.00  ? 62  LEU U CB  1 
ATOM   479  C CG  . LEU A 1 61  ? -4.050  0.208   -3.091  1.00 52.07  ? 62  LEU U CG  1 
ATOM   480  C CD1 . LEU A 1 61  ? -3.629  1.559   -3.565  1.00 54.81  ? 62  LEU U CD1 1 
ATOM   481  C CD2 . LEU A 1 61  ? -4.934  0.344   -1.904  1.00 50.52  ? 62  LEU U CD2 1 
ATOM   482  N N   . PRO A 1 62  ? -7.326  -1.963  -5.454  1.00 65.61  ? 63  PRO U N   1 
ATOM   483  C CA  . PRO A 1 62  ? -8.067  -2.474  -6.609  1.00 70.49  ? 63  PRO U CA  1 
ATOM   484  C C   . PRO A 1 62  ? -7.520  -1.974  -7.933  1.00 66.71  ? 63  PRO U C   1 
ATOM   485  O O   . PRO A 1 62  ? -6.703  -1.051  -7.962  1.00 63.32  ? 63  PRO U O   1 
ATOM   486  C CB  . PRO A 1 62  ? -9.477  -1.945  -6.375  1.00 71.43  ? 63  PRO U CB  1 
ATOM   487  C CG  . PRO A 1 62  ? -9.271  -0.721  -5.574  1.00 73.57  ? 63  PRO U CG  1 
ATOM   488  C CD  . PRO A 1 62  ? -8.127  -1.017  -4.666  1.00 66.07  ? 63  PRO U CD  1 
ATOM   489  N N   . GLU A 1 63  ? -8.014  -2.568  -9.012  1.00 65.61  ? 64  GLU U N   1 
ATOM   490  C CA  . GLU A 1 63  ? -7.388  -2.460  -10.323 1.00 67.74  ? 64  GLU U CA  1 
ATOM   491  C C   . GLU A 1 63  ? -7.291  -1.048  -10.861 1.00 64.51  ? 64  GLU U C   1 
ATOM   492  O O   . GLU A 1 63  ? -6.430  -0.748  -11.680 1.00 66.41  ? 64  GLU U O   1 
ATOM   493  C CB  . GLU A 1 63  ? -8.145  -3.327  -11.322 1.00 73.42  ? 64  GLU U CB  1 
ATOM   494  C CG  . GLU A 1 63  ? -9.631  -3.046  -11.373 1.00 84.45  ? 64  GLU U CG  1 
ATOM   495  C CD  . GLU A 1 63  ? -10.365 -3.972  -12.331 1.00 101.16 ? 64  GLU U CD  1 
ATOM   496  O OE1 . GLU A 1 63  ? -9.759  -4.979  -12.769 1.00 106.68 ? 64  GLU U OE1 1 
ATOM   497  O OE2 . GLU A 1 63  ? -11.546 -3.693  -12.644 1.00 101.89 ? 64  GLU U OE2 1 
ATOM   498  N N   . GLN A 1 64  ? -8.168  -0.174  -10.399 1.00 63.63  ? 65  GLN U N   1 
ATOM   499  C CA  . GLN A 1 64  ? -8.204  1.178   -10.920 1.00 61.65  ? 65  GLN U CA  1 
ATOM   500  C C   . GLN A 1 64  ? -6.966  1.974   -10.545 1.00 64.37  ? 65  GLN U C   1 
ATOM   501  O O   . GLN A 1 64  ? -6.738  3.056   -11.069 1.00 67.71  ? 65  GLN U O   1 
ATOM   502  C CB  . GLN A 1 64  ? -9.445  1.896   -10.426 1.00 64.29  ? 65  GLN U CB  1 
ATOM   503  C CG  . GLN A 1 64  ? -9.464  2.146   -8.935  1.00 68.98  ? 65  GLN U CG  1 
ATOM   504  C CD  . GLN A 1 64  ? -10.495 1.293   -8.231  1.00 76.94  ? 65  GLN U CD  1 
ATOM   505  O OE1 . GLN A 1 64  ? -10.837 0.205   -8.700  1.00 78.63  ? 65  GLN U OE1 1 
ATOM   506  N NE2 . GLN A 1 64  ? -11.009 1.784   -7.106  1.00 79.72  ? 65  GLN U NE2 1 
ATOM   507  N N   . PHE A 1 65  ? -6.171  1.447   -9.629  1.00 63.60  ? 66  PHE U N   1 
ATOM   508  C CA  . PHE A 1 65  ? -4.908  2.083   -9.295  1.00 65.03  ? 66  PHE U CA  1 
ATOM   509  C C   . PHE A 1 65  ? -3.800  1.520   -10.167 1.00 64.93  ? 66  PHE U C   1 
ATOM   510  O O   . PHE A 1 65  ? -2.771  2.158   -10.360 1.00 64.69  ? 66  PHE U O   1 
ATOM   511  C CB  . PHE A 1 65  ? -4.563  1.875   -7.827  1.00 63.10  ? 66  PHE U CB  1 
ATOM   512  C CG  . PHE A 1 65  ? -5.506  2.544   -6.876  1.00 65.81  ? 66  PHE U CG  1 
ATOM   513  C CD1 . PHE A 1 65  ? -5.153  3.722   -6.247  1.00 63.34  ? 66  PHE U CD1 1 
ATOM   514  C CD2 . PHE A 1 65  ? -6.734  1.988   -6.591  1.00 69.04  ? 66  PHE U CD2 1 
ATOM   515  C CE1 . PHE A 1 65  ? -6.007  4.337   -5.366  1.00 65.77  ? 66  PHE U CE1 1 
ATOM   516  C CE2 . PHE A 1 65  ? -7.592  2.604   -5.714  1.00 69.83  ? 66  PHE U CE2 1 
ATOM   517  C CZ  . PHE A 1 65  ? -7.226  3.781   -5.101  1.00 67.40  ? 66  PHE U CZ  1 
ATOM   518  N N   . GLU A 1 66  ? -4.028  0.311   -10.679 1.00 62.97  ? 67  GLU U N   1 
ATOM   519  C CA  . GLU A 1 66  ? -3.065  -0.420  -11.495 1.00 57.73  ? 67  GLU U CA  1 
ATOM   520  C C   . GLU A 1 66  ? -3.043  0.174   -12.890 1.00 62.44  ? 67  GLU U C   1 
ATOM   521  O O   . GLU A 1 66  ? -3.868  1.030   -13.201 1.00 70.00  ? 67  GLU U O   1 
ATOM   522  C CB  . GLU A 1 66  ? -3.430  -1.918  -11.547 1.00 57.07  ? 67  GLU U CB  1 
ATOM   523  C CG  . GLU A 1 66  ? -3.263  -2.672  -10.218 1.00 56.91  ? 67  GLU U CG  1 
ATOM   524  C CD  . GLU A 1 66  ? -4.043  -3.970  -10.159 1.00 61.90  ? 67  GLU U CD  1 
ATOM   525  O OE1 . GLU A 1 66  ? -4.681  -4.323  -11.176 1.00 61.98  ? 67  GLU U OE1 1 
ATOM   526  O OE2 . GLU A 1 66  ? -4.026  -4.634  -9.096  1.00 59.88  ? 67  GLU U OE2 1 
ATOM   527  N N   . GLY A 1 67  ? -2.098  -0.259  -13.720 1.00 60.35  ? 68  GLY U N   1 
ATOM   528  C CA  . GLY A 1 67  ? -2.145  0.032   -15.143 1.00 58.22  ? 68  GLY U CA  1 
ATOM   529  C C   . GLY A 1 67  ? -1.368  1.234   -15.632 1.00 58.35  ? 68  GLY U C   1 
ATOM   530  O O   . GLY A 1 67  ? -0.442  1.705   -14.984 1.00 55.56  ? 68  GLY U O   1 
ATOM   531  N N   . LYS A 1 68  ? -1.748  1.721   -16.806 1.00 63.17  ? 69  LYS U N   1 
ATOM   532  C CA  . LYS A 1 68  ? -1.085  2.869   -17.404 1.00 65.68  ? 69  LYS U CA  1 
ATOM   533  C C   . LYS A 1 68  ? -1.271  4.052   -16.478 1.00 63.84  ? 69  LYS U C   1 
ATOM   534  O O   . LYS A 1 68  ? -2.276  4.745   -16.552 1.00 67.58  ? 69  LYS U O   1 
ATOM   535  C CB  . LYS A 1 68  ? -1.658  3.163   -18.792 1.00 69.62  ? 69  LYS U CB  1 
ATOM   536  C CG  . LYS A 1 68  ? -0.678  2.996   -19.946 1.00 78.89  ? 69  LYS U CG  1 
ATOM   537  C CD  . LYS A 1 68  ? -1.409  2.647   -21.256 1.00 86.13  ? 69  LYS U CD  1 
ATOM   538  C CE  . LYS A 1 68  ? -0.442  2.604   -22.449 1.00 97.79  ? 69  LYS U CE  1 
ATOM   539  N NZ  . LYS A 1 68  ? -0.898  1.727   -23.575 1.00 98.56  ? 69  LYS U NZ  1 
ATOM   540  N N   . LYS A 1 69  ? -0.337  4.263   -15.567 1.00 57.79  ? 70  LYS U N   1 
ATOM   541  C CA  . LYS A 1 69  ? -0.533  5.300   -14.567 1.00 57.70  ? 70  LYS U CA  1 
ATOM   542  C C   . LYS A 1 69  ? 0.657   6.203   -14.551 1.00 57.88  ? 70  LYS U C   1 
ATOM   543  O O   . LYS A 1 69  ? 1.281   6.430   -13.524 1.00 56.09  ? 70  LYS U O   1 
ATOM   544  C CB  . LYS A 1 69  ? -0.759  4.701   -13.183 1.00 58.60  ? 70  LYS U CB  1 
ATOM   545  C CG  . LYS A 1 69  ? -2.046  3.910   -13.061 1.00 60.13  ? 70  LYS U CG  1 
ATOM   546  C CD  . LYS A 1 69  ? -3.158  4.752   -12.480 1.00 61.03  ? 70  LYS U CD  1 
ATOM   547  C CE  . LYS A 1 69  ? -4.491  4.138   -12.806 1.00 61.24  ? 70  LYS U CE  1 
ATOM   548  N NZ  . LYS A 1 69  ? -4.597  3.848   -14.263 1.00 67.73  ? 70  LYS U NZ  1 
ATOM   549  N N   . LEU A 1 70  ? 0.973   6.725   -15.716 1.00 59.42  ? 71  LEU U N   1 
ATOM   550  C CA  . LEU A 1 70  ? 2.165   7.517   -15.842 1.00 61.46  ? 71  LEU U CA  1 
ATOM   551  C C   . LEU A 1 70  ? 1.911   8.864   -15.202 1.00 67.98  ? 71  LEU U C   1 
ATOM   552  O O   . LEU A 1 70  ? 2.806   9.472   -14.611 1.00 65.89  ? 71  LEU U O   1 
ATOM   553  C CB  . LEU A 1 70  ? 2.543   7.636   -17.316 1.00 62.91  ? 71  LEU U CB  1 
ATOM   554  C CG  . LEU A 1 70  ? 3.965   8.029   -17.697 1.00 59.47  ? 71  LEU U CG  1 
ATOM   555  C CD1 . LEU A 1 70  ? 4.914   7.721   -16.581 1.00 61.18  ? 71  LEU U CD1 1 
ATOM   556  C CD2 . LEU A 1 70  ? 4.349   7.216   -18.910 1.00 62.16  ? 71  LEU U CD2 1 
ATOM   557  N N   . MET A 1 71  ? 0.655   9.293   -15.281 1.00 71.72  ? 72  MET U N   1 
ATOM   558  C CA  . MET A 1 71  ? 0.251   10.620  -14.828 1.00 75.23  ? 72  MET U CA  1 
ATOM   559  C C   . MET A 1 71  ? 0.281   10.814  -13.321 1.00 74.10  ? 72  MET U C   1 
ATOM   560  O O   . MET A 1 71  ? 0.215   11.937  -12.827 1.00 76.93  ? 72  MET U O   1 
ATOM   561  C CB  . MET A 1 71  ? -1.147  10.937  -15.357 1.00 81.47  ? 72  MET U CB  1 
ATOM   562  C CG  . MET A 1 71  ? -1.140  11.270  -16.848 1.00 88.36  ? 72  MET U CG  1 
ATOM   563  S SD  . MET A 1 71  ? 0.411   12.062  -17.391 1.00 98.97  ? 72  MET U SD  1 
ATOM   564  C CE  . MET A 1 71  ? 0.385   13.674  -16.590 1.00 80.88  ? 72  MET U CE  1 
ATOM   565  N N   . ALA A 1 72  ? 0.407   9.716   -12.595 1.00 73.35  ? 73  ALA U N   1 
ATOM   566  C CA  . ALA A 1 72  ? 0.427   9.762   -11.147 1.00 70.70  ? 73  ALA U CA  1 
ATOM   567  C C   . ALA A 1 72  ? 1.678   10.432  -10.633 1.00 63.84  ? 73  ALA U C   1 
ATOM   568  O O   . ALA A 1 72  ? 1.736   10.820  -9.468  1.00 65.33  ? 73  ALA U O   1 
ATOM   569  C CB  . ALA A 1 72  ? 0.322   8.369   -10.584 1.00 66.54  ? 73  ALA U CB  1 
ATOM   570  N N   . TYR A 1 73  ? 2.664   10.582  -11.510 1.00 58.27  ? 74  TYR U N   1 
ATOM   571  C CA  . TYR A 1 73  ? 4.010   10.939  -11.093 1.00 58.20  ? 74  TYR U CA  1 
ATOM   572  C C   . TYR A 1 73  ? 4.040   12.314  -10.419 1.00 57.52  ? 74  TYR U C   1 
ATOM   573  O O   . TYR A 1 73  ? 4.990   12.671  -9.738  1.00 55.15  ? 74  TYR U O   1 
ATOM   574  C CB  . TYR A 1 73  ? 4.967   10.860  -12.294 1.00 57.20  ? 74  TYR U CB  1 
ATOM   575  C CG  . TYR A 1 73  ? 6.384   11.289  -11.983 1.00 52.20  ? 74  TYR U CG  1 
ATOM   576  C CD1 . TYR A 1 73  ? 7.162   10.585  -11.081 1.00 56.23  ? 74  TYR U CD1 1 
ATOM   577  C CD2 . TYR A 1 73  ? 6.937   12.404  -12.582 1.00 52.66  ? 74  TYR U CD2 1 
ATOM   578  C CE1 . TYR A 1 73  ? 8.460   10.993  -10.778 1.00 58.40  ? 74  TYR U CE1 1 
ATOM   579  C CE2 . TYR A 1 73  ? 8.222   12.815  -12.287 1.00 55.61  ? 74  TYR U CE2 1 
ATOM   580  C CZ  . TYR A 1 73  ? 8.980   12.111  -11.384 1.00 55.25  ? 74  TYR U CZ  1 
ATOM   581  O OH  . TYR A 1 73  ? 10.260  12.532  -11.098 1.00 56.93  ? 74  TYR U OH  1 
ATOM   582  N N   . GLY A 1 74  ? 2.968   13.068  -10.568 1.00 63.67  ? 75  GLY U N   1 
ATOM   583  C CA  . GLY A 1 74  ? 2.802   14.295  -9.804  1.00 76.03  ? 75  GLY U CA  1 
ATOM   584  C C   . GLY A 1 74  ? 2.990   14.146  -8.298  1.00 68.39  ? 75  GLY U C   1 
ATOM   585  O O   . GLY A 1 74  ? 3.867   14.776  -7.703  1.00 66.64  ? 75  GLY U O   1 
ATOM   586  N N   . GLY A 1 75  ? 2.166   13.328  -7.663  1.00 63.40  ? 76  GLY U N   1 
ATOM   587  C CA  . GLY A 1 75  ? 2.409   13.050  -6.272  1.00 64.88  ? 76  GLY U CA  1 
ATOM   588  C C   . GLY A 1 75  ? 1.236   12.504  -5.515  1.00 72.84  ? 76  GLY U C   1 
ATOM   589  O O   . GLY A 1 75  ? 0.182   12.194  -6.070  1.00 71.60  ? 76  GLY U O   1 
ATOM   590  N N   . LYS A 1 76  ? 1.476   12.356  -4.220  1.00 72.91  ? 77  LYS U N   1 
ATOM   591  C CA  . LYS A 1 76  ? 0.449   12.092  -3.228  1.00 71.45  ? 77  LYS U CA  1 
ATOM   592  C C   . LYS A 1 76  ? -0.364  10.819  -3.449  1.00 72.09  ? 77  LYS U C   1 
ATOM   593  O O   . LYS A 1 76  ? -1.370  10.810  -4.168  1.00 72.59  ? 77  LYS U O   1 
ATOM   594  C CB  . LYS A 1 76  ? -0.485  13.292  -3.137  1.00 72.05  ? 77  LYS U CB  1 
ATOM   595  C CG  . LYS A 1 76  ? 0.223   14.598  -2.787  1.00 82.20  ? 77  LYS U CG  1 
ATOM   596  C CD  . LYS A 1 76  ? 1.193   14.472  -1.625  1.00 81.13  ? 77  LYS U CD  1 
ATOM   597  C CE  . LYS A 1 76  ? 1.953   15.786  -1.427  1.00 91.61  ? 77  LYS U CE  1 
ATOM   598  N NZ  . LYS A 1 76  ? 3.367   15.575  -0.972  1.00 84.17  ? 77  LYS U NZ  1 
ATOM   599  N N   . LEU A 1 77  ? 0.129   9.745   -2.834  1.00 67.61  ? 78  LEU U N   1 
ATOM   600  C CA  . LEU A 1 77  ? -0.652  8.567   -2.500  1.00 62.93  ? 78  LEU U CA  1 
ATOM   601  C C   . LEU A 1 77  ? -1.104  8.808   -1.088  1.00 67.21  ? 78  LEU U C   1 
ATOM   602  O O   . LEU A 1 77  ? -0.260  8.994   -0.215  1.00 66.64  ? 78  LEU U O   1 
ATOM   603  C CB  . LEU A 1 77  ? 0.179   7.294   -2.572  1.00 58.49  ? 78  LEU U CB  1 
ATOM   604  C CG  . LEU A 1 77  ? -0.512  6.009   -2.140  1.00 52.14  ? 78  LEU U CG  1 
ATOM   605  C CD1 . LEU A 1 77  ? -1.520  5.661   -3.171  1.00 62.80  ? 78  LEU U CD1 1 
ATOM   606  C CD2 . LEU A 1 77  ? 0.457   4.873   -1.983  1.00 48.31  ? 78  LEU U CD2 1 
ATOM   607  N N   . LYS A 1 78  ? -2.412  8.835   -0.854  1.00 70.51  ? 79  LYS U N   1 
ATOM   608  C CA  . LYS A 1 78  ? -2.933  9.187   0.468   1.00 67.07  ? 79  LYS U CA  1 
ATOM   609  C C   . LYS A 1 78  ? -3.801  8.074   1.049   1.00 69.25  ? 79  LYS U C   1 
ATOM   610  O O   . LYS A 1 78  ? -4.558  7.412   0.329   1.00 68.40  ? 79  LYS U O   1 
ATOM   611  C CB  . LYS A 1 78  ? -3.724  10.498  0.400   1.00 67.13  ? 79  LYS U CB  1 
ATOM   612  C CG  . LYS A 1 78  ? -2.870  11.757  0.557   1.00 67.15  ? 79  LYS U CG  1 
ATOM   613  C CD  . LYS A 1 78  ? -3.693  13.043  0.430   1.00 75.65  ? 79  LYS U CD  1 
ATOM   614  C CE  . LYS A 1 78  ? -3.590  13.916  1.681   1.00 80.14  ? 79  LYS U CE  1 
ATOM   615  N NZ  . LYS A 1 78  ? -4.454  15.128  1.621   1.00 85.71  ? 79  LYS U NZ  1 
ATOM   616  N N   . TYR A 1 79  ? -3.672  7.875   2.358   1.00 65.86  ? 80  TYR U N   1 
ATOM   617  C CA  . TYR A 1 79  ? -4.486  6.908   3.082   1.00 65.66  ? 80  TYR U CA  1 
ATOM   618  C C   . TYR A 1 79  ? -4.287  7.089   4.594   1.00 66.01  ? 80  TYR U C   1 
ATOM   619  O O   . TYR A 1 79  ? -3.243  7.582   5.036   1.00 60.68  ? 80  TYR U O   1 
ATOM   620  C CB  . TYR A 1 79  ? -4.132  5.476   2.654   1.00 63.84  ? 80  TYR U CB  1 
ATOM   621  C CG  . TYR A 1 79  ? -2.719  5.091   3.014   1.00 63.40  ? 80  TYR U CG  1 
ATOM   622  C CD1 . TYR A 1 79  ? -2.416  4.577   4.262   1.00 63.62  ? 80  TYR U CD1 1 
ATOM   623  C CD2 . TYR A 1 79  ? -1.684  5.257   2.114   1.00 64.15  ? 80  TYR U CD2 1 
ATOM   624  C CE1 . TYR A 1 79  ? -1.126  4.251   4.601   1.00 66.18  ? 80  TYR U CE1 1 
ATOM   625  C CE2 . TYR A 1 79  ? -0.385  4.924   2.450   1.00 63.12  ? 80  TYR U CE2 1 
ATOM   626  C CZ  . TYR A 1 79  ? -0.116  4.425   3.693   1.00 64.02  ? 80  TYR U CZ  1 
ATOM   627  O OH  . TYR A 1 79  ? 1.163   4.096   4.041   1.00 64.89  ? 80  TYR U OH  1 
ATOM   628  N N   . ALA A 1 80  ? -5.289  6.686   5.376   1.00 65.49  ? 81  ALA U N   1 
ATOM   629  C CA  . ALA A 1 80  ? -5.203  6.736   6.836   1.00 64.48  ? 81  ALA U CA  1 
ATOM   630  C C   . ALA A 1 80  ? -5.225  5.336   7.429   1.00 63.96  ? 81  ALA U C   1 
ATOM   631  O O   . ALA A 1 80  ? -5.948  4.455   6.958   1.00 62.59  ? 81  ALA U O   1 
ATOM   632  C CB  . ALA A 1 80  ? -6.328  7.561   7.407   1.00 64.98  ? 81  ALA U CB  1 
ATOM   633  N N   . ILE A 1 81  ? -4.437  5.137   8.476   1.00 60.78  ? 82  ILE U N   1 
ATOM   634  C CA  . ILE A 1 81  ? -4.217  3.803   9.012   1.00 62.42  ? 82  ILE U CA  1 
ATOM   635  C C   . ILE A 1 81  ? -4.465  3.800   10.499  1.00 64.57  ? 82  ILE U C   1 
ATOM   636  O O   . ILE A 1 81  ? -4.065  4.721   11.197  1.00 71.38  ? 82  ILE U O   1 
ATOM   637  C CB  . ILE A 1 81  ? -2.768  3.304   8.709   1.00 65.43  ? 82  ILE U CB  1 
ATOM   638  C CG1 . ILE A 1 81  ? -2.685  2.727   7.299   1.00 61.60  ? 82  ILE U CG1 1 
ATOM   639  C CG2 . ILE A 1 81  ? -2.306  2.235   9.691   1.00 63.21  ? 82  ILE U CG2 1 
ATOM   640  C CD1 . ILE A 1 81  ? -3.340  1.388   7.156   1.00 61.01  ? 82  ILE U CD1 1 
ATOM   641  N N   . TYR A 1 82  ? -5.142  2.770   10.982  1.00 64.68  ? 83  TYR U N   1 
ATOM   642  C CA  . TYR A 1 82  ? -5.371  2.634   12.409  1.00 66.88  ? 83  TYR U CA  1 
ATOM   643  C C   . TYR A 1 82  ? -5.264  1.156   12.793  1.00 65.03  ? 83  TYR U C   1 
ATOM   644  O O   . TYR A 1 82  ? -5.661  0.265   12.025  1.00 62.55  ? 83  TYR U O   1 
ATOM   645  C CB  . TYR A 1 82  ? -6.739  3.223   12.801  1.00 66.66  ? 83  TYR U CB  1 
ATOM   646  C CG  . TYR A 1 82  ? -7.125  2.879   14.212  1.00 71.88  ? 83  TYR U CG  1 
ATOM   647  C CD1 . TYR A 1 82  ? -6.681  3.639   15.276  1.00 73.46  ? 83  TYR U CD1 1 
ATOM   648  C CD2 . TYR A 1 82  ? -7.903  1.760   14.490  1.00 74.16  ? 83  TYR U CD2 1 
ATOM   649  C CE1 . TYR A 1 82  ? -7.017  3.298   16.575  1.00 70.01  ? 83  TYR U CE1 1 
ATOM   650  C CE2 . TYR A 1 82  ? -8.231  1.415   15.792  1.00 67.92  ? 83  TYR U CE2 1 
ATOM   651  C CZ  . TYR A 1 82  ? -7.782  2.190   16.825  1.00 62.33  ? 83  TYR U CZ  1 
ATOM   652  O OH  . TYR A 1 82  ? -8.090  1.865   18.114  1.00 61.57  ? 83  TYR U OH  1 
ATOM   653  N N   . PHE A 1 83  ? -4.722  0.889   13.972  1.00 55.68  ? 84  PHE U N   1 
ATOM   654  C CA  . PHE A 1 83  ? -4.522  -0.492  14.374  1.00 62.88  ? 84  PHE U CA  1 
ATOM   655  C C   . PHE A 1 83  ? -4.307  -0.641  15.880  1.00 73.12  ? 84  PHE U C   1 
ATOM   656  O O   . PHE A 1 83  ? -3.929  0.324   16.573  1.00 69.46  ? 84  PHE U O   1 
ATOM   657  C CB  . PHE A 1 83  ? -3.314  -1.086  13.653  1.00 66.03  ? 84  PHE U CB  1 
ATOM   658  C CG  . PHE A 1 83  ? -2.007  -0.766  14.329  1.00 67.93  ? 84  PHE U CG  1 
ATOM   659  C CD1 . PHE A 1 83  ? -1.300  -1.741  14.999  1.00 66.70  ? 84  PHE U CD1 1 
ATOM   660  C CD2 . PHE A 1 83  ? -1.520  0.532   14.345  1.00 72.24  ? 84  PHE U CD2 1 
ATOM   661  C CE1 . PHE A 1 83  ? -0.122  -1.430  15.646  1.00 72.65  ? 84  PHE U CE1 1 
ATOM   662  C CE2 . PHE A 1 83  ? -0.340  0.845   14.986  1.00 68.57  ? 84  PHE U CE2 1 
ATOM   663  C CZ  . PHE A 1 83  ? 0.356   -0.133  15.634  1.00 71.88  ? 84  PHE U CZ  1 
ATOM   664  N N   . GLU A 1 84  ? -4.513  -1.869  16.366  1.00 67.24  ? 85  GLU U N   1 
ATOM   665  C CA  . GLU A 1 84  ? -4.260  -2.206  17.758  1.00 65.60  ? 85  GLU U CA  1 
ATOM   666  C C   . GLU A 1 84  ? -3.530  -3.525  17.876  1.00 70.53  ? 85  GLU U C   1 
ATOM   667  O O   . GLU A 1 84  ? -3.934  -4.520  17.276  1.00 68.33  ? 85  GLU U O   1 
ATOM   668  C CB  . GLU A 1 84  ? -5.562  -2.291  18.539  1.00 75.14  ? 85  GLU U CB  1 
ATOM   669  C CG  . GLU A 1 84  ? -6.201  -0.969  18.845  1.00 74.75  ? 85  GLU U CG  1 
ATOM   670  C CD  . GLU A 1 84  ? -7.667  -1.106  19.148  1.00 71.01  ? 85  GLU U CD  1 
ATOM   671  O OE1 . GLU A 1 84  ? -8.131  -2.248  19.361  1.00 77.05  ? 85  GLU U OE1 1 
ATOM   672  O OE2 . GLU A 1 84  ? -8.349  -0.066  19.162  1.00 68.06  ? 85  GLU U OE2 1 
ATOM   673  N N   . ALA A 1 85  ? -2.468  -3.528  18.675  1.00 73.49  ? 86  ALA U N   1 
ATOM   674  C CA  . ALA A 1 85  ? -1.679  -4.723  18.931  1.00 75.21  ? 86  ALA U CA  1 
ATOM   675  C C   . ALA A 1 85  ? -1.177  -4.710  20.370  1.00 80.86  ? 86  ALA U C   1 
ATOM   676  O O   . ALA A 1 85  ? -1.254  -3.681  21.040  1.00 81.23  ? 86  ALA U O   1 
ATOM   677  C CB  . ALA A 1 85  ? -0.533  -4.797  17.979  1.00 78.91  ? 86  ALA U CB  1 
ATOM   678  N N   . ARG A 1 86  ? -0.657  -5.840  20.842  1.00 79.37  ? 87  ARG U N   1 
ATOM   679  C CA  . ARG A 1 86  ? -0.251  -5.955  22.239  1.00 84.96  ? 87  ARG U CA  1 
ATOM   680  C C   . ARG A 1 86  ? 0.787   -4.890  22.613  1.00 90.31  ? 87  ARG U C   1 
ATOM   681  O O   . ARG A 1 86  ? 0.487   -4.005  23.412  1.00 97.56  ? 87  ARG U O   1 
ATOM   682  C CB  . ARG A 1 86  ? 0.280   -7.357  22.527  1.00 91.41  ? 87  ARG U CB  1 
ATOM   683  C CG  . ARG A 1 86  ? 1.143   -7.437  23.764  1.00 100.19 ? 87  ARG U CG  1 
ATOM   684  C CD  . ARG A 1 86  ? 1.803   -8.797  23.884  1.00 107.91 ? 87  ARG U CD  1 
ATOM   685  N NE  . ARG A 1 86  ? 3.214   -8.659  24.237  1.00 115.64 ? 87  ARG U NE  1 
ATOM   686  C CZ  . ARG A 1 86  ? 4.015   -9.672  24.553  1.00 114.08 ? 87  ARG U CZ  1 
ATOM   687  N NH1 . ARG A 1 86  ? 3.534   -10.908 24.569  1.00 109.59 ? 87  ARG U NH1 1 
ATOM   688  N NH2 . ARG A 1 86  ? 5.293   -9.445  24.851  1.00 111.97 ? 87  ARG U NH2 1 
ATOM   689  N N   . GLU A 1 87  ? 1.987   -4.963  22.037  1.00 94.09  ? 88  GLU U N   1 
ATOM   690  C CA  . GLU A 1 87  ? 2.992   -3.901  22.191  1.00 95.14  ? 88  GLU U CA  1 
ATOM   691  C C   . GLU A 1 87  ? 3.217   -3.218  20.834  1.00 93.78  ? 88  GLU U C   1 
ATOM   692  O O   . GLU A 1 87  ? 2.483   -3.494  19.886  1.00 91.13  ? 88  GLU U O   1 
ATOM   693  C CB  . GLU A 1 87  ? 4.293   -4.460  22.773  1.00 95.68  ? 88  GLU U CB  1 
ATOM   694  C CG  . GLU A 1 87  ? 4.785   -5.719  22.082  1.00 102.56 ? 88  GLU U CG  1 
ATOM   695  C CD  . GLU A 1 87  ? 5.839   -6.468  22.882  1.00 109.93 ? 88  GLU U CD  1 
ATOM   696  O OE1 . GLU A 1 87  ? 5.978   -6.191  24.091  1.00 116.39 ? 88  GLU U OE1 1 
ATOM   697  O OE2 . GLU A 1 87  ? 6.524   -7.339  22.306  1.00 108.57 ? 88  GLU U OE2 1 
ATOM   698  N N   . GLU A 1 88  ? 4.207   -2.330  20.722  1.00 98.07  ? 89  GLU U N   1 
ATOM   699  C CA  . GLU A 1 88  ? 4.268   -1.444  19.546  1.00 95.01  ? 89  GLU U CA  1 
ATOM   700  C C   . GLU A 1 88  ? 5.394   -1.700  18.515  1.00 95.39  ? 89  GLU U C   1 
ATOM   701  O O   . GLU A 1 88  ? 5.373   -1.116  17.431  1.00 98.11  ? 89  GLU U O   1 
ATOM   702  C CB  . GLU A 1 88  ? 4.345   0.016   20.012  1.00 90.83  ? 89  GLU U CB  1 
ATOM   703  C CG  . GLU A 1 88  ? 3.846   1.017   18.967  1.00 90.53  ? 89  GLU U CG  1 
ATOM   704  C CD  . GLU A 1 88  ? 3.733   2.442   19.493  1.00 95.51  ? 89  GLU U CD  1 
ATOM   705  O OE1 . GLU A 1 88  ? 4.498   2.806   20.415  1.00 101.33 ? 89  GLU U OE1 1 
ATOM   706  O OE2 . GLU A 1 88  ? 2.874   3.197   18.985  1.00 88.22  ? 89  GLU U OE2 1 
ATOM   707  N N   . THR A 1 89  ? 6.361   -2.562  18.824  1.00 92.22  ? 90  THR U N   1 
ATOM   708  C CA  . THR A 1 89  ? 7.409   -2.882  17.855  1.00 81.52  ? 90  THR U CA  1 
ATOM   709  C C   . THR A 1 89  ? 7.560   -4.382  17.693  1.00 83.65  ? 90  THR U C   1 
ATOM   710  O O   . THR A 1 89  ? 6.608   -5.066  17.335  1.00 82.77  ? 90  THR U O   1 
ATOM   711  C CB  . THR A 1 89  ? 8.750   -2.257  18.282  1.00 20.00  ? 90  THR U CB  1 
ATOM   712  N N   . TYR A 1 94  ? 11.042  -2.384  10.232  1.00 94.26  ? 95  TYR U N   1 
ATOM   713  C CA  . TYR A 1 94  ? 11.724  -3.122  9.167   1.00 84.67  ? 95  TYR U CA  1 
ATOM   714  C C   . TYR A 1 94  ? 10.843  -3.272  7.925   1.00 82.59  ? 95  TYR U C   1 
ATOM   715  O O   . TYR A 1 94  ? 11.250  -2.905  6.831   1.00 78.42  ? 95  TYR U O   1 
ATOM   716  C CB  . TYR A 1 94  ? 12.159  -4.499  9.668   1.00 20.00  ? 95  TYR U CB  1 
ATOM   717  N N   . ASN A 1 95  ? 9.635   -3.805  8.094   1.00 83.77  ? 96  ASN U N   1 
ATOM   718  C CA  . ASN A 1 95  ? 8.767   -4.078  6.950   1.00 71.35  ? 96  ASN U CA  1 
ATOM   719  C C   . ASN A 1 95  ? 8.249   -2.853  6.214   1.00 67.49  ? 96  ASN U C   1 
ATOM   720  O O   . ASN A 1 95  ? 7.915   -1.844  6.822   1.00 73.82  ? 96  ASN U O   1 
ATOM   721  C CB  . ASN A 1 95  ? 7.610   -4.934  7.401   1.00 69.11  ? 96  ASN U CB  1 
ATOM   722  C CG  . ASN A 1 95  ? 7.965   -6.399  7.378   1.00 79.99  ? 96  ASN U CG  1 
ATOM   723  O OD1 . ASN A 1 95  ? 8.649   -6.862  6.462   1.00 75.54  ? 96  ASN U OD1 1 
ATOM   724  N ND2 . ASN A 1 95  ? 7.540   -7.134  8.400   1.00 90.41  ? 96  ASN U ND2 1 
ATOM   725  N N   . PRO A 1 96  ? 8.199   -2.940  4.884   1.00 60.44  ? 97  PRO U N   1 
ATOM   726  C CA  . PRO A 1 96  ? 7.929   -1.765  4.055   1.00 56.50  ? 97  PRO U CA  1 
ATOM   727  C C   . PRO A 1 96  ? 6.492   -1.255  4.156   1.00 56.33  ? 97  PRO U C   1 
ATOM   728  O O   . PRO A 1 96  ? 5.548   -2.028  4.045   1.00 57.35  ? 97  PRO U O   1 
ATOM   729  C CB  . PRO A 1 96  ? 8.227   -2.266  2.641   1.00 55.54  ? 97  PRO U CB  1 
ATOM   730  C CG  . PRO A 1 96  ? 8.103   -3.744  2.704   1.00 52.97  ? 97  PRO U CG  1 
ATOM   731  C CD  . PRO A 1 96  ? 8.473   -4.148  4.087   1.00 58.95  ? 97  PRO U CD  1 
ATOM   732  N N   . GLN A 1 97  ? 6.339   0.046   4.355   1.00 54.78  ? 98  GLN U N   1 
ATOM   733  C CA  . GLN A 1 97  ? 5.022   0.671   4.443   1.00 53.67  ? 98  GLN U CA  1 
ATOM   734  C C   . GLN A 1 97  ? 4.153   0.407   3.219   1.00 51.85  ? 98  GLN U C   1 
ATOM   735  O O   . GLN A 1 97  ? 3.017   -0.005  3.343   1.00 55.59  ? 98  GLN U O   1 
ATOM   736  C CB  . GLN A 1 97  ? 5.171   2.180   4.654   1.00 56.77  ? 98  GLN U CB  1 
ATOM   737  C CG  . GLN A 1 97  ? 3.876   2.907   4.888   1.00 56.47  ? 98  GLN U CG  1 
ATOM   738  C CD  . GLN A 1 97  ? 3.031   2.241   5.953   1.00 63.37  ? 98  GLN U CD  1 
ATOM   739  O OE1 . GLN A 1 97  ? 1.855   1.940   5.736   1.00 61.13  ? 98  GLN U OE1 1 
ATOM   740  N NE2 . GLN A 1 97  ? 3.633   1.997   7.113   1.00 69.35  ? 98  GLN U NE2 1 
ATOM   741  N N   . VAL A 1 98  ? 4.680   0.640   2.030   1.00 51.32  ? 99  VAL U N   1 
ATOM   742  C CA  . VAL A 1 98  ? 3.903   0.382   0.826   1.00 50.30  ? 99  VAL U CA  1 
ATOM   743  C C   . VAL A 1 98  ? 4.810   -0.240  -0.232  1.00 49.33  ? 99  VAL U C   1 
ATOM   744  O O   . VAL A 1 98  ? 6.028   -0.102  -0.166  1.00 51.37  ? 99  VAL U O   1 
ATOM   745  C CB  . VAL A 1 98  ? 3.224   1.671   0.346   1.00 48.92  ? 99  VAL U CB  1 
ATOM   746  C CG1 . VAL A 1 98  ? 4.086   2.820   0.666   1.00 53.25  ? 99  VAL U CG1 1 
ATOM   747  C CG2 . VAL A 1 98  ? 2.899   1.651   -1.135  1.00 45.51  ? 99  VAL U CG2 1 
ATOM   748  N N   . ILE A 1 99  ? 4.224   -0.987  -1.157  1.00 43.03  ? 100 ILE U N   1 
ATOM   749  C CA  . ILE A 1 99  ? 4.990   -1.755  -2.112  1.00 43.75  ? 100 ILE U CA  1 
ATOM   750  C C   . ILE A 1 99  ? 4.392   -1.651  -3.491  1.00 49.41  ? 100 ILE U C   1 
ATOM   751  O O   . ILE A 1 99  ? 3.208   -1.909  -3.651  1.00 52.58  ? 100 ILE U O   1 
ATOM   752  C CB  . ILE A 1 99  ? 5.018   -3.221  -1.734  1.00 43.05  ? 100 ILE U CB  1 
ATOM   753  C CG1 . ILE A 1 99  ? 5.779   -3.422  -0.421  1.00 41.76  ? 100 ILE U CG1 1 
ATOM   754  C CG2 . ILE A 1 99  ? 5.589   -4.034  -2.881  1.00 41.33  ? 100 ILE U CG2 1 
ATOM   755  C CD1 . ILE A 1 99  ? 5.718   -4.825  0.072   1.00 39.16  ? 100 ILE U CD1 1 
ATOM   756  N N   . ILE A 1 100 ? 5.186   -1.286  -4.493  1.00 48.36  ? 101 ILE U N   1 
ATOM   757  C CA  . ILE A 1 100 ? 4.666   -1.247  -5.856  1.00 44.75  ? 101 ILE U CA  1 
ATOM   758  C C   . ILE A 1 100 ? 5.489   -2.048  -6.825  1.00 45.57  ? 101 ILE U C   1 
ATOM   759  O O   . ILE A 1 100 ? 6.721   -2.018  -6.790  1.00 45.13  ? 101 ILE U O   1 
ATOM   760  C CB  . ILE A 1 100 ? 4.591   0.169   -6.400  1.00 46.95  ? 101 ILE U CB  1 
ATOM   761  C CG1 . ILE A 1 100 ? 3.965   1.097   -5.358  1.00 45.10  ? 101 ILE U CG1 1 
ATOM   762  C CG2 . ILE A 1 100 ? 3.838   0.177   -7.724  1.00 44.95  ? 101 ILE U CG2 1 
ATOM   763  C CD1 . ILE A 1 100 ? 3.465   2.387   -5.898  1.00 42.68  ? 101 ILE U CD1 1 
ATOM   764  N N   . ARG A 1 101 ? 4.790   -2.773  -7.684  1.00 45.30  ? 102 ARG U N   1 
ATOM   765  C CA  . ARG A 1 101 ? 5.426   -3.435  -8.793  1.00 49.72  ? 102 ARG U CA  1 
ATOM   766  C C   . ARG A 1 101 ? 4.768   -3.032  -10.090 1.00 55.31  ? 102 ARG U C   1 
ATOM   767  O O   . ARG A 1 101 ? 3.552   -2.909  -10.172 1.00 52.25  ? 102 ARG U O   1 
ATOM   768  C CB  . ARG A 1 101 ? 5.370   -4.943  -8.647  1.00 45.86  ? 102 ARG U CB  1 
ATOM   769  C CG  . ARG A 1 101 ? 5.937   -5.687  -9.859  1.00 46.80  ? 102 ARG U CG  1 
ATOM   770  C CD  . ARG A 1 101 ? 5.751   -7.182  -9.729  1.00 43.58  ? 102 ARG U CD  1 
ATOM   771  N NE  . ARG A 1 101 ? 6.891   -7.954  -10.209 1.00 37.51  ? 102 ARG U NE  1 
ATOM   772  C CZ  . ARG A 1 101 ? 7.012   -8.389  -11.456 1.00 41.43  ? 102 ARG U CZ  1 
ATOM   773  N NH1 . ARG A 1 101 ? 6.069   -8.105  -12.350 1.00 42.46  ? 102 ARG U NH1 1 
ATOM   774  N NH2 . ARG A 1 101 ? 8.074   -9.100  -11.809 1.00 38.63  ? 102 ARG U NH2 1 
ATOM   775  N N   . GLY A 1 102 ? 5.596   -2.828  -11.106 1.00 59.22  ? 103 GLY U N   1 
ATOM   776  C CA  . GLY A 1 102 ? 5.109   -2.637  -12.454 1.00 60.17  ? 103 GLY U CA  1 
ATOM   777  C C   . GLY A 1 102 ? 6.240   -2.601  -13.459 1.00 61.11  ? 103 GLY U C   1 
ATOM   778  O O   . GLY A 1 102 ? 7.410   -2.482  -13.098 1.00 58.50  ? 103 GLY U O   1 
ATOM   779  N N   . GLY A 1 103 ? 5.886   -2.702  -14.732 1.00 60.70  ? 104 GLY U N   1 
ATOM   780  C CA  . GLY A 1 103 ? 6.862   -2.557  -15.788 1.00 61.02  ? 104 GLY U CA  1 
ATOM   781  C C   . GLY A 1 103 ? 6.602   -3.465  -16.975 1.00 68.92  ? 104 GLY U C   1 
ATOM   782  O O   . GLY A 1 103 ? 5.957   -4.522  -16.853 1.00 64.14  ? 104 GLY U O   1 
ATOM   783  N N   . THR A 1 104 ? 7.087   -3.039  -18.140 1.00 72.48  ? 105 THR U N   1 
ATOM   784  C CA  . THR A 1 104 ? 7.246   -3.969  -19.248 1.00 71.30  ? 105 THR U CA  1 
ATOM   785  C C   . THR A 1 104 ? 8.249   -5.007  -18.764 1.00 67.37  ? 105 THR U C   1 
ATOM   786  O O   . THR A 1 104 ? 9.259   -4.648  -18.130 1.00 60.01  ? 105 THR U O   1 
ATOM   787  C CB  . THR A 1 104 ? 7.759   -3.309  -20.551 1.00 70.58  ? 105 THR U CB  1 
ATOM   788  O OG1 . THR A 1 104 ? 8.828   -2.396  -20.251 1.00 78.25  ? 105 THR U OG1 1 
ATOM   789  C CG2 . THR A 1 104 ? 6.637   -2.592  -21.277 1.00 69.08  ? 105 THR U CG2 1 
ATOM   790  N N   . PRO A 1 105 ? 7.947   -6.288  -19.025 1.00 60.48  ? 106 PRO U N   1 
ATOM   791  C CA  . PRO A 1 105 ? 8.728   -7.460  -18.675 1.00 56.13  ? 106 PRO U CA  1 
ATOM   792  C C   . PRO A 1 105 ? 10.216  -7.182  -18.582 1.00 62.25  ? 106 PRO U C   1 
ATOM   793  O O   . PRO A 1 105 ? 10.814  -7.518  -17.568 1.00 63.35  ? 106 PRO U O   1 
ATOM   794  C CB  . PRO A 1 105 ? 8.400   -8.407  -19.812 1.00 55.88  ? 106 PRO U CB  1 
ATOM   795  C CG  . PRO A 1 105 ? 6.965   -8.064  -20.165 1.00 53.77  ? 106 PRO U CG  1 
ATOM   796  C CD  . PRO A 1 105 ? 6.661   -6.698  -19.607 1.00 63.94  ? 106 PRO U CD  1 
ATOM   797  N N   . THR A 1 106 ? 10.798  -6.547  -19.593 1.00 66.69  ? 107 THR U N   1 
ATOM   798  C CA  . THR A 1 106 ? 12.221  -6.205  -19.549 1.00 61.42  ? 107 THR U CA  1 
ATOM   799  C C   . THR A 1 106 ? 12.604  -5.249  -18.409 1.00 60.24  ? 107 THR U C   1 
ATOM   800  O O   . THR A 1 106 ? 13.792  -5.098  -18.124 1.00 58.91  ? 107 THR U O   1 
ATOM   801  C CB  . THR A 1 106 ? 12.653  -5.595  -20.882 1.00 63.93  ? 107 THR U CB  1 
ATOM   802  O OG1 . THR A 1 106 ? 11.544  -4.890  -21.465 1.00 64.24  ? 107 THR U OG1 1 
ATOM   803  C CG2 . THR A 1 106 ? 13.050  -6.688  -21.817 1.00 67.72  ? 107 THR U CG2 1 
ATOM   804  N N   . HIS A 1 107 ? 11.604  -4.621  -17.771 1.00 60.85  ? 108 HIS U N   1 
ATOM   805  C CA  . HIS A 1 107 ? 11.833  -3.587  -16.740 1.00 64.75  ? 108 HIS U CA  1 
ATOM   806  C C   . HIS A 1 107 ? 10.848  -3.610  -15.559 1.00 64.34  ? 108 HIS U C   1 
ATOM   807  O O   . HIS A 1 107 ? 10.880  -2.726  -14.685 1.00 61.19  ? 108 HIS U O   1 
ATOM   808  C CB  . HIS A 1 107 ? 11.823  -2.200  -17.379 1.00 67.65  ? 108 HIS U CB  1 
ATOM   809  C CG  . HIS A 1 107 ? 13.037  -1.930  -18.205 1.00 69.42  ? 108 HIS U CG  1 
ATOM   810  N ND1 . HIS A 1 107 ? 13.004  -1.888  -19.585 1.00 69.99  ? 108 HIS U ND1 1 
ATOM   811  C CD2 . HIS A 1 107 ? 14.331  -1.755  -17.845 1.00 59.88  ? 108 HIS U CD2 1 
ATOM   812  C CE1 . HIS A 1 107 ? 14.230  -1.674  -20.034 1.00 72.95  ? 108 HIS U CE1 1 
ATOM   813  N NE2 . HIS A 1 107 ? 15.050  -1.584  -18.999 1.00 65.84  ? 108 HIS U NE2 1 
ATOM   814  N N   . ALA A 1 108 ? 9.989   -4.624  -15.546 1.00 57.85  ? 109 ALA U N   1 
ATOM   815  C CA  . ALA A 1 108 ? 9.284   -5.061  -14.347 1.00 49.03  ? 109 ALA U CA  1 
ATOM   816  C C   . ALA A 1 108 ? 10.198  -5.184  -13.143 1.00 42.41  ? 109 ALA U C   1 
ATOM   817  O O   . ALA A 1 108 ? 11.188  -5.873  -13.173 1.00 48.81  ? 109 ALA U O   1 
ATOM   818  C CB  . ALA A 1 108 ? 8.627   -6.388  -14.607 1.00 53.95  ? 109 ALA U CB  1 
ATOM   819  N N   . ARG A 1 109 ? 9.822   -4.570  -12.049 1.00 44.06  ? 110 ARG U N   1 
ATOM   820  C CA  . ARG A 1 109 ? 10.710  -4.445  -10.927 1.00 42.11  ? 110 ARG U CA  1 
ATOM   821  C C   . ARG A 1 109 ? 9.836   -4.076  -9.745  1.00 48.34  ? 110 ARG U C   1 
ATOM   822  O O   . ARG A 1 109 ? 8.696   -3.605  -9.929  1.00 46.61  ? 110 ARG U O   1 
ATOM   823  C CB  . ARG A 1 109 ? 11.742  -3.366  -11.226 1.00 51.46  ? 110 ARG U CB  1 
ATOM   824  C CG  . ARG A 1 109 ? 13.053  -3.424  -10.470 1.00 56.87  ? 110 ARG U CG  1 
ATOM   825  C CD  . ARG A 1 109 ? 14.008  -2.381  -11.056 1.00 52.98  ? 110 ARG U CD  1 
ATOM   826  N NE  . ARG A 1 109 ? 13.982  -2.466  -12.511 1.00 53.74  ? 110 ARG U NE  1 
ATOM   827  C CZ  . ARG A 1 109 ? 14.992  -2.906  -13.243 1.00 51.81  ? 110 ARG U CZ  1 
ATOM   828  N NH1 . ARG A 1 109 ? 16.121  -3.251  -12.650 1.00 48.79  ? 110 ARG U NH1 1 
ATOM   829  N NH2 . ARG A 1 109 ? 14.879  -2.972  -14.560 1.00 58.23  ? 110 ARG U NH2 1 
ATOM   830  N N   . ILE A 1 110 ? 10.344  -4.265  -8.535  1.00 44.48  ? 111 ILE U N   1 
ATOM   831  C CA  . ILE A 1 110 ? 9.526   -3.966  -7.369  1.00 45.70  ? 111 ILE U CA  1 
ATOM   832  C C   . ILE A 1 110 ? 10.173  -2.907  -6.545  1.00 45.37  ? 111 ILE U C   1 
ATOM   833  O O   . ILE A 1 110 ? 11.351  -3.019  -6.210  1.00 45.63  ? 111 ILE U O   1 
ATOM   834  C CB  . ILE A 1 110 ? 9.304   -5.192  -6.475  1.00 48.13  ? 111 ILE U CB  1 
ATOM   835  C CG1 . ILE A 1 110 ? 8.510   -6.257  -7.214  1.00 44.22  ? 111 ILE U CG1 1 
ATOM   836  C CG2 . ILE A 1 110 ? 8.537   -4.805  -5.238  1.00 49.25  ? 111 ILE U CG2 1 
ATOM   837  C CD1 . ILE A 1 110 ? 8.677   -7.585  -6.615  1.00 41.09  ? 111 ILE U CD1 1 
ATOM   838  N N   . ILE A 1 111 ? 9.409   -1.876  -6.202  1.00 43.15  ? 112 ILE U N   1 
ATOM   839  C CA  . ILE A 1 111 ? 9.939   -0.899  -5.277  1.00 44.71  ? 112 ILE U CA  1 
ATOM   840  C C   . ILE A 1 111 ? 9.058   -0.690  -4.053  1.00 46.62  ? 112 ILE U C   1 
ATOM   841  O O   . ILE A 1 111 ? 7.848   -0.941  -4.048  1.00 44.82  ? 112 ILE U O   1 
ATOM   842  C CB  . ILE A 1 111 ? 10.188  0.438   -5.964  1.00 43.51  ? 112 ILE U CB  1 
ATOM   843  C CG1 . ILE A 1 111 ? 8.907   1.020   -6.541  1.00 45.94  ? 112 ILE U CG1 1 
ATOM   844  C CG2 . ILE A 1 111 ? 11.156  0.255   -7.080  1.00 44.13  ? 112 ILE U CG2 1 
ATOM   845  C CD1 . ILE A 1 111 ? 9.112   2.416   -7.079  1.00 45.58  ? 112 ILE U CD1 1 
ATOM   846  N N   . VAL A 1 112 ? 9.711   -0.232  -2.999  1.00 44.00  ? 113 VAL U N   1 
ATOM   847  C CA  . VAL A 1 112 ? 9.082   -0.097  -1.716  1.00 44.48  ? 113 VAL U CA  1 
ATOM   848  C C   . VAL A 1 112 ? 9.269   1.309   -1.159  1.00 46.72  ? 113 VAL U C   1 
ATOM   849  O O   . VAL A 1 112 ? 10.171  2.029   -1.568  1.00 44.90  ? 113 VAL U O   1 
ATOM   850  C CB  . VAL A 1 112 ? 9.668   -1.094  -0.748  1.00 44.81  ? 113 VAL U CB  1 
ATOM   851  C CG1 . VAL A 1 112 ? 9.581   -2.464  -1.333  1.00 41.69  ? 113 VAL U CG1 1 
ATOM   852  C CG2 . VAL A 1 112 ? 11.114  -0.735  -0.461  1.00 43.10  ? 113 VAL U CG2 1 
ATOM   853  N N   . ARG A 1 113 ? 8.402   1.683   -0.224  1.00 48.55  ? 114 ARG U N   1 
ATOM   854  C CA  . ARG A 1 113 ? 8.511   2.934   0.508   1.00 52.70  ? 114 ARG U CA  1 
ATOM   855  C C   . ARG A 1 113 ? 8.564   2.589   1.971   1.00 54.12  ? 114 ARG U C   1 
ATOM   856  O O   . ARG A 1 113 ? 7.727   1.826   2.421   1.00 57.85  ? 114 ARG U O   1 
ATOM   857  C CB  . ARG A 1 113 ? 7.321   3.840   0.220   1.00 53.44  ? 114 ARG U CB  1 
ATOM   858  C CG  . ARG A 1 113 ? 7.360   5.185   0.910   1.00 57.34  ? 114 ARG U CG  1 
ATOM   859  C CD  . ARG A 1 113 ? 8.308   6.133   0.194   1.00 62.38  ? 114 ARG U CD  1 
ATOM   860  N NE  . ARG A 1 113 ? 8.354   7.467   0.789   1.00 61.11  ? 114 ARG U NE  1 
ATOM   861  C CZ  . ARG A 1 113 ? 8.911   7.732   1.966   1.00 63.98  ? 114 ARG U CZ  1 
ATOM   862  N NH1 . ARG A 1 113 ? 9.437   6.752   2.687   1.00 65.03  ? 114 ARG U NH1 1 
ATOM   863  N NH2 . ARG A 1 113 ? 8.935   8.970   2.431   1.00 70.72  ? 114 ARG U NH2 1 
ATOM   864  N N   . HIS A 1 114 ? 9.546   3.108   2.703   1.00 51.20  ? 115 HIS U N   1 
ATOM   865  C CA  . HIS A 1 114 ? 9.663   2.815   4.127   1.00 50.35  ? 115 HIS U CA  1 
ATOM   866  C C   . HIS A 1 114 ? 9.215   4.013   4.880   1.00 62.29  ? 115 HIS U C   1 
ATOM   867  O O   . HIS A 1 114 ? 9.528   5.124   4.478   1.00 68.44  ? 115 HIS U O   1 
ATOM   868  C CB  . HIS A 1 114 ? 11.090  2.490   4.544   1.00 52.70  ? 115 HIS U CB  1 
ATOM   869  C CG  . HIS A 1 114 ? 11.639  1.250   3.919   1.00 57.27  ? 115 HIS U CG  1 
ATOM   870  N ND1 . HIS A 1 114 ? 10.995  0.032   3.987   1.00 66.00  ? 115 HIS U ND1 1 
ATOM   871  C CD2 . HIS A 1 114 ? 12.770  1.035   3.210   1.00 54.55  ? 115 HIS U CD2 1 
ATOM   872  C CE1 . HIS A 1 114 ? 11.704  -0.876  3.344   1.00 58.65  ? 115 HIS U CE1 1 
ATOM   873  N NE2 . HIS A 1 114 ? 12.785  -0.292  2.861   1.00 57.80  ? 115 HIS U NE2 1 
ATOM   874  N N   . MET A 1 115 ? 8.472   3.806   5.964   1.00 68.22  ? 116 MET U N   1 
ATOM   875  C CA  . MET A 1 115 ? 8.105   4.912   6.844   1.00 62.86  ? 116 MET U CA  1 
ATOM   876  C C   . MET A 1 115 ? 8.085   4.524   8.294   1.00 66.59  ? 116 MET U C   1 
ATOM   877  O O   . MET A 1 115 ? 8.139   3.347   8.637   1.00 68.34  ? 116 MET U O   1 
ATOM   878  C CB  . MET A 1 115 ? 6.747   5.477   6.495   1.00 55.98  ? 116 MET U CB  1 
ATOM   879  C CG  . MET A 1 115 ? 6.537   5.717   5.056   1.00 59.12  ? 116 MET U CG  1 
ATOM   880  S SD  . MET A 1 115 ? 5.612   7.228   4.928   1.00 74.82  ? 116 MET U SD  1 
ATOM   881  C CE  . MET A 1 115 ? 6.187   8.098   6.396   1.00 72.50  ? 116 MET U CE  1 
ATOM   882  N N   . ALA A 1 116 ? 7.984   5.539   9.139   1.00 68.62  ? 117 ALA U N   1 
ATOM   883  C CA  . ALA A 1 116 ? 7.878   5.325   10.574  1.00 73.50  ? 117 ALA U CA  1 
ATOM   884  C C   . ALA A 1 116 ? 6.630   4.532   10.921  1.00 74.62  ? 117 ALA U C   1 
ATOM   885  O O   . ALA A 1 116 ? 5.540   4.832   10.430  1.00 74.84  ? 117 ALA U O   1 
ATOM   886  C CB  . ALA A 1 116 ? 7.872   6.645   11.299  1.00 71.77  ? 117 ALA U CB  1 
ATOM   887  N N   . ALA A 1 117 ? 6.795   3.518   11.765  1.00 75.41  ? 118 ALA U N   1 
ATOM   888  C CA  . ALA A 1 117 ? 5.662   2.737   12.239  1.00 76.71  ? 118 ALA U CA  1 
ATOM   889  C C   . ALA A 1 117 ? 4.630   3.666   12.858  1.00 80.26  ? 118 ALA U C   1 
ATOM   890  O O   . ALA A 1 117 ? 4.974   4.567   13.625  1.00 82.46  ? 118 ALA U O   1 
ATOM   891  C CB  . ALA A 1 117 ? 6.111   1.694   13.242  1.00 77.73  ? 118 ALA U CB  1 
ATOM   892  N N   . PRO A 1 118 ? 3.363   3.478   12.497  1.00 73.68  ? 119 PRO U N   1 
ATOM   893  C CA  . PRO A 1 118 ? 2.321   4.324   13.061  1.00 74.02  ? 119 PRO U CA  1 
ATOM   894  C C   . PRO A 1 118 ? 2.120   3.970   14.516  1.00 78.43  ? 119 PRO U C   1 
ATOM   895  O O   . PRO A 1 118 ? 2.445   2.853   14.912  1.00 76.53  ? 119 PRO U O   1 
ATOM   896  C CB  . PRO A 1 118 ? 1.091   3.979   12.226  1.00 67.35  ? 119 PRO U CB  1 
ATOM   897  C CG  . PRO A 1 118 ? 1.621   3.323   11.018  1.00 71.24  ? 119 PRO U CG  1 
ATOM   898  C CD  . PRO A 1 118 ? 2.834   2.583   11.466  1.00 72.61  ? 119 PRO U CD  1 
ATOM   899  N N   . LEU A 1 119 ? 1.604   4.909   15.297  1.00 79.79  ? 120 LEU U N   1 
ATOM   900  C CA  . LEU A 1 119 ? 1.395   4.679   16.715  1.00 77.32  ? 120 LEU U CA  1 
ATOM   901  C C   . LEU A 1 119 ? 0.223   3.745   16.955  1.00 80.37  ? 120 LEU U C   1 
ATOM   902  O O   . LEU A 1 119 ? -0.693  3.691   16.135  1.00 83.25  ? 120 LEU U O   1 
ATOM   903  C CB  . LEU A 1 119 ? 1.172   6.006   17.412  1.00 81.97  ? 120 LEU U CB  1 
ATOM   904  C CG  . LEU A 1 119 ? 2.452   6.831   17.359  1.00 83.42  ? 120 LEU U CG  1 
ATOM   905  C CD1 . LEU A 1 119 ? 2.288   8.196   18.028  1.00 78.89  ? 120 LEU U CD1 1 
ATOM   906  C CD2 . LEU A 1 119 ? 3.578   6.029   17.998  1.00 70.70  ? 120 LEU U CD2 1 
ATOM   907  N N   . ILE A 1 120 ? 0.242   3.002   18.063  1.00 78.51  ? 121 ILE U N   1 
ATOM   908  C CA  . ILE A 1 120 ? -0.915  2.173   18.401  1.00 80.29  ? 121 ILE U CA  1 
ATOM   909  C C   . ILE A 1 120 ? -2.085  3.056   18.808  1.00 79.32  ? 121 ILE U C   1 
ATOM   910  O O   . ILE A 1 120 ? -1.911  4.079   19.474  1.00 75.19  ? 121 ILE U O   1 
ATOM   911  C CB  . ILE A 1 120 ? -0.652  1.188   19.547  1.00 75.48  ? 121 ILE U CB  1 
ATOM   912  C CG1 . ILE A 1 120 ? 0.542   0.303   19.249  1.00 85.74  ? 121 ILE U CG1 1 
ATOM   913  C CG2 . ILE A 1 120 ? -1.843  0.268   19.713  1.00 77.13  ? 121 ILE U CG2 1 
ATOM   914  C CD1 . ILE A 1 120 ? 0.715   -0.813  20.250  1.00 84.57  ? 121 ILE U CD1 1 
ATOM   915  N N   . GLY A 1 121 ? -3.279  2.675   18.379  1.00 73.53  ? 122 GLY U N   1 
ATOM   916  C CA  . GLY A 1 121 ? -4.470  3.359   18.834  1.00 73.91  ? 122 GLY U CA  1 
ATOM   917  C C   . GLY A 1 121 ? -4.682  4.720   18.216  1.00 73.81  ? 122 GLY U C   1 
ATOM   918  O O   . GLY A 1 121 ? -5.771  5.274   18.283  1.00 78.45  ? 122 GLY U O   1 
ATOM   919  N N   . GLN A 1 122 ? -3.657  5.281   17.608  1.00 75.50  ? 123 GLN U N   1 
ATOM   920  C CA  . GLN A 1 122 ? -3.852  6.575   16.999  1.00 80.20  ? 123 GLN U CA  1 
ATOM   921  C C   . GLN A 1 122 ? -3.950  6.432   15.493  1.00 76.58  ? 123 GLN U C   1 
ATOM   922  O O   . GLN A 1 122 ? -3.020  5.974   14.839  1.00 80.61  ? 123 GLN U O   1 
ATOM   923  C CB  . GLN A 1 122 ? -2.729  7.521   17.391  1.00 85.28  ? 123 GLN U CB  1 
ATOM   924  C CG  . GLN A 1 122 ? -2.960  8.946   16.953  1.00 92.38  ? 123 GLN U CG  1 
ATOM   925  C CD  . GLN A 1 122 ? -1.910  9.875   17.521  1.00 107.03 ? 123 GLN U CD  1 
ATOM   926  O OE1 . GLN A 1 122 ? -1.076  9.459   18.334  1.00 102.91 ? 123 GLN U OE1 1 
ATOM   927  N NE2 . GLN A 1 122 ? -1.936  11.139  17.097  1.00 110.35 ? 123 GLN U NE2 1 
ATOM   928  N N   . LEU A 1 123 ? -5.108  6.784   14.953  1.00 76.92  ? 124 LEU U N   1 
ATOM   929  C CA  . LEU A 1 123 ? -5.273  6.864   13.516  1.00 71.87  ? 124 LEU U CA  1 
ATOM   930  C C   . LEU A 1 123 ? -4.266  7.845   12.976  1.00 77.29  ? 124 LEU U C   1 
ATOM   931  O O   . LEU A 1 123 ? -4.258  9.017   13.355  1.00 80.42  ? 124 LEU U O   1 
ATOM   932  C CB  . LEU A 1 123 ? -6.683  7.294   13.143  1.00 68.24  ? 124 LEU U CB  1 
ATOM   933  C CG  . LEU A 1 123 ? -6.900  7.684   11.689  1.00 64.10  ? 124 LEU U CG  1 
ATOM   934  C CD1 . LEU A 1 123 ? -8.174  7.055   11.159  1.00 65.38  ? 124 LEU U CD1 1 
ATOM   935  C CD2 . LEU A 1 123 ? -6.966  9.199   11.584  1.00 63.25  ? 124 LEU U CD2 1 
ATOM   936  N N   . THR A 1 124 ? -3.415  7.350   12.088  1.00 74.74  ? 125 THR U N   1 
ATOM   937  C CA  . THR A 1 124 ? -2.330  8.139   11.536  1.00 73.29  ? 125 THR U CA  1 
ATOM   938  C C   . THR A 1 124 ? -2.486  8.246   10.018  1.00 71.25  ? 125 THR U C   1 
ATOM   939  O O   . THR A 1 124 ? -2.920  7.295   9.359   1.00 67.12  ? 125 THR U O   1 
ATOM   940  C CB  . THR A 1 124 ? -0.983  7.514   11.906  1.00 74.47  ? 125 THR U CB  1 
ATOM   941  O OG1 . THR A 1 124 ? -1.032  6.119   11.614  1.00 74.60  ? 125 THR U OG1 1 
ATOM   942  C CG2 . THR A 1 124 ? -0.701  7.664   13.404  1.00 77.16  ? 125 THR U CG2 1 
ATOM   943  N N   . ARG A 1 125 ? -2.161  9.412   9.471   1.00 71.84  ? 126 ARG U N   1 
ATOM   944  C CA  . ARG A 1 125 ? -2.328  9.659   8.038   1.00 70.66  ? 126 ARG U CA  1 
ATOM   945  C C   . ARG A 1 125 ? -1.016  9.662   7.285   1.00 72.27  ? 126 ARG U C   1 
ATOM   946  O O   . ARG A 1 125 ? -0.016  10.207  7.750   1.00 76.81  ? 126 ARG U O   1 
ATOM   947  C CB  . ARG A 1 125 ? -3.027  10.988  7.793   1.00 72.23  ? 126 ARG U CB  1 
ATOM   948  C CG  . ARG A 1 125 ? -4.496  10.938  8.034   1.00 77.07  ? 126 ARG U CG  1 
ATOM   949  C CD  . ARG A 1 125 ? -5.177  12.178  7.504   1.00 82.69  ? 126 ARG U CD  1 
ATOM   950  N NE  . ARG A 1 125 ? -6.621  11.994  7.522   1.00 80.14  ? 126 ARG U NE  1 
ATOM   951  C CZ  . ARG A 1 125 ? -7.357  12.113  8.617   1.00 80.01  ? 126 ARG U CZ  1 
ATOM   952  N NH1 . ARG A 1 125 ? -6.776  12.429  9.769   1.00 78.99  ? 126 ARG U NH1 1 
ATOM   953  N NH2 . ARG A 1 125 ? -8.664  11.914  8.563   1.00 77.27  ? 126 ARG U NH2 1 
ATOM   954  N N   . HIS A 1 126 ? -1.032  9.069   6.104   1.00 68.04  ? 127 HIS U N   1 
ATOM   955  C CA  . HIS A 1 126 ? 0.152   9.013   5.276   1.00 61.34  ? 127 HIS U CA  1 
ATOM   956  C C   . HIS A 1 126 ? -0.115  9.706   3.965   1.00 68.81  ? 127 HIS U C   1 
ATOM   957  O O   . HIS A 1 126 ? -1.143  9.445   3.322   1.00 67.02  ? 127 HIS U O   1 
ATOM   958  C CB  . HIS A 1 126 ? 0.543   7.569   5.014   1.00 60.31  ? 127 HIS U CB  1 
ATOM   959  C CG  . HIS A 1 126 ? 1.316   6.941   6.123   1.00 62.08  ? 127 HIS U CG  1 
ATOM   960  N ND1 . HIS A 1 126 ? 1.633   5.600   6.138   1.00 60.70  ? 127 HIS U ND1 1 
ATOM   961  C CD2 . HIS A 1 126 ? 1.862   7.473   7.242   1.00 61.82  ? 127 HIS U CD2 1 
ATOM   962  C CE1 . HIS A 1 126 ? 2.338   5.330   7.223   1.00 62.79  ? 127 HIS U CE1 1 
ATOM   963  N NE2 . HIS A 1 126 ? 2.490   6.450   7.910   1.00 64.43  ? 127 HIS U NE2 1 
ATOM   964  N N   . GLU A 1 127 ? 0.784   10.592  3.555   1.00 68.52  ? 128 GLU U N   1 
ATOM   965  C CA  . GLU A 1 127 ? 0.763   10.991  2.155   1.00 70.73  ? 128 GLU U CA  1 
ATOM   966  C C   . GLU A 1 127 ? 2.150   10.820  1.566   1.00 69.19  ? 128 GLU U C   1 
ATOM   967  O O   . GLU A 1 127 ? 3.127   11.390  2.044   1.00 72.16  ? 128 GLU U O   1 
ATOM   968  C CB  . GLU A 1 127 ? 0.211   12.411  1.958   1.00 74.25  ? 128 GLU U CB  1 
ATOM   969  C CG  . GLU A 1 127 ? 0.968   13.596  2.513   1.00 78.30  ? 128 GLU U CG  1 
ATOM   970  C CD  . GLU A 1 127 ? 0.207   14.901  2.249   1.00 86.56  ? 128 GLU U CD  1 
ATOM   971  O OE1 . GLU A 1 127 ? 0.728   15.784  1.523   1.00 85.80  ? 128 GLU U OE1 1 
ATOM   972  O OE2 . GLU A 1 127 ? -0.930  15.029  2.759   1.00 88.27  ? 128 GLU U OE2 1 
ATOM   973  N N   . ILE A 1 128 ? 2.204   9.970   0.543   1.00 66.22  ? 129 ILE U N   1 
ATOM   974  C CA  . ILE A 1 128 ? 3.439   9.508   -0.069  1.00 61.40  ? 129 ILE U CA  1 
ATOM   975  C C   . ILE A 1 128 ? 3.635   10.132  -1.430  1.00 68.96  ? 129 ILE U C   1 
ATOM   976  O O   . ILE A 1 128 ? 2.835   9.879   -2.339  1.00 71.18  ? 129 ILE U O   1 
ATOM   977  C CB  . ILE A 1 128 ? 3.433   7.993   -0.260  1.00 61.58  ? 129 ILE U CB  1 
ATOM   978  C CG1 . ILE A 1 128 ? 2.895   7.289   0.974   1.00 63.56  ? 129 ILE U CG1 1 
ATOM   979  C CG2 . ILE A 1 128 ? 4.829   7.504   -0.576  1.00 70.19  ? 129 ILE U CG2 1 
ATOM   980  C CD1 . ILE A 1 128 ? 3.812   7.379   2.139   1.00 59.22  ? 129 ILE U CD1 1 
ATOM   981  N N   . GLU A 1 129 ? 4.693   10.919  -1.603  1.00 63.95  ? 130 GLU U N   1 
ATOM   982  C CA  . GLU A 1 129 ? 4.891   11.570  -2.894  1.00 65.31  ? 130 GLU U CA  1 
ATOM   983  C C   . GLU A 1 129 ? 5.217   10.557  -3.981  1.00 62.72  ? 130 GLU U C   1 
ATOM   984  O O   . GLU A 1 129 ? 6.133   9.754   -3.837  1.00 61.48  ? 130 GLU U O   1 
ATOM   985  C CB  . GLU A 1 129 ? 5.993   12.604  -2.811  1.00 60.50  ? 130 GLU U CB  1 
ATOM   986  C CG  . GLU A 1 129 ? 6.176   13.373  -4.089  1.00 59.30  ? 130 GLU U CG  1 
ATOM   987  C CD  . GLU A 1 129 ? 7.197   14.466  -3.935  1.00 68.70  ? 130 GLU U CD  1 
ATOM   988  O OE1 . GLU A 1 129 ? 8.394   14.150  -3.767  1.00 74.54  ? 130 GLU U OE1 1 
ATOM   989  O OE2 . GLU A 1 129 ? 6.803   15.647  -3.951  1.00 81.03  ? 130 GLU U OE2 1 
ATOM   990  N N   . MET A 1 130 ? 4.467   10.591  -5.069  1.00 54.30  ? 131 MET U N   1 
ATOM   991  C CA  . MET A 1 130 ? 4.710   9.648   -6.134  1.00 54.10  ? 131 MET U CA  1 
ATOM   992  C C   . MET A 1 130 ? 5.916   10.008  -6.991  1.00 59.91  ? 131 MET U C   1 
ATOM   993  O O   . MET A 1 130 ? 5.777   10.171  -8.195  1.00 62.38  ? 131 MET U O   1 
ATOM   994  C CB  . MET A 1 130 ? 3.482   9.533   -7.022  1.00 55.70  ? 131 MET U CB  1 
ATOM   995  C CG  . MET A 1 130 ? 2.360   8.818   -6.364  1.00 62.63  ? 131 MET U CG  1 
ATOM   996  S SD  . MET A 1 130 ? 2.954   7.307   -5.593  1.00 59.21  ? 131 MET U SD  1 
ATOM   997  C CE  . MET A 1 130 ? 2.552   6.110   -6.849  1.00 47.97  ? 131 MET U CE  1 
ATOM   998  N N   . THR A 1 131 ? 7.099   10.131  -6.395  1.00 58.08  ? 132 THR U N   1 
ATOM   999  C CA  . THR A 1 131 ? 8.320   10.292  -7.183  1.00 55.40  ? 132 THR U CA  1 
ATOM   1000 C C   . THR A 1 131 ? 9.537   9.551   -6.622  1.00 60.22  ? 132 THR U C   1 
ATOM   1001 O O   . THR A 1 131 ? 9.761   9.498   -5.406  1.00 62.32  ? 132 THR U O   1 
ATOM   1002 C CB  . THR A 1 131 ? 8.725   11.754  -7.304  1.00 56.95  ? 132 THR U CB  1 
ATOM   1003 O OG1 . THR A 1 131 ? 9.247   12.197  -6.052  1.00 58.12  ? 132 THR U OG1 1 
ATOM   1004 C CG2 . THR A 1 131 ? 7.563   12.623  -7.701  1.00 55.60  ? 132 THR U CG2 1 
ATOM   1005 N N   . GLU A 1 132 ? 10.345  9.036   -7.542  1.00 57.25  ? 133 GLU U N   1 
ATOM   1006 C CA  . GLU A 1 132 ? 11.600  8.310   -7.274  1.00 59.66  ? 133 GLU U CA  1 
ATOM   1007 C C   . GLU A 1 132 ? 12.423  8.648   -6.027  1.00 57.18  ? 133 GLU U C   1 
ATOM   1008 O O   . GLU A 1 132 ? 13.079  7.789   -5.439  1.00 53.53  ? 133 GLU U O   1 
ATOM   1009 C CB  . GLU A 1 132 ? 12.527  8.481   -8.486  1.00 59.42  ? 133 GLU U CB  1 
ATOM   1010 C CG  . GLU A 1 132 ? 13.332  9.807   -8.503  1.00 59.76  ? 133 GLU U CG  1 
ATOM   1011 C CD  . GLU A 1 132 ? 12.655  10.908  -9.294  1.00 58.12  ? 133 GLU U CD  1 
ATOM   1012 O OE1 . GLU A 1 132 ? 11.530  10.689  -9.791  1.00 54.19  ? 133 GLU U OE1 1 
ATOM   1013 O OE2 . GLU A 1 132 ? 13.254  11.993  -9.423  1.00 64.76  ? 133 GLU U OE2 1 
ATOM   1014 N N   . LYS A 1 133 ? 12.414  9.902   -5.637  1.00 56.84  ? 134 LYS U N   1 
ATOM   1015 C CA  . LYS A 1 133 ? 13.504  10.387  -4.828  1.00 63.52  ? 134 LYS U CA  1 
ATOM   1016 C C   . LYS A 1 133 ? 13.501  9.764   -3.445  1.00 62.52  ? 134 LYS U C   1 
ATOM   1017 O O   . LYS A 1 133 ? 14.528  9.734   -2.765  1.00 59.25  ? 134 LYS U O   1 
ATOM   1018 C CB  . LYS A 1 133 ? 13.429  11.908  -4.783  1.00 74.53  ? 134 LYS U CB  1 
ATOM   1019 C CG  . LYS A 1 133 ? 12.102  12.432  -5.344  1.00 72.70  ? 134 LYS U CG  1 
ATOM   1020 C CD  . LYS A 1 133 ? 12.129  13.930  -5.670  1.00 77.67  ? 134 LYS U CD  1 
ATOM   1021 C CE  . LYS A 1 133 ? 12.995  14.191  -6.903  1.00 80.01  ? 134 LYS U CE  1 
ATOM   1022 N NZ  . LYS A 1 133 ? 12.824  15.560  -7.452  1.00 92.27  ? 134 LYS U NZ  1 
ATOM   1023 N N   . GLU A 1 134 ? 12.354  9.207   -3.072  1.00 64.80  ? 135 GLU U N   1 
ATOM   1024 C CA  . GLU A 1 134 ? 12.155  8.713   -1.721  1.00 64.48  ? 135 GLU U CA  1 
ATOM   1025 C C   . GLU A 1 134 ? 11.871  7.219   -1.628  1.00 60.56  ? 135 GLU U C   1 
ATOM   1026 O O   . GLU A 1 134 ? 12.017  6.611   -0.566  1.00 63.42  ? 135 GLU U O   1 
ATOM   1027 C CB  . GLU A 1 134 ? 11.027  9.501   -1.072  1.00 69.33  ? 135 GLU U CB  1 
ATOM   1028 C CG  . GLU A 1 134 ? 11.501  10.788  -0.428  1.00 73.63  ? 135 GLU U CG  1 
ATOM   1029 C CD  . GLU A 1 134 ? 12.445  10.531  0.739   1.00 82.24  ? 135 GLU U CD  1 
ATOM   1030 O OE1 . GLU A 1 134 ? 13.626  10.158  0.508   1.00 78.45  ? 135 GLU U OE1 1 
ATOM   1031 O OE2 . GLU A 1 134 ? 11.981  10.683  1.893   1.00 88.53  ? 135 GLU U OE2 1 
ATOM   1032 N N   . TRP A 1 135 ? 11.476  6.618   -2.733  1.00 51.15  ? 136 TRP U N   1 
ATOM   1033 C CA  . TRP A 1 135 ? 11.361  5.177   -2.754  1.00 51.20  ? 136 TRP U CA  1 
ATOM   1034 C C   . TRP A 1 135 ? 12.701  4.464   -2.787  1.00 47.31  ? 136 TRP U C   1 
ATOM   1035 O O   . TRP A 1 135 ? 13.715  5.070   -3.086  1.00 49.40  ? 136 TRP U O   1 
ATOM   1036 C CB  . TRP A 1 135 ? 10.561  4.759   -3.943  1.00 48.72  ? 136 TRP U CB  1 
ATOM   1037 C CG  . TRP A 1 135 ? 9.230   5.268   -3.879  1.00 52.97  ? 136 TRP U CG  1 
ATOM   1038 C CD1 . TRP A 1 135 ? 8.847   6.563   -3.941  1.00 55.91  ? 136 TRP U CD1 1 
ATOM   1039 C CD2 . TRP A 1 135 ? 8.047   4.491   -3.749  1.00 53.65  ? 136 TRP U CD2 1 
ATOM   1040 N NE1 . TRP A 1 135 ? 7.479   6.646   -3.870  1.00 60.19  ? 136 TRP U NE1 1 
ATOM   1041 C CE2 . TRP A 1 135 ? 6.967   5.384   -3.747  1.00 53.51  ? 136 TRP U CE2 1 
ATOM   1042 C CE3 . TRP A 1 135 ? 7.797   3.120   -3.647  1.00 51.44  ? 136 TRP U CE3 1 
ATOM   1043 C CZ2 . TRP A 1 135 ? 5.661   4.957   -3.640  1.00 55.02  ? 136 TRP U CZ2 1 
ATOM   1044 C CZ3 . TRP A 1 135 ? 6.501   2.694   -3.550  1.00 51.73  ? 136 TRP U CZ3 1 
ATOM   1045 C CH2 . TRP A 1 135 ? 5.447   3.608   -3.539  1.00 57.99  ? 136 TRP U CH2 1 
ATOM   1046 N N   . LYS A 1 136 ? 12.684  3.170   -2.479  1.00 41.66  ? 137 LYS U N   1 
ATOM   1047 C CA  . LYS A 1 136 ? 13.858  2.324   -2.600  1.00 38.89  ? 137 LYS U CA  1 
ATOM   1048 C C   . LYS A 1 136 ? 13.540  1.026   -3.302  1.00 42.30  ? 137 LYS U C   1 
ATOM   1049 O O   . LYS A 1 136 ? 12.411  0.786   -3.729  1.00 45.41  ? 137 LYS U O   1 
ATOM   1050 C CB  . LYS A 1 136 ? 14.454  2.026   -1.241  1.00 36.17  ? 137 LYS U CB  1 
ATOM   1051 C CG  . LYS A 1 136 ? 14.976  3.252   -0.581  1.00 40.81  ? 137 LYS U CG  1 
ATOM   1052 C CD  . LYS A 1 136 ? 15.831  2.908   0.589   1.00 42.17  ? 137 LYS U CD  1 
ATOM   1053 C CE  . LYS A 1 136 ? 16.376  4.173   1.176   1.00 42.30  ? 137 LYS U CE  1 
ATOM   1054 N NZ  . LYS A 1 136 ? 17.193  3.886   2.366   1.00 47.35  ? 137 LYS U NZ  1 
ATOM   1055 N N   . TYR A 1 137 ? 14.556  0.183   -3.415  1.00 43.27  ? 138 TYR U N   1 
ATOM   1056 C CA  . TYR A 1 137 ? 14.443  -1.073  -4.152  1.00 42.74  ? 138 TYR U CA  1 
ATOM   1057 C C   . TYR A 1 137 ? 14.100  -2.238  -3.239  1.00 42.44  ? 138 TYR U C   1 
ATOM   1058 O O   . TYR A 1 137 ? 14.669  -2.383  -2.147  1.00 38.99  ? 138 TYR U O   1 
ATOM   1059 C CB  . TYR A 1 137 ? 15.746  -1.364  -4.907  1.00 36.38  ? 138 TYR U CB  1 
ATOM   1060 C CG  . TYR A 1 137 ? 15.917  -0.514  -6.136  1.00 37.07  ? 138 TYR U CG  1 
ATOM   1061 C CD1 . TYR A 1 137 ? 15.250  -0.822  -7.313  1.00 38.66  ? 138 TYR U CD1 1 
ATOM   1062 C CD2 . TYR A 1 137 ? 16.733  0.607   -6.123  1.00 37.73  ? 138 TYR U CD2 1 
ATOM   1063 C CE1 . TYR A 1 137 ? 15.391  -0.038  -8.438  1.00 38.22  ? 138 TYR U CE1 1 
ATOM   1064 C CE2 . TYR A 1 137 ? 16.885  1.408   -7.256  1.00 33.28  ? 138 TYR U CE2 1 
ATOM   1065 C CZ  . TYR A 1 137 ? 16.211  1.078   -8.405  1.00 38.49  ? 138 TYR U CZ  1 
ATOM   1066 O OH  . TYR A 1 137 ? 16.365  1.846   -9.533  1.00 37.67  ? 138 TYR U OH  1 
ATOM   1067 N N   . TYR A 1 138 ? 13.168  -3.066  -3.690  1.00 37.12  ? 139 TYR U N   1 
ATOM   1068 C CA  . TYR A 1 138 ? 12.774  -4.232  -2.926  1.00 36.42  ? 139 TYR U CA  1 
ATOM   1069 C C   . TYR A 1 138 ? 13.950  -5.167  -2.754  1.00 37.83  ? 139 TYR U C   1 
ATOM   1070 O O   . TYR A 1 138 ? 14.549  -5.605  -3.716  1.00 44.43  ? 139 TYR U O   1 
ATOM   1071 C CB  . TYR A 1 138 ? 11.629  -4.937  -3.623  1.00 43.32  ? 139 TYR U CB  1 
ATOM   1072 C CG  . TYR A 1 138 ? 11.013  -6.059  -2.829  1.00 51.99  ? 139 TYR U CG  1 
ATOM   1073 C CD1 . TYR A 1 138 ? 10.764  -5.921  -1.467  1.00 54.19  ? 139 TYR U CD1 1 
ATOM   1074 C CD2 . TYR A 1 138 ? 10.646  -7.247  -3.442  1.00 50.52  ? 139 TYR U CD2 1 
ATOM   1075 C CE1 . TYR A 1 138 ? 10.179  -6.949  -0.734  1.00 55.62  ? 139 TYR U CE1 1 
ATOM   1076 C CE2 . TYR A 1 138 ? 10.063  -8.271  -2.719  1.00 53.81  ? 139 TYR U CE2 1 
ATOM   1077 C CZ  . TYR A 1 138 ? 9.829   -8.119  -1.370  1.00 54.83  ? 139 TYR U CZ  1 
ATOM   1078 O OH  . TYR A 1 138 ? 9.250   -9.145  -0.658  1.00 56.88  ? 139 TYR U OH  1 
ATOM   1079 N N   . GLY A 1 139 ? 14.329  -5.468  -1.535  1.00 39.47  ? 140 GLY U N   1 
ATOM   1080 C CA  . GLY A 1 139 ? 15.434  -6.388  -1.399  1.00 41.61  ? 140 GLY U CA  1 
ATOM   1081 C C   . GLY A 1 139 ? 16.628  -5.699  -0.833  1.00 40.45  ? 140 GLY U C   1 
ATOM   1082 O O   . GLY A 1 139 ? 17.580  -6.330  -0.405  1.00 45.28  ? 140 GLY U O   1 
ATOM   1083 N N   . ASP A 1 140 ? 16.571  -4.379  -0.824  1.00 41.91  ? 141 ASP U N   1 
ATOM   1084 C CA  . ASP A 1 140 ? 17.620  -3.607  -0.203  1.00 40.07  ? 141 ASP U CA  1 
ATOM   1085 C C   . ASP A 1 140 ? 17.189  -3.290  1.189   1.00 40.19  ? 141 ASP U C   1 
ATOM   1086 O O   . ASP A 1 140 ? 16.112  -2.749  1.396   1.00 43.61  ? 141 ASP U O   1 
ATOM   1087 C CB  . ASP A 1 140 ? 17.888  -2.331  -0.967  1.00 39.76  ? 141 ASP U CB  1 
ATOM   1088 C CG  . ASP A 1 140 ? 18.427  -2.583  -2.335  1.00 47.98  ? 141 ASP U CG  1 
ATOM   1089 O OD1 . ASP A 1 140 ? 18.178  -3.672  -2.893  1.00 53.08  ? 141 ASP U OD1 1 
ATOM   1090 O OD2 . ASP A 1 140 ? 19.095  -1.687  -2.872  1.00 53.45  ? 141 ASP U OD2 1 
ATOM   1091 N N   . ASP A 1 141 ? 18.022  -3.658  2.144   1.00 40.19  ? 142 ASP U N   1 
ATOM   1092 C CA  . ASP A 1 141 ? 17.861  -3.256  3.523   1.00 38.27  ? 142 ASP U CA  1 
ATOM   1093 C C   . ASP A 1 141 ? 17.496  -1.780  3.570   1.00 43.60  ? 142 ASP U C   1 
ATOM   1094 O O   . ASP A 1 141 ? 18.002  -1.002  2.786   1.00 48.68  ? 142 ASP U O   1 
ATOM   1095 C CB  . ASP A 1 141 ? 19.151  -3.534  4.266   1.00 40.90  ? 142 ASP U CB  1 
ATOM   1096 C CG  . ASP A 1 141 ? 19.073  -3.198  5.715   1.00 50.06  ? 142 ASP U CG  1 
ATOM   1097 O OD1 . ASP A 1 141 ? 19.329  -4.105  6.536   1.00 55.69  ? 142 ASP U OD1 1 
ATOM   1098 O OD2 . ASP A 1 141 ? 18.794  -2.028  6.044   1.00 44.10  ? 142 ASP U OD2 1 
ATOM   1099 N N   . PRO A 1 142 ? 16.597  -1.380  4.470   1.00 44.46  ? 143 PRO U N   1 
ATOM   1100 C CA  . PRO A 1 142 ? 16.175  0.018   4.469   1.00 45.29  ? 143 PRO U CA  1 
ATOM   1101 C C   . PRO A 1 142 ? 17.275  1.009   4.830   1.00 46.05  ? 143 PRO U C   1 
ATOM   1102 O O   . PRO A 1 142 ? 17.094  2.206   4.632   1.00 46.74  ? 143 PRO U O   1 
ATOM   1103 C CB  . PRO A 1 142 ? 15.080  0.039   5.527   1.00 45.37  ? 143 PRO U CB  1 
ATOM   1104 C CG  . PRO A 1 142 ? 14.580  -1.319  5.560   1.00 47.73  ? 143 PRO U CG  1 
ATOM   1105 C CD  . PRO A 1 142 ? 15.771  -2.178  5.381   1.00 47.16  ? 143 PRO U CD  1 
ATOM   1106 N N   . ARG A 1 143 ? 18.395  0.526   5.350   1.00 45.00  ? 144 ARG U N   1 
ATOM   1107 C CA  . ARG A 1 143 ? 19.470  1.418   5.741   1.00 43.32  ? 144 ARG U CA  1 
ATOM   1108 C C   . ARG A 1 143 ? 20.403  1.803   4.582   1.00 48.77  ? 144 ARG U C   1 
ATOM   1109 O O   . ARG A 1 143 ? 21.362  2.540   4.765   1.00 51.81  ? 144 ARG U O   1 
ATOM   1110 C CB  . ARG A 1 143 ? 20.287  0.785   6.851   1.00 44.55  ? 144 ARG U CB  1 
ATOM   1111 C CG  . ARG A 1 143 ? 19.512  0.132   7.969   1.00 44.70  ? 144 ARG U CG  1 
ATOM   1112 C CD  . ARG A 1 143 ? 20.494  -0.155  9.070   1.00 50.88  ? 144 ARG U CD  1 
ATOM   1113 N NE  . ARG A 1 143 ? 20.246  -1.344  9.886   1.00 53.26  ? 144 ARG U NE  1 
ATOM   1114 C CZ  . ARG A 1 143 ? 20.388  -2.600  9.473   1.00 54.75  ? 144 ARG U CZ  1 
ATOM   1115 N NH1 . ARG A 1 143 ? 20.708  -2.870  8.222   1.00 54.62  ? 144 ARG U NH1 1 
ATOM   1116 N NH2 . ARG A 1 143 ? 20.174  -3.598  10.311  1.00 68.10  ? 144 ARG U NH2 1 
ATOM   1117 N N   . VAL A 1 144 ? 20.132  1.301   3.389   1.00 48.67  ? 145 VAL U N   1 
ATOM   1118 C CA  . VAL A 1 144 ? 20.965  1.636   2.253   1.00 47.29  ? 145 VAL U CA  1 
ATOM   1119 C C   . VAL A 1 144 ? 20.514  2.980   1.720   1.00 45.98  ? 145 VAL U C   1 
ATOM   1120 O O   . VAL A 1 144 ? 19.332  3.282   1.707   1.00 44.02  ? 145 VAL U O   1 
ATOM   1121 C CB  . VAL A 1 144 ? 20.907  0.551   1.151   1.00 49.14  ? 145 VAL U CB  1 
ATOM   1122 C CG1 . VAL A 1 144 ? 21.269  -0.800  1.729   1.00 43.68  ? 145 VAL U CG1 1 
ATOM   1123 C CG2 . VAL A 1 144 ? 19.542  0.516   0.463   1.00 42.46  ? 145 VAL U CG2 1 
ATOM   1124 N N   . HIS A 1 145 ? 21.463  3.796   1.285   1.00 50.52  ? 146 HIS U N   1 
ATOM   1125 C CA  . HIS A 1 145 ? 21.143  5.170   0.913   1.00 51.77  ? 146 HIS U CA  1 
ATOM   1126 C C   . HIS A 1 145 ? 20.807  5.328   -0.577  1.00 46.68  ? 146 HIS U C   1 
ATOM   1127 O O   . HIS A 1 145 ? 20.687  6.436   -1.094  1.00 51.00  ? 146 HIS U O   1 
ATOM   1128 C CB  . HIS A 1 145 ? 22.305  6.084   1.272   1.00 54.33  ? 146 HIS U CB  1 
ATOM   1129 C CG  . HIS A 1 145 ? 22.871  5.850   2.640   1.00 62.96  ? 146 HIS U CG  1 
ATOM   1130 N ND1 . HIS A 1 145 ? 24.191  5.492   2.844   1.00 62.16  ? 146 HIS U ND1 1 
ATOM   1131 C CD2 . HIS A 1 145 ? 22.306  5.942   3.869   1.00 60.58  ? 146 HIS U CD2 1 
ATOM   1132 C CE1 . HIS A 1 145 ? 24.417  5.381   4.143   1.00 63.92  ? 146 HIS U CE1 1 
ATOM   1133 N NE2 . HIS A 1 145 ? 23.288  5.636   4.786   1.00 71.07  ? 146 HIS U NE2 1 
ATOM   1134 N N   . ARG A 1 146 ? 20.662  4.215   -1.265  1.00 40.41  ? 147 ARG U N   1 
ATOM   1135 C CA  . ARG A 1 146 ? 20.351  4.232   -2.669  1.00 40.30  ? 147 ARG U CA  1 
ATOM   1136 C C   . ARG A 1 146 ? 18.865  4.458   -2.808  1.00 42.13  ? 147 ARG U C   1 
ATOM   1137 O O   . ARG A 1 146 ? 18.108  3.957   -2.011  1.00 47.19  ? 147 ARG U O   1 
ATOM   1138 C CB  . ARG A 1 146 ? 20.785  2.914   -3.296  1.00 41.41  ? 147 ARG U CB  1 
ATOM   1139 C CG  . ARG A 1 146 ? 20.596  2.816   -4.775  1.00 41.44  ? 147 ARG U CG  1 
ATOM   1140 C CD  . ARG A 1 146 ? 21.187  1.521   -5.299  1.00 44.86  ? 147 ARG U CD  1 
ATOM   1141 N NE  . ARG A 1 146 ? 22.607  1.386   -4.962  1.00 50.65  ? 147 ARG U NE  1 
ATOM   1142 C CZ  . ARG A 1 146 ? 23.365  0.343   -5.291  1.00 47.00  ? 147 ARG U CZ  1 
ATOM   1143 N NH1 . ARG A 1 146 ? 22.852  -0.667  -5.970  1.00 49.17  ? 147 ARG U NH1 1 
ATOM   1144 N NH2 . ARG A 1 146 ? 24.633  0.302   -4.933  1.00 46.50  ? 147 ARG U NH2 1 
ATOM   1145 N N   . THR A 1 147 ? 18.419  5.238   -3.773  1.00 40.20  ? 148 THR U N   1 
ATOM   1146 C CA  . THR A 1 147 ? 16.995  5.247   -4.017  1.00 39.56  ? 148 THR U CA  1 
ATOM   1147 C C   . THR A 1 147 ? 16.753  4.945   -5.453  1.00 40.05  ? 148 THR U C   1 
ATOM   1148 O O   . THR A 1 147 ? 17.680  4.895   -6.232  1.00 45.00  ? 148 THR U O   1 
ATOM   1149 C CB  . THR A 1 147 ? 16.334  6.575   -3.679  1.00 50.18  ? 148 THR U CB  1 
ATOM   1150 O OG1 . THR A 1 147 ? 16.709  7.581   -4.630  1.00 54.78  ? 148 THR U OG1 1 
ATOM   1151 C CG2 . THR A 1 147 ? 16.711  6.993   -2.295  1.00 50.85  ? 148 THR U CG2 1 
ATOM   1152 N N   . VAL A 1 148 ? 15.496  4.771   -5.811  1.00 37.99  ? 149 VAL U N   1 
ATOM   1153 C CA  . VAL A 1 148 ? 15.162  4.401   -7.163  1.00 37.81  ? 149 VAL U CA  1 
ATOM   1154 C C   . VAL A 1 148 ? 15.496  5.518   -8.159  1.00 47.55  ? 149 VAL U C   1 
ATOM   1155 O O   . VAL A 1 148 ? 15.256  6.702   -7.897  1.00 54.55  ? 149 VAL U O   1 
ATOM   1156 C CB  . VAL A 1 148 ? 13.695  4.039   -7.246  1.00 36.53  ? 149 VAL U CB  1 
ATOM   1157 C CG1 . VAL A 1 148 ? 13.335  3.587   -8.621  1.00 39.83  ? 149 VAL U CG1 1 
ATOM   1158 C CG2 . VAL A 1 148 ? 13.395  2.968   -6.248  1.00 37.47  ? 149 VAL U CG2 1 
ATOM   1159 N N   . THR A 1 149 ? 16.090  5.144   -9.288  1.00 43.40  ? 150 THR U N   1 
ATOM   1160 C CA  . THR A 1 149 ? 16.284  6.069   -10.393 1.00 45.67  ? 150 THR U CA  1 
ATOM   1161 C C   . THR A 1 149 ? 14.974  6.538   -10.986 1.00 47.01  ? 150 THR U C   1 
ATOM   1162 O O   . THR A 1 149 ? 14.000  5.785   -11.025 1.00 45.89  ? 150 THR U O   1 
ATOM   1163 C CB  . THR A 1 149 ? 17.058  5.439   -11.510 1.00 45.82  ? 150 THR U CB  1 
ATOM   1164 O OG1 . THR A 1 149 ? 16.215  4.490   -12.175 1.00 45.45  ? 150 THR U OG1 1 
ATOM   1165 C CG2 . THR A 1 149 ? 18.270  4.772   -10.964 1.00 40.98  ? 150 THR U CG2 1 
ATOM   1166 N N   . ARG A 1 150 ? 14.978  7.769   -11.487 1.00 46.29  ? 151 ARG U N   1 
ATOM   1167 C CA  . ARG A 1 150 ? 13.786  8.344   -12.069 1.00 49.57  ? 151 ARG U CA  1 
ATOM   1168 C C   . ARG A 1 150 ? 13.360  7.443   -13.210 1.00 50.03  ? 151 ARG U C   1 
ATOM   1169 O O   . ARG A 1 150 ? 12.181  7.183   -13.439 1.00 48.82  ? 151 ARG U O   1 
ATOM   1170 C CB  . ARG A 1 150 ? 14.044  9.774   -12.550 1.00 52.29  ? 151 ARG U CB  1 
ATOM   1171 C CG  . ARG A 1 150 ? 12.775  10.633  -12.724 1.00 66.05  ? 151 ARG U CG  1 
ATOM   1172 C CD  . ARG A 1 150 ? 13.038  11.904  -13.537 1.00 69.80  ? 151 ARG U CD  1 
ATOM   1173 N NE  . ARG A 1 150 ? 13.953  11.560  -14.618 1.00 80.50  ? 151 ARG U NE  1 
ATOM   1174 C CZ  . ARG A 1 150 ? 14.653  12.424  -15.348 1.00 83.62  ? 151 ARG U CZ  1 
ATOM   1175 N NH1 . ARG A 1 150 ? 14.537  13.742  -15.136 1.00 77.41  ? 151 ARG U NH1 1 
ATOM   1176 N NH2 . ARG A 1 150 ? 15.479  11.946  -16.289 1.00 64.92  ? 151 ARG U NH2 1 
ATOM   1177 N N   . GLU A 1 151 ? 14.353  6.916   -13.894 1.00 46.23  ? 152 GLU U N   1 
ATOM   1178 C CA  . GLU A 1 151 ? 14.101  6.159   -15.088 1.00 45.93  ? 152 GLU U CA  1 
ATOM   1179 C C   . GLU A 1 151 ? 13.321  4.872   -14.777 1.00 54.16  ? 152 GLU U C   1 
ATOM   1180 O O   . GLU A 1 151 ? 12.317  4.557   -15.430 1.00 52.10  ? 152 GLU U O   1 
ATOM   1181 C CB  . GLU A 1 151 ? 15.431  5.874   -15.759 1.00 43.47  ? 152 GLU U CB  1 
ATOM   1182 C CG  . GLU A 1 151 ? 15.354  5.770   -17.242 1.00 51.46  ? 152 GLU U CG  1 
ATOM   1183 C CD  . GLU A 1 151 ? 16.713  5.552   -17.865 1.00 57.21  ? 152 GLU U CD  1 
ATOM   1184 O OE1 . GLU A 1 151 ? 17.713  6.039   -17.271 1.00 49.26  ? 152 GLU U OE1 1 
ATOM   1185 O OE2 . GLU A 1 151 ? 16.766  4.884   -18.931 1.00 57.37  ? 152 GLU U OE2 1 
ATOM   1186 N N   . ASP A 1 152 ? 13.784  4.145   -13.762 1.00 53.94  ? 153 ASP U N   1 
ATOM   1187 C CA  . ASP A 1 152 ? 13.149  2.904   -13.333 1.00 49.46  ? 153 ASP U CA  1 
ATOM   1188 C C   . ASP A 1 152 ? 11.748  3.162   -12.843 1.00 53.89  ? 153 ASP U C   1 
ATOM   1189 O O   . ASP A 1 152 ? 10.798  2.478   -13.231 1.00 53.18  ? 153 ASP U O   1 
ATOM   1190 C CB  . ASP A 1 152 ? 13.939  2.264   -12.207 1.00 49.72  ? 153 ASP U CB  1 
ATOM   1191 C CG  . ASP A 1 152 ? 15.101  1.450   -12.692 1.00 52.17  ? 153 ASP U CG  1 
ATOM   1192 O OD1 . ASP A 1 152 ? 15.114  1.085   -13.889 1.00 53.38  ? 153 ASP U OD1 1 
ATOM   1193 O OD2 . ASP A 1 152 ? 15.981  1.152   -11.855 1.00 42.38  ? 153 ASP U OD2 1 
ATOM   1194 N N   . PHE A 1 153 ? 11.658  4.149   -11.955 1.00 51.02  ? 154 PHE U N   1 
ATOM   1195 C CA  . PHE A 1 153 ? 10.408  4.609   -11.386 1.00 49.19  ? 154 PHE U CA  1 
ATOM   1196 C C   . PHE A 1 153 ? 9.369   4.824   -12.460 1.00 52.58  ? 154 PHE U C   1 
ATOM   1197 O O   . PHE A 1 153 ? 8.260   4.314   -12.386 1.00 56.10  ? 154 PHE U O   1 
ATOM   1198 C CB  . PHE A 1 153 ? 10.636  5.905   -10.623 1.00 49.41  ? 154 PHE U CB  1 
ATOM   1199 C CG  . PHE A 1 153 ? 9.517   6.272   -9.689  1.00 58.20  ? 154 PHE U CG  1 
ATOM   1200 C CD1 . PHE A 1 153 ? 9.623   6.022   -8.337  1.00 58.33  ? 154 PHE U CD1 1 
ATOM   1201 C CD2 . PHE A 1 153 ? 8.353   6.864   -10.160 1.00 60.50  ? 154 PHE U CD2 1 
ATOM   1202 C CE1 . PHE A 1 153 ? 8.603   6.387   -7.467  1.00 61.88  ? 154 PHE U CE1 1 
ATOM   1203 C CE2 . PHE A 1 153 ? 7.323   7.209   -9.293  1.00 58.98  ? 154 PHE U CE2 1 
ATOM   1204 C CZ  . PHE A 1 153 ? 7.451   6.970   -7.953  1.00 61.85  ? 154 PHE U CZ  1 
ATOM   1205 N N   . LEU A 1 154 ? 9.739   5.580   -13.475 1.00 52.62  ? 155 LEU U N   1 
ATOM   1206 C CA  . LEU A 1 154 ? 8.789   5.906   -14.515 1.00 55.15  ? 155 LEU U CA  1 
ATOM   1207 C C   . LEU A 1 154 ? 8.364   4.668   -15.273 1.00 58.02  ? 155 LEU U C   1 
ATOM   1208 O O   . LEU A 1 154 ? 7.212   4.561   -15.680 1.00 59.63  ? 155 LEU U O   1 
ATOM   1209 C CB  . LEU A 1 154 ? 9.379   6.948   -15.450 1.00 54.61  ? 155 LEU U CB  1 
ATOM   1210 C CG  . LEU A 1 154 ? 9.284   8.312   -14.774 1.00 53.68  ? 155 LEU U CG  1 
ATOM   1211 C CD1 . LEU A 1 154 ? 10.335  9.286   -15.244 1.00 52.49  ? 155 LEU U CD1 1 
ATOM   1212 C CD2 . LEU A 1 154 ? 7.913   8.860   -15.010 1.00 54.62  ? 155 LEU U CD2 1 
ATOM   1213 N N   . ASP A 1 155 ? 9.284   3.723   -15.441 1.00 56.18  ? 156 ASP U N   1 
ATOM   1214 C CA  . ASP A 1 155 ? 8.954   2.492   -16.149 1.00 57.99  ? 156 ASP U CA  1 
ATOM   1215 C C   . ASP A 1 155 ? 8.008   1.638   -15.332 1.00 58.08  ? 156 ASP U C   1 
ATOM   1216 O O   . ASP A 1 155 ? 7.241   0.861   -15.884 1.00 62.50  ? 156 ASP U O   1 
ATOM   1217 C CB  . ASP A 1 155 ? 10.209  1.700   -16.487 1.00 57.51  ? 156 ASP U CB  1 
ATOM   1218 C CG  . ASP A 1 155 ? 10.943  2.262   -17.669 1.00 59.99  ? 156 ASP U CG  1 
ATOM   1219 O OD1 . ASP A 1 155 ? 10.306  2.444   -18.730 1.00 62.18  ? 156 ASP U OD1 1 
ATOM   1220 O OD2 . ASP A 1 155 ? 12.150  2.537   -17.524 1.00 56.02  ? 156 ASP U OD2 1 
ATOM   1221 N N   . ILE A 1 156 ? 8.052   1.774   -14.016 1.00 55.00  ? 157 ILE U N   1 
ATOM   1222 C CA  . ILE A 1 156 ? 7.073   1.079   -13.198 1.00 57.21  ? 157 ILE U CA  1 
ATOM   1223 C C   . ILE A 1 156 ? 5.675   1.687   -13.343 1.00 61.31  ? 157 ILE U C   1 
ATOM   1224 O O   . ILE A 1 156 ? 4.691   0.970   -13.558 1.00 57.68  ? 157 ILE U O   1 
ATOM   1225 C CB  . ILE A 1 156 ? 7.452   1.103   -11.750 1.00 51.40  ? 157 ILE U CB  1 
ATOM   1226 C CG1 . ILE A 1 156 ? 8.820   0.486   -11.575 1.00 52.14  ? 157 ILE U CG1 1 
ATOM   1227 C CG2 . ILE A 1 156 ? 6.447   0.316   -10.962 1.00 58.76  ? 157 ILE U CG2 1 
ATOM   1228 C CD1 . ILE A 1 156 ? 9.263   0.465   -10.150 1.00 51.05  ? 157 ILE U CD1 1 
ATOM   1229 N N   . LEU A 1 157 ? 5.604   3.012   -13.219 1.00 54.18  ? 158 LEU U N   1 
ATOM   1230 C CA  . LEU A 1 157 ? 4.368   3.748   -13.413 1.00 52.25  ? 158 LEU U CA  1 
ATOM   1231 C C   . LEU A 1 157 ? 3.742   3.524   -14.778 1.00 56.18  ? 158 LEU U C   1 
ATOM   1232 O O   . LEU A 1 157 ? 2.526   3.594   -14.934 1.00 54.80  ? 158 LEU U O   1 
ATOM   1233 C CB  . LEU A 1 157 ? 4.616   5.229   -13.219 1.00 52.18  ? 158 LEU U CB  1 
ATOM   1234 C CG  . LEU A 1 157 ? 4.972   5.607   -11.787 1.00 58.71  ? 158 LEU U CG  1 
ATOM   1235 C CD1 . LEU A 1 157 ? 4.912   7.113   -11.575 1.00 62.72  ? 158 LEU U CD1 1 
ATOM   1236 C CD2 . LEU A 1 157 ? 4.020   4.918   -10.843 1.00 61.57  ? 158 LEU U CD2 1 
ATOM   1237 N N   . TYR A 1 158 ? 4.581   3.252   -15.762 1.00 55.52  ? 159 TYR U N   1 
ATOM   1238 C CA  . TYR A 1 158 ? 4.127   3.067   -17.127 1.00 62.32  ? 159 TYR U CA  1 
ATOM   1239 C C   . TYR A 1 158 ? 3.096   1.954   -17.208 1.00 62.35  ? 159 TYR U C   1 
ATOM   1240 O O   . TYR A 1 158 ? 2.183   1.986   -18.039 1.00 67.65  ? 159 TYR U O   1 
ATOM   1241 C CB  . TYR A 1 158 ? 5.318   2.769   -18.047 1.00 72.37  ? 159 TYR U CB  1 
ATOM   1242 C CG  . TYR A 1 158 ? 4.945   2.667   -19.508 1.00 74.20  ? 159 TYR U CG  1 
ATOM   1243 C CD1 . TYR A 1 158 ? 4.443   3.762   -20.190 1.00 73.25  ? 159 TYR U CD1 1 
ATOM   1244 C CD2 . TYR A 1 158 ? 5.077   1.474   -20.196 1.00 73.80  ? 159 TYR U CD2 1 
ATOM   1245 C CE1 . TYR A 1 158 ? 4.089   3.673   -21.509 1.00 73.03  ? 159 TYR U CE1 1 
ATOM   1246 C CE2 . TYR A 1 158 ? 4.728   1.378   -21.519 1.00 79.77  ? 159 TYR U CE2 1 
ATOM   1247 C CZ  . TYR A 1 158 ? 4.233   2.484   -22.171 1.00 79.10  ? 159 TYR U CZ  1 
ATOM   1248 O OH  . TYR A 1 158 ? 3.877   2.398   -23.497 1.00 97.68  ? 159 TYR U OH  1 
ATOM   1249 N N   . ASP A 1 159 ? 3.250   0.971   -16.334 1.00 58.93  ? 160 ASP U N   1 
ATOM   1250 C CA  . ASP A 1 159 ? 2.220   -0.038  -16.143 1.00 60.48  ? 160 ASP U CA  1 
ATOM   1251 C C   . ASP A 1 159 ? 2.351   -0.640  -14.769 1.00 58.53  ? 160 ASP U C   1 
ATOM   1252 O O   . ASP A 1 159 ? 3.209   -1.484  -14.536 1.00 59.16  ? 160 ASP U O   1 
ATOM   1253 C CB  . ASP A 1 159 ? 2.313   -1.128  -17.191 1.00 60.77  ? 160 ASP U CB  1 
ATOM   1254 C CG  . ASP A 1 159 ? 1.739   -2.432  -16.712 1.00 65.07  ? 160 ASP U CG  1 
ATOM   1255 O OD1 . ASP A 1 159 ? 0.585   -2.445  -16.233 1.00 67.84  ? 160 ASP U OD1 1 
ATOM   1256 O OD2 . ASP A 1 159 ? 2.472   -3.440  -16.773 1.00 65.95  ? 160 ASP U OD2 1 
ATOM   1257 N N   . ILE A 1 160 ? 1.500   -0.187  -13.860 1.00 55.47  ? 161 ILE U N   1 
ATOM   1258 C CA  . ILE A 1 160 ? 1.549   -0.646  -12.490 1.00 53.91  ? 161 ILE U CA  1 
ATOM   1259 C C   . ILE A 1 160 ? 0.883   -1.984  -12.407 1.00 56.29  ? 161 ILE U C   1 
ATOM   1260 O O   . ILE A 1 160 ? -0.170  -2.186  -12.987 1.00 59.74  ? 161 ILE U O   1 
ATOM   1261 C CB  . ILE A 1 160 ? 0.879   0.323   -11.543 1.00 46.53  ? 161 ILE U CB  1 
ATOM   1262 C CG1 . ILE A 1 160 ? 1.735   1.569   -11.441 1.00 50.34  ? 161 ILE U CG1 1 
ATOM   1263 C CG2 . ILE A 1 160 ? 0.766   -0.284  -10.188 1.00 47.41  ? 161 ILE U CG2 1 
ATOM   1264 C CD1 . ILE A 1 160 ? 1.218   2.597   -10.514 1.00 48.33  ? 161 ILE U CD1 1 
ATOM   1265 N N   . HIS A 1 161 ? 1.519   -2.908  -11.707 1.00 54.57  ? 162 HIS U N   1 
ATOM   1266 C CA  . HIS A 1 161 ? 0.987   -4.242  -11.579 1.00 55.99  ? 162 HIS U CA  1 
ATOM   1267 C C   . HIS A 1 161 ? 0.138   -4.354  -10.330 1.00 58.08  ? 162 HIS U C   1 
ATOM   1268 O O   . HIS A 1 161 ? -0.949  -4.940  -10.350 1.00 59.95  ? 162 HIS U O   1 
ATOM   1269 C CB  . HIS A 1 161 ? 2.126   -5.243  -11.549 1.00 57.10  ? 162 HIS U CB  1 
ATOM   1270 C CG  . HIS A 1 161 ? 2.881   -5.326  -12.835 1.00 60.50  ? 162 HIS U CG  1 
ATOM   1271 N ND1 . HIS A 1 161 ? 4.166   -5.816  -12.914 1.00 61.21  ? 162 HIS U ND1 1 
ATOM   1272 C CD2 . HIS A 1 161 ? 2.522   -4.997  -14.096 1.00 59.48  ? 162 HIS U CD2 1 
ATOM   1273 C CE1 . HIS A 1 161 ? 4.572   -5.771  -14.169 1.00 62.48  ? 162 HIS U CE1 1 
ATOM   1274 N NE2 . HIS A 1 161 ? 3.594   -5.277  -14.905 1.00 66.33  ? 162 HIS U NE2 1 
ATOM   1275 N N   . TYR A 1 162 ? 0.645   -3.787  -9.244  1.00 54.42  ? 163 TYR U N   1 
ATOM   1276 C CA  . TYR A 1 162 ? -0.113  -3.720  -8.016  1.00 53.01  ? 163 TYR U CA  1 
ATOM   1277 C C   . TYR A 1 162 ? 0.504   -2.791  -6.994  1.00 53.78  ? 163 TYR U C   1 
ATOM   1278 O O   . TYR A 1 162 ? 1.720   -2.648  -6.922  1.00 54.81  ? 163 TYR U O   1 
ATOM   1279 C CB  . TYR A 1 162 ? -0.261  -5.102  -7.413  1.00 52.29  ? 163 TYR U CB  1 
ATOM   1280 C CG  . TYR A 1 162 ? 1.022   -5.850  -7.152  1.00 48.33  ? 163 TYR U CG  1 
ATOM   1281 C CD1 . TYR A 1 162 ? 1.858   -5.522  -6.086  1.00 50.62  ? 163 TYR U CD1 1 
ATOM   1282 C CD2 . TYR A 1 162 ? 1.361   -6.935  -7.926  1.00 48.50  ? 163 TYR U CD2 1 
ATOM   1283 C CE1 . TYR A 1 162 ? 3.026   -6.243  -5.835  1.00 49.37  ? 163 TYR U CE1 1 
ATOM   1284 C CE2 . TYR A 1 162 ? 2.516   -7.665  -7.685  1.00 49.09  ? 163 TYR U CE2 1 
ATOM   1285 C CZ  . TYR A 1 162 ? 3.347   -7.321  -6.647  1.00 49.11  ? 163 TYR U CZ  1 
ATOM   1286 O OH  . TYR A 1 162 ? 4.488   -8.070  -6.450  1.00 42.37  ? 163 TYR U OH  1 
ATOM   1287 N N   . ILE A 1 163 ? -0.351  -2.168  -6.194  1.00 55.72  ? 164 ILE U N   1 
ATOM   1288 C CA  . ILE A 1 163 ? 0.101   -1.369  -5.069  1.00 54.38  ? 164 ILE U CA  1 
ATOM   1289 C C   . ILE A 1 163 ? -0.411  -2.019  -3.809  1.00 56.69  ? 164 ILE U C   1 
ATOM   1290 O O   . ILE A 1 163 ? -1.569  -2.420  -3.766  1.00 58.00  ? 164 ILE U O   1 
ATOM   1291 C CB  . ILE A 1 163 ? -0.395  0.061   -5.148  1.00 48.30  ? 164 ILE U CB  1 
ATOM   1292 C CG1 . ILE A 1 163 ? -0.005  0.659   -6.499  1.00 50.31  ? 164 ILE U CG1 1 
ATOM   1293 C CG2 . ILE A 1 163 ? 0.188   0.860   -4.011  1.00 49.29  ? 164 ILE U CG2 1 
ATOM   1294 C CD1 . ILE A 1 163 ? -0.419  2.097   -6.698  1.00 49.57  ? 164 ILE U CD1 1 
ATOM   1295 N N   . LEU A 1 164 ? 0.460   -2.150  -2.808  1.00 53.06  ? 165 LEU U N   1 
ATOM   1296 C CA  . LEU A 1 164 ? 0.117   -2.799  -1.545  1.00 52.94  ? 165 LEU U CA  1 
ATOM   1297 C C   . LEU A 1 164 ? 0.405   -1.877  -0.386  1.00 57.41  ? 165 LEU U C   1 
ATOM   1298 O O   . LEU A 1 164 ? 1.442   -1.214  -0.382  1.00 58.50  ? 165 LEU U O   1 
ATOM   1299 C CB  . LEU A 1 164 ? 0.902   -4.095  -1.351  1.00 45.63  ? 165 LEU U CB  1 
ATOM   1300 C CG  . LEU A 1 164 ? 0.936   -5.105  -2.492  1.00 52.05  ? 165 LEU U CG  1 
ATOM   1301 C CD1 . LEU A 1 164 ? 1.400   -6.420  -1.948  1.00 50.99  ? 165 LEU U CD1 1 
ATOM   1302 C CD2 . LEU A 1 164 ? -0.404  -5.276  -3.171  1.00 52.10  ? 165 LEU U CD2 1 
ATOM   1303 N N   . ILE A 1 165 ? -0.487  -1.829  0.601   1.00 52.29  ? 166 ILE U N   1 
ATOM   1304 C CA  . ILE A 1 165 ? -0.191  -1.063  1.805   1.00 51.19  ? 166 ILE U CA  1 
ATOM   1305 C C   . ILE A 1 165 ? -0.214  -1.949  3.049   1.00 57.07  ? 166 ILE U C   1 
ATOM   1306 O O   . ILE A 1 165 ? -0.992  -2.897  3.146   1.00 58.38  ? 166 ILE U O   1 
ATOM   1307 C CB  . ILE A 1 165 ? -1.153  0.094   1.952   1.00 53.31  ? 166 ILE U CB  1 
ATOM   1308 C CG1 . ILE A 1 165 ? -1.250  0.814   0.610   1.00 49.88  ? 166 ILE U CG1 1 
ATOM   1309 C CG2 . ILE A 1 165 ? -0.691  1.035   3.043   1.00 54.46  ? 166 ILE U CG2 1 
ATOM   1310 C CD1 . ILE A 1 165 ? -2.180  1.971   0.591   1.00 55.15  ? 166 ILE U CD1 1 
ATOM   1311 N N   . LYS A 1 166 ? 0.685   -1.649  3.978   1.00 57.69  ? 167 LYS U N   1 
ATOM   1312 C CA  . LYS A 1 166 ? 0.948   -2.500  5.132   1.00 59.21  ? 167 LYS U CA  1 
ATOM   1313 C C   . LYS A 1 166 ? -0.304  -2.678  5.933   1.00 62.38  ? 167 LYS U C   1 
ATOM   1314 O O   . LYS A 1 166 ? -0.944  -1.707  6.306   1.00 63.22  ? 167 LYS U O   1 
ATOM   1315 C CB  . LYS A 1 166 ? 2.048   -1.890  6.007   1.00 62.42  ? 167 LYS U CB  1 
ATOM   1316 C CG  . LYS A 1 166 ? 2.825   -2.855  6.892   1.00 57.61  ? 167 LYS U CG  1 
ATOM   1317 C CD  . LYS A 1 166 ? 3.968   -2.102  7.567   1.00 57.45  ? 167 LYS U CD  1 
ATOM   1318 C CE  . LYS A 1 166 ? 4.679   -2.971  8.572   1.00 60.82  ? 167 LYS U CE  1 
ATOM   1319 N NZ  . LYS A 1 166 ? 5.593   -2.168  9.402   1.00 64.11  ? 167 LYS U NZ  1 
ATOM   1320 N N   . ALA A 1 167 ? -0.669  -3.921  6.202   1.00 65.41  ? 168 ALA U N   1 
ATOM   1321 C CA  . ALA A 1 167 ? -1.789  -4.150  7.094   1.00 64.81  ? 168 ALA U CA  1 
ATOM   1322 C C   . ALA A 1 167 ? -1.317  -4.588  8.494   1.00 63.30  ? 168 ALA U C   1 
ATOM   1323 O O   . ALA A 1 167 ? -1.943  -4.236  9.485   1.00 67.45  ? 168 ALA U O   1 
ATOM   1324 C CB  . ALA A 1 167 ? -2.747  -5.169  6.487   1.00 60.41  ? 168 ALA U CB  1 
ATOM   1325 N N   . THR A 1 168 ? -0.208  -5.314  8.585   1.00 55.86  ? 169 THR U N   1 
ATOM   1326 C CA  . THR A 1 168 ? 0.249   -5.841  9.869   1.00 54.04  ? 169 THR U CA  1 
ATOM   1327 C C   . THR A 1 168 ? 1.237   -4.958  10.605  1.00 56.77  ? 169 THR U C   1 
ATOM   1328 O O   . THR A 1 168 ? 2.266   -4.592  10.077  1.00 66.58  ? 169 THR U O   1 
ATOM   1329 C CB  . THR A 1 168 ? 0.902   -7.176  9.687   1.00 58.33  ? 169 THR U CB  1 
ATOM   1330 O OG1 . THR A 1 168 ? 0.136   -7.936  8.745   1.00 66.15  ? 169 THR U OG1 1 
ATOM   1331 C CG2 . THR A 1 168 ? 0.973   -7.898  11.010  1.00 65.57  ? 169 THR U CG2 1 
ATOM   1332 N N   . TYR A 1 169 ? 0.933   -4.625  11.845  1.00 61.42  ? 170 TYR U N   1 
ATOM   1333 C CA  . TYR A 1 169 ? 1.772   -3.704  12.593  1.00 66.06  ? 170 TYR U CA  1 
ATOM   1334 C C   . TYR A 1 169 ? 2.015   -4.232  13.993  1.00 69.99  ? 170 TYR U C   1 
ATOM   1335 O O   . TYR A 1 169 ? 1.482   -5.279  14.350  1.00 73.76  ? 170 TYR U O   1 
ATOM   1336 C CB  . TYR A 1 169 ? 1.134   -2.328  12.670  1.00 63.42  ? 170 TYR U CB  1 
ATOM   1337 C CG  . TYR A 1 169 ? 0.867   -1.672  11.348  1.00 60.52  ? 170 TYR U CG  1 
ATOM   1338 C CD1 . TYR A 1 169 ? 1.587   -0.563  10.951  1.00 61.01  ? 170 TYR U CD1 1 
ATOM   1339 C CD2 . TYR A 1 169 ? -0.122  -2.141  10.510  1.00 59.21  ? 170 TYR U CD2 1 
ATOM   1340 C CE1 . TYR A 1 169 ? 1.342   0.049   9.752   1.00 61.94  ? 170 TYR U CE1 1 
ATOM   1341 C CE2 . TYR A 1 169 ? -0.373  -1.545  9.308   1.00 63.64  ? 170 TYR U CE2 1 
ATOM   1342 C CZ  . TYR A 1 169 ? 0.359   -0.444  8.929   1.00 66.12  ? 170 TYR U CZ  1 
ATOM   1343 O OH  . TYR A 1 169 ? 0.109   0.159   7.719   1.00 63.58  ? 170 TYR U OH  1 
ATOM   1344 N N   . GLY A 1 170 ? 2.809   -3.496  14.771  1.00 70.76  ? 171 GLY U N   1 
ATOM   1345 C CA  . GLY A 1 170 ? 3.235   -3.909  16.096  1.00 77.25  ? 171 GLY U CA  1 
ATOM   1346 C C   . GLY A 1 170 ? 3.461   -5.400  16.304  1.00 86.08  ? 171 GLY U C   1 
ATOM   1347 O O   . GLY A 1 170 ? 3.708   -6.162  15.367  1.00 87.31  ? 171 GLY U O   1 
ATOM   1348 N N   . ASN A 1 171 ? 3.349   -5.819  17.557  1.00 87.33  ? 172 ASN U N   1 
ATOM   1349 C CA  . ASN A 1 171 ? 3.524   -7.212  17.929  1.00 93.90  ? 172 ASN U CA  1 
ATOM   1350 C C   . ASN A 1 171 ? 2.201   -7.845  18.395  1.00 92.84  ? 172 ASN U C   1 
ATOM   1351 O O   . ASN A 1 171 ? 1.544   -7.305  19.285  1.00 91.93  ? 172 ASN U O   1 
ATOM   1352 C CB  . ASN A 1 171 ? 4.583   -7.300  19.029  1.00 99.65  ? 172 ASN U CB  1 
ATOM   1353 C CG  . ASN A 1 171 ? 5.022   -8.719  19.315  1.00 106.03 ? 172 ASN U CG  1 
ATOM   1354 O OD1 . ASN A 1 171 ? 4.811   -9.631  18.507  1.00 104.88 ? 172 ASN U OD1 1 
ATOM   1355 N ND2 . ASN A 1 171 ? 5.620   -8.920  20.487  1.00 109.44 ? 172 ASN U ND2 1 
ATOM   1356 N N   . PHE A 1 172 ? 1.815   -8.978  17.803  1.00 93.67  ? 173 PHE U N   1 
ATOM   1357 C CA  . PHE A 1 172 ? 0.515   -9.602  18.081  1.00 89.69  ? 173 PHE U CA  1 
ATOM   1358 C C   . PHE A 1 172 ? -0.592  -8.609  17.846  1.00 85.58  ? 173 PHE U C   1 
ATOM   1359 O O   . PHE A 1 172 ? -1.051  -7.943  18.772  1.00 84.12  ? 173 PHE U O   1 
ATOM   1360 C CB  . PHE A 1 172 ? 0.423   -10.108 19.512  1.00 90.72  ? 173 PHE U CB  1 
ATOM   1361 C CG  . PHE A 1 172 ? 1.385   -11.197 19.829  1.00 98.73  ? 173 PHE U CG  1 
ATOM   1362 C CD1 . PHE A 1 172 ? 1.093   -12.511 19.503  1.00 97.95  ? 173 PHE U CD1 1 
ATOM   1363 C CD2 . PHE A 1 172 ? 2.579   -10.915 20.472  1.00 100.71 ? 173 PHE U CD2 1 
ATOM   1364 C CE1 . PHE A 1 172 ? 1.981   -13.525 19.802  1.00 96.26  ? 173 PHE U CE1 1 
ATOM   1365 C CE2 . PHE A 1 172 ? 3.471   -11.924 20.774  1.00 101.99 ? 173 PHE U CE2 1 
ATOM   1366 C CZ  . PHE A 1 172 ? 3.172   -13.231 20.438  1.00 98.62  ? 173 PHE U CZ  1 
ATOM   1367 N N   . MET A 1 173 ? -1.022  -8.492  16.606  1.00 83.15  ? 174 MET U N   1 
ATOM   1368 C CA  . MET A 1 173 ? -1.893  -7.394  16.271  1.00 73.30  ? 174 MET U CA  1 
ATOM   1369 C C   . MET A 1 173 ? -3.320  -7.871  16.347  1.00 72.73  ? 174 MET U C   1 
ATOM   1370 O O   . MET A 1 173 ? -3.626  -8.986  15.936  1.00 71.28  ? 174 MET U O   1 
ATOM   1371 C CB  . MET A 1 173 ? -1.564  -6.844  14.884  1.00 72.47  ? 174 MET U CB  1 
ATOM   1372 C CG  . MET A 1 173 ? -2.054  -5.441  14.650  1.00 71.25  ? 174 MET U CG  1 
ATOM   1373 S SD  . MET A 1 173 ? -2.244  -5.057  12.908  1.00 65.49  ? 174 MET U SD  1 
ATOM   1374 C CE  . MET A 1 173 ? -3.406  -6.320  12.401  1.00 59.19  ? 174 MET U CE  1 
ATOM   1375 N N   . ARG A 1 174 ? -4.181  -7.019  16.890  1.00 69.59  ? 175 ARG U N   1 
ATOM   1376 C CA  . ARG A 1 174 ? -5.586  -7.338  17.077  1.00 69.75  ? 175 ARG U CA  1 
ATOM   1377 C C   . ARG A 1 174 ? -6.381  -7.005  15.819  1.00 70.49  ? 175 ARG U C   1 
ATOM   1378 O O   . ARG A 1 174 ? -6.979  -7.878  15.179  1.00 66.26  ? 175 ARG U O   1 
ATOM   1379 C CB  . ARG A 1 174 ? -6.121  -6.568  18.288  1.00 80.49  ? 175 ARG U CB  1 
ATOM   1380 C CG  . ARG A 1 174 ? -7.501  -6.967  18.793  1.00 87.32  ? 175 ARG U CG  1 
ATOM   1381 C CD  . ARG A 1 174 ? -7.718  -6.473  20.227  1.00 96.19  ? 175 ARG U CD  1 
ATOM   1382 N NE  . ARG A 1 174 ? -9.119  -6.565  20.627  1.00 98.63  ? 175 ARG U NE  1 
ATOM   1383 C CZ  . ARG A 1 174 ? -9.537  -7.004  21.812  1.00 98.42  ? 175 ARG U CZ  1 
ATOM   1384 N NH1 . ARG A 1 174 ? -8.660  -7.403  22.730  1.00 100.63 ? 175 ARG U NH1 1 
ATOM   1385 N NH2 . ARG A 1 174 ? -10.834 -7.051  22.075  1.00 96.99  ? 175 ARG U NH2 1 
ATOM   1386 N N   . GLN A 1 175 ? -6.376  -5.730  15.456  1.00 67.28  ? 176 GLN U N   1 
ATOM   1387 C CA  . GLN A 1 175 ? -7.096  -5.296  14.275  1.00 65.29  ? 176 GLN U CA  1 
ATOM   1388 C C   . GLN A 1 175 ? -6.382  -4.153  13.577  1.00 68.77  ? 176 GLN U C   1 
ATOM   1389 O O   . GLN A 1 175 ? -5.537  -3.459  14.162  1.00 63.71  ? 176 GLN U O   1 
ATOM   1390 C CB  . GLN A 1 175 ? -8.512  -4.868  14.645  1.00 69.48  ? 176 GLN U CB  1 
ATOM   1391 C CG  . GLN A 1 175 ? -8.585  -4.025  15.914  1.00 70.74  ? 176 GLN U CG  1 
ATOM   1392 C CD  . GLN A 1 175 ? -9.784  -3.091  15.935  1.00 78.77  ? 176 GLN U CD  1 
ATOM   1393 O OE1 . GLN A 1 175 ? -10.547 -3.000  14.961  1.00 75.88  ? 176 GLN U OE1 1 
ATOM   1394 N NE2 . GLN A 1 175 ? -9.956  -2.385  17.052  1.00 82.36  ? 176 GLN U NE2 1 
ATOM   1395 N N   . SER A 1 176 ? -6.744  -3.957  12.318  1.00 63.97  ? 177 SER U N   1 
ATOM   1396 C CA  . SER A 1 176 ? -6.140  -2.923  11.525  1.00 62.34  ? 177 SER U CA  1 
ATOM   1397 C C   . SER A 1 176 ? -7.145  -2.334  10.555  1.00 64.32  ? 177 SER U C   1 
ATOM   1398 O O   . SER A 1 176 ? -7.898  -3.059  9.889   1.00 58.23  ? 177 SER U O   1 
ATOM   1399 C CB  . SER A 1 176 ? -4.938  -3.479  10.781  1.00 66.41  ? 177 SER U CB  1 
ATOM   1400 O OG  . SER A 1 176 ? -4.385  -2.490  9.942   1.00 75.38  ? 177 SER U OG  1 
ATOM   1401 N N   . ARG A 1 177 ? -7.138  -1.007  10.491  1.00 64.46  ? 178 ARG U N   1 
ATOM   1402 C CA  . ARG A 1 177 ? -8.090  -0.252  9.694   1.00 67.00  ? 178 ARG U CA  1 
ATOM   1403 C C   . ARG A 1 177 ? -7.394  0.662   8.706   1.00 65.25  ? 178 ARG U C   1 
ATOM   1404 O O   . ARG A 1 177 ? -6.384  1.283   9.027   1.00 63.44  ? 178 ARG U O   1 
ATOM   1405 C CB  . ARG A 1 177 ? -9.000  0.580   10.601  1.00 68.57  ? 178 ARG U CB  1 
ATOM   1406 C CG  . ARG A 1 177 ? -10.171 -0.196  11.170  1.00 76.10  ? 178 ARG U CG  1 
ATOM   1407 C CD  . ARG A 1 177 ? -10.158 -0.223  12.699  1.00 78.25  ? 178 ARG U CD  1 
ATOM   1408 N NE  . ARG A 1 177 ? -11.313 -0.925  13.262  1.00 78.04  ? 178 ARG U NE  1 
ATOM   1409 C CZ  . ARG A 1 177 ? -12.345 -0.319  13.848  1.00 81.66  ? 178 ARG U CZ  1 
ATOM   1410 N NH1 . ARG A 1 177 ? -12.367 1.013   13.952  1.00 77.61  ? 178 ARG U NH1 1 
ATOM   1411 N NH2 . ARG A 1 177 ? -13.352 -1.045  14.330  1.00 78.54  ? 178 ARG U NH2 1 
ATOM   1412 N N   . ILE A 1 178 ? -7.949  0.762   7.509   1.00 61.68  ? 179 ILE U N   1 
ATOM   1413 C CA  . ILE A 1 178 ? -7.431  1.702   6.534   1.00 63.71  ? 179 ILE U CA  1 
ATOM   1414 C C   . ILE A 1 178 ? -8.575  2.477   5.893   1.00 64.57  ? 179 ILE U C   1 
ATOM   1415 O O   . ILE A 1 178 ? -9.633  1.927   5.632   1.00 64.39  ? 179 ILE U O   1 
ATOM   1416 C CB  . ILE A 1 178 ? -6.575  0.978   5.455   1.00 64.98  ? 179 ILE U CB  1 
ATOM   1417 C CG1 . ILE A 1 178 ? -6.023  1.975   4.435   1.00 64.83  ? 179 ILE U CG1 1 
ATOM   1418 C CG2 . ILE A 1 178 ? -7.353  -0.117  4.761   1.00 55.48  ? 179 ILE U CG2 1 
ATOM   1419 C CD1 . ILE A 1 178 ? -4.716  1.525   3.785   1.00 62.06  ? 179 ILE U CD1 1 
ATOM   1420 N N   . SER A 1 179 ? -8.376  3.765   5.660   1.00 62.86  ? 180 SER U N   1 
ATOM   1421 C CA  . SER A 1 179 ? -9.417  4.569   5.044   1.00 62.29  ? 180 SER U CA  1 
ATOM   1422 C C   . SER A 1 179 ? -8.835  5.752   4.290   1.00 65.99  ? 180 SER U C   1 
ATOM   1423 O O   . SER A 1 179 ? -7.626  5.972   4.306   1.00 66.77  ? 180 SER U O   1 
ATOM   1424 C CB  . SER A 1 179 ? -10.387 5.048   6.108   1.00 62.08  ? 180 SER U CB  1 
ATOM   1425 O OG  . SER A 1 179 ? -9.673  5.515   7.235   1.00 62.25  ? 180 SER U OG  1 
ATOM   1426 N N   . GLU A 1 180 ? -9.699  6.509   3.629   1.00 63.24  ? 181 GLU U N   1 
ATOM   1427 C CA  . GLU A 1 180 ? -9.284  7.727   2.943   1.00 68.61  ? 181 GLU U CA  1 
ATOM   1428 C C   . GLU A 1 180 ? -8.266  7.468   1.854   1.00 67.17  ? 181 GLU U C   1 
ATOM   1429 O O   . GLU A 1 180 ? -7.280  8.182   1.742   1.00 68.55  ? 181 GLU U O   1 
ATOM   1430 C CB  . GLU A 1 180 ? -8.698  8.722   3.933   1.00 66.00  ? 181 GLU U CB  1 
ATOM   1431 C CG  . GLU A 1 180 ? -9.518  8.891   5.173   1.00 67.83  ? 181 GLU U CG  1 
ATOM   1432 C CD  . GLU A 1 180 ? -9.070  10.081  5.983   1.00 76.80  ? 181 GLU U CD  1 
ATOM   1433 O OE1 . GLU A 1 180 ? -7.877  10.437  5.917   1.00 75.62  ? 181 GLU U OE1 1 
ATOM   1434 O OE2 . GLU A 1 180 ? -9.917  10.672  6.679   1.00 87.12  ? 181 GLU U OE2 1 
ATOM   1435 N N   . ILE A 1 181 ? -8.517  6.456   1.042   1.00 64.50  ? 182 ILE U N   1 
ATOM   1436 C CA  . ILE A 1 181 ? -7.552  6.043   0.042   1.00 70.38  ? 182 ILE U CA  1 
ATOM   1437 C C   . ILE A 1 181 ? -7.732  6.752   -1.294  1.00 74.76  ? 182 ILE U C   1 
ATOM   1438 O O   . ILE A 1 181 ? -8.804  6.701   -1.892  1.00 80.62  ? 182 ILE U O   1 
ATOM   1439 C CB  . ILE A 1 181 ? -7.644  4.543   -0.179  1.00 75.23  ? 182 ILE U CB  1 
ATOM   1440 C CG1 . ILE A 1 181 ? -7.215  3.819   1.087   1.00 68.95  ? 182 ILE U CG1 1 
ATOM   1441 C CG2 . ILE A 1 181 ? -6.804  4.111   -1.366  1.00 69.37  ? 182 ILE U CG2 1 
ATOM   1442 C CD1 . ILE A 1 181 ? -7.421  2.361   0.991   1.00 65.82  ? 182 ILE U CD1 1 
ATOM   1443 N N   . SER A 1 182 ? -6.658  7.374   -1.771  1.00 73.34  ? 183 SER U N   1 
ATOM   1444 C CA  . SER A 1 182 ? -6.694  8.223   -2.956  1.00 71.30  ? 183 SER U CA  1 
ATOM   1445 C C   . SER A 1 182 ? -5.317  8.383   -3.582  1.00 74.34  ? 183 SER U C   1 
ATOM   1446 O O   . SER A 1 182 ? -4.323  8.432   -2.855  1.00 74.43  ? 183 SER U O   1 
ATOM   1447 C CB  . SER A 1 182 ? -7.213  9.591   -2.570  1.00 73.63  ? 183 SER U CB  1 
ATOM   1448 O OG  . SER A 1 182 ? -6.263  10.228  -1.727  1.00 72.78  ? 183 SER U OG  1 
ATOM   1449 N N   . MET A 1 183 ? -5.224  8.493   -4.905  1.00 71.27  ? 184 MET U N   1 
ATOM   1450 C CA  . MET A 1 183 ? -3.942  8.934   -5.458  1.00 78.37  ? 184 MET U CA  1 
ATOM   1451 C C   . MET A 1 183 ? -4.082  9.920   -6.625  1.00 80.96  ? 184 MET U C   1 
ATOM   1452 O O   . MET A 1 183 ? -4.862  9.707   -7.558  1.00 79.31  ? 184 MET U O   1 
ATOM   1453 C CB  . MET A 1 183 ? -3.070  7.726   -5.861  1.00 75.23  ? 184 MET U CB  1 
ATOM   1454 C CG  . MET A 1 183 ? -3.409  7.007   -7.169  1.00 81.16  ? 184 MET U CG  1 
ATOM   1455 S SD  . MET A 1 183 ? -2.051  5.919   -7.715  1.00 66.96  ? 184 MET U SD  1 
ATOM   1456 C CE  . MET A 1 183 ? -0.700  7.021   -7.333  1.00 65.95  ? 184 MET U CE  1 
ATOM   1457 N N   . GLU A 1 184 ? -3.321  11.011  -6.538  1.00 80.16  ? 185 GLU U N   1 
ATOM   1458 C CA  . GLU A 1 184 ? -3.353  12.075  -7.534  1.00 80.44  ? 185 GLU U CA  1 
ATOM   1459 C C   . GLU A 1 184 ? -2.920  11.577  -8.903  1.00 83.04  ? 185 GLU U C   1 
ATOM   1460 O O   . GLU A 1 184 ? -1.974  10.802  -9.024  1.00 81.55  ? 185 GLU U O   1 
ATOM   1461 C CB  . GLU A 1 184 ? -2.450  13.244  -7.134  1.00 77.27  ? 185 GLU U CB  1 
ATOM   1462 C CG  . GLU A 1 184 ? -2.904  14.095  -5.975  1.00 80.16  ? 185 GLU U CG  1 
ATOM   1463 C CD  . GLU A 1 184 ? -2.124  15.399  -5.888  1.00 92.05  ? 185 GLU U CD  1 
ATOM   1464 O OE1 . GLU A 1 184 ? -2.090  16.139  -6.888  1.00 105.10 ? 185 GLU U OE1 1 
ATOM   1465 O OE2 . GLU A 1 184 ? -1.540  15.708  -4.835  1.00 89.49  ? 185 GLU U OE2 1 
ATOM   1466 N N   . VAL A 1 185 ? -3.615  12.046  -9.931  1.00 88.48  ? 186 VAL U N   1 
ATOM   1467 C CA  . VAL A 1 185 ? -3.235  11.807  -11.318 1.00 88.42  ? 186 VAL U CA  1 
ATOM   1468 C C   . VAL A 1 185 ? -3.231  13.126  -12.097 1.00 93.62  ? 186 VAL U C   1 
ATOM   1469 O O   . VAL A 1 185 ? -2.968  14.185  -11.522 1.00 95.24  ? 186 VAL U O   1 
ATOM   1470 C CB  . VAL A 1 185 ? -4.180  10.813  -11.979 1.00 86.73  ? 186 VAL U CB  1 
ATOM   1471 C CG1 . VAL A 1 185 ? -4.049  9.480   -11.316 1.00 84.74  ? 186 VAL U CG1 1 
ATOM   1472 C CG2 . VAL A 1 185 ? -5.609  11.290  -11.845 1.00 88.18  ? 186 VAL U CG2 1 
ATOM   1473 N N   . ALA A 1 186 ? -3.516  13.063  -13.395 1.00 91.71  ? 187 ALA U N   1 
ATOM   1474 C CA  . ALA A 1 186 ? -3.617  14.270  -14.211 1.00 92.42  ? 187 ALA U CA  1 
ATOM   1475 C C   . ALA A 1 186 ? -4.421  14.035  -15.495 1.00 101.82 ? 187 ALA U C   1 
ATOM   1476 O O   . ALA A 1 186 ? -4.344  12.967  -16.098 1.00 101.21 ? 187 ALA U O   1 
ATOM   1477 C CB  . ALA A 1 186 ? -2.232  14.795  -14.542 1.00 81.93  ? 187 ALA U CB  1 
ATOM   1478 N N   . GLU A 1 187 ? -5.200  15.038  -15.897 1.00 111.22 ? 188 GLU U N   1 
ATOM   1479 C CA  . GLU A 1 187 ? -5.927  15.014  -17.168 1.00 116.79 ? 188 GLU U CA  1 
ATOM   1480 C C   . GLU A 1 187 ? -5.593  16.273  -17.988 1.00 125.93 ? 188 GLU U C   1 
ATOM   1481 O O   . GLU A 1 187 ? -4.916  17.181  -17.493 1.00 124.42 ? 188 GLU U O   1 
ATOM   1482 C CB  . GLU A 1 187 ? -7.435  14.917  -16.929 1.00 20.00  ? 188 GLU U CB  1 
ATOM   1483 N N   . GLN A 1 188 ? -6.047  16.323  -19.241 1.00 130.70 ? 189 GLN U N   1 
ATOM   1484 C CA  . GLN A 1 188 ? -5.750  17.467  -20.109 1.00 131.80 ? 189 GLN U CA  1 
ATOM   1485 C C   . GLN A 1 188 ? -6.829  17.659  -21.163 1.00 132.19 ? 189 GLN U C   1 
ATOM   1486 O O   . GLN A 1 188 ? -6.532  17.682  -22.356 1.00 134.29 ? 189 GLN U O   1 
ATOM   1487 C CB  . GLN A 1 188 ? -4.387  17.288  -20.780 1.00 20.00  ? 189 GLN U CB  1 
HETATM 1488 O O   . HOH B 2 .   ? 13.773  0.760   -16.910 1.00 58.52  ? 301 HOH U O   1 
HETATM 1489 O O   . HOH B 2 .   ? 17.236  0.896   -2.541  1.00 45.88  ? 302 HOH U O   1 
HETATM 1490 O O   . HOH B 2 .   ? 9.604   -9.517  -9.184  1.00 38.76  ? 303 HOH U O   1 
HETATM 1491 O O   . HOH B 2 .   ? 5.856   -8.685  -15.422 1.00 48.32  ? 304 HOH U O   1 
HETATM 1492 O O   . HOH B 2 .   ? 17.258  8.350   -14.394 1.00 50.96  ? 305 HOH U O   1 
HETATM 1493 O O   . HOH B 2 .   ? -11.321 -17.764 12.906  1.00 69.21  ? 306 HOH U O   1 
HETATM 1494 O O   . HOH B 2 .   ? 1.872   -8.880  -14.722 1.00 51.03  ? 307 HOH U O   1 
HETATM 1495 O O   . HOH B 2 .   ? -5.005  -18.055 -1.367  1.00 63.66  ? 308 HOH U O   1 
HETATM 1496 O O   . HOH B 2 .   ? -11.837 3.361   15.069  1.00 63.92  ? 309 HOH U O   1 
HETATM 1497 O O   . HOH B 2 .   ? 0.377   -5.878  -16.835 1.00 56.89  ? 310 HOH U O   1 
HETATM 1498 O O   . HOH B 2 .   ? -11.060 -15.322 0.029   1.00 76.17  ? 311 HOH U O   1 
HETATM 1499 O O   . HOH B 2 .   ? 14.507  -1.107  0.249   1.00 50.21  ? 312 HOH U O   1 
HETATM 1500 O O   . HOH B 2 .   ? -3.342  -3.786  -6.570  1.00 60.70  ? 313 HOH U O   1 
HETATM 1501 O O   . HOH B 2 .   ? -4.561  -1.441  7.542   1.00 65.40  ? 314 HOH U O   1 
HETATM 1502 O O   . HOH B 2 .   ? -8.880  4.182   9.005   1.00 66.36  ? 315 HOH U O   1 
# 
